data_8Z9B
# 
_entry.id   8Z9B 
# 
_audit_conform.dict_name       mmcif_pdbx.dic 
_audit_conform.dict_version    5.395 
_audit_conform.dict_location   http://mmcif.pdb.org/dictionaries/ascii/mmcif_pdbx.dic 
# 
loop_
_database_2.database_id 
_database_2.database_code 
_database_2.pdbx_database_accession 
_database_2.pdbx_DOI 
PDB   8Z9B         pdb_00008z9b 10.2210/pdb8z9b/pdb 
WWPDB D_1300047222 ?            ?                   
# 
loop_
_pdbx_audit_revision_history.ordinal 
_pdbx_audit_revision_history.data_content_type 
_pdbx_audit_revision_history.major_revision 
_pdbx_audit_revision_history.minor_revision 
_pdbx_audit_revision_history.revision_date 
1 'Structure model' 1 0 2024-05-29 
2 'Structure model' 1 1 2024-07-10 
# 
_pdbx_audit_revision_details.ordinal             1 
_pdbx_audit_revision_details.revision_ordinal    1 
_pdbx_audit_revision_details.data_content_type   'Structure model' 
_pdbx_audit_revision_details.provider            repository 
_pdbx_audit_revision_details.type                'Initial release' 
_pdbx_audit_revision_details.description         ? 
_pdbx_audit_revision_details.details             ? 
# 
_pdbx_audit_revision_group.ordinal             1 
_pdbx_audit_revision_group.revision_ordinal    2 
_pdbx_audit_revision_group.data_content_type   'Structure model' 
_pdbx_audit_revision_group.group               'Source and taxonomy' 
# 
_pdbx_audit_revision_category.ordinal             1 
_pdbx_audit_revision_category.revision_ordinal    2 
_pdbx_audit_revision_category.data_content_type   'Structure model' 
_pdbx_audit_revision_category.category            entity_src_gen 
# 
loop_
_pdbx_audit_revision_item.ordinal 
_pdbx_audit_revision_item.revision_ordinal 
_pdbx_audit_revision_item.data_content_type 
_pdbx_audit_revision_item.item 
1 2 'Structure model' '_entity_src_gen.pdbx_gene_src_ncbi_taxonomy_id' 
2 2 'Structure model' '_entity_src_gen.pdbx_gene_src_scientific_name'  
# 
_pdbx_database_status.status_code                     REL 
_pdbx_database_status.status_code_sf                  REL 
_pdbx_database_status.status_code_mr                  ? 
_pdbx_database_status.entry_id                        8Z9B 
_pdbx_database_status.recvd_initial_deposition_date   2024-04-23 
_pdbx_database_status.SG_entry                        N 
_pdbx_database_status.deposit_site                    PDBJ 
_pdbx_database_status.process_site                    PDBJ 
_pdbx_database_status.status_code_cs                  ? 
_pdbx_database_status.status_code_nmr_data            ? 
_pdbx_database_status.methods_development_category    ? 
_pdbx_database_status.pdb_format_compatible           Y 
# 
_pdbx_contact_author.id                 2 
_pdbx_contact_author.email              xrayleox@cau.ac.kr 
_pdbx_contact_author.name_first         'Hyun Ho' 
_pdbx_contact_author.name_last          Park 
_pdbx_contact_author.name_mi            ? 
_pdbx_contact_author.role               'principal investigator/group leader' 
_pdbx_contact_author.identifier_ORCID   0000-0001-9928-0847 
# 
loop_
_audit_author.name 
_audit_author.pdbx_ordinal 
_audit_author.identifier_ORCID 
'Park, H.H.' 1 ? 
'Han, J.H.'  2 ? 
# 
_citation.abstract                  ? 
_citation.abstract_id_CAS           ? 
_citation.book_id_ISBN              ? 
_citation.book_publisher            ? 
_citation.book_publisher_city       ? 
_citation.book_title                ? 
_citation.coordinate_linkage        ? 
_citation.country                   US 
_citation.database_id_Medline       ? 
_citation.details                   ? 
_citation.id                        primary 
_citation.journal_abbrev            Biochem.Biophys.Res.Commun. 
_citation.journal_id_ASTM           BBRCA9 
_citation.journal_id_CSD            0146 
_citation.journal_id_ISSN           1090-2104 
_citation.journal_full              ? 
_citation.journal_issue             ? 
_citation.journal_volume            717 
_citation.language                  ? 
_citation.page_first                150040 
_citation.page_last                 150040 
_citation.title                     
'Novel structure of secreted small molecular weight antigen Mtb12 from Mycobacterium tuberculosis.' 
_citation.year                      2024 
_citation.database_id_CSD           ? 
_citation.pdbx_database_id_DOI      10.1016/j.bbrc.2024.150040 
_citation.pdbx_database_id_PubMed   38718566 
_citation.pdbx_database_id_patent   ? 
_citation.unpublished_flag          ? 
# 
loop_
_citation_author.citation_id 
_citation_author.name 
_citation_author.ordinal 
_citation_author.identifier_ORCID 
primary 'Han, J.H.'  1 ? 
primary 'Kim, D.Y.'  2 ? 
primary 'Lee, S.Y.'  3 ? 
primary 'Park, H.H.' 4 ? 
# 
_entity.id                         1 
_entity.type                       polymer 
_entity.src_method                 man 
_entity.pdbx_description           'Low molecular weight antigen MTB12' 
_entity.formula_weight             13855.461 
_entity.pdbx_number_of_molecules   2 
_entity.pdbx_ec                    ? 
_entity.pdbx_mutation              ? 
_entity.pdbx_fragment              ? 
_entity.details                    ? 
# 
_entity_name_com.entity_id   1 
_entity_name_com.name        'CFP-2,Low molecular weight protein antigen 2' 
# 
_entity_poly.entity_id                      1 
_entity_poly.type                           'polypeptide(L)' 
_entity_poly.nstd_linkage                   no 
_entity_poly.nstd_monomer                   no 
_entity_poly.pdbx_seq_one_letter_code       
;MGSSHHHHHHSSGLVPRGSHMDVPTAAQLTSLLNSLADPNVSFANKGSLVEGGIGGTEARIADHKLKKAAEHGDLPLSFS
VTNIQPAAAGSATADVSVSGPKLSSPVTRNVTFVNQGGWMLSRASAMELLQAAGN
;
_entity_poly.pdbx_seq_one_letter_code_can   
;MGSSHHHHHHSSGLVPRGSHMDVPTAAQLTSLLNSLADPNVSFANKGSLVEGGIGGTEARIADHKLKKAAEHGDLPLSFS
VTNIQPAAAGSATADVSVSGPKLSSPVTRNVTFVNQGGWMLSRASAMELLQAAGN
;
_entity_poly.pdbx_strand_id                 B,A 
_entity_poly.pdbx_target_identifier         ? 
# 
loop_
_entity_poly_seq.entity_id 
_entity_poly_seq.num 
_entity_poly_seq.mon_id 
_entity_poly_seq.hetero 
1 1   MET n 
1 2   GLY n 
1 3   SER n 
1 4   SER n 
1 5   HIS n 
1 6   HIS n 
1 7   HIS n 
1 8   HIS n 
1 9   HIS n 
1 10  HIS n 
1 11  SER n 
1 12  SER n 
1 13  GLY n 
1 14  LEU n 
1 15  VAL n 
1 16  PRO n 
1 17  ARG n 
1 18  GLY n 
1 19  SER n 
1 20  HIS n 
1 21  MET n 
1 22  ASP n 
1 23  VAL n 
1 24  PRO n 
1 25  THR n 
1 26  ALA n 
1 27  ALA n 
1 28  GLN n 
1 29  LEU n 
1 30  THR n 
1 31  SER n 
1 32  LEU n 
1 33  LEU n 
1 34  ASN n 
1 35  SER n 
1 36  LEU n 
1 37  ALA n 
1 38  ASP n 
1 39  PRO n 
1 40  ASN n 
1 41  VAL n 
1 42  SER n 
1 43  PHE n 
1 44  ALA n 
1 45  ASN n 
1 46  LYS n 
1 47  GLY n 
1 48  SER n 
1 49  LEU n 
1 50  VAL n 
1 51  GLU n 
1 52  GLY n 
1 53  GLY n 
1 54  ILE n 
1 55  GLY n 
1 56  GLY n 
1 57  THR n 
1 58  GLU n 
1 59  ALA n 
1 60  ARG n 
1 61  ILE n 
1 62  ALA n 
1 63  ASP n 
1 64  HIS n 
1 65  LYS n 
1 66  LEU n 
1 67  LYS n 
1 68  LYS n 
1 69  ALA n 
1 70  ALA n 
1 71  GLU n 
1 72  HIS n 
1 73  GLY n 
1 74  ASP n 
1 75  LEU n 
1 76  PRO n 
1 77  LEU n 
1 78  SER n 
1 79  PHE n 
1 80  SER n 
1 81  VAL n 
1 82  THR n 
1 83  ASN n 
1 84  ILE n 
1 85  GLN n 
1 86  PRO n 
1 87  ALA n 
1 88  ALA n 
1 89  ALA n 
1 90  GLY n 
1 91  SER n 
1 92  ALA n 
1 93  THR n 
1 94  ALA n 
1 95  ASP n 
1 96  VAL n 
1 97  SER n 
1 98  VAL n 
1 99  SER n 
1 100 GLY n 
1 101 PRO n 
1 102 LYS n 
1 103 LEU n 
1 104 SER n 
1 105 SER n 
1 106 PRO n 
1 107 VAL n 
1 108 THR n 
1 109 ARG n 
1 110 ASN n 
1 111 VAL n 
1 112 THR n 
1 113 PHE n 
1 114 VAL n 
1 115 ASN n 
1 116 GLN n 
1 117 GLY n 
1 118 GLY n 
1 119 TRP n 
1 120 MET n 
1 121 LEU n 
1 122 SER n 
1 123 ARG n 
1 124 ALA n 
1 125 SER n 
1 126 ALA n 
1 127 MET n 
1 128 GLU n 
1 129 LEU n 
1 130 LEU n 
1 131 GLN n 
1 132 ALA n 
1 133 ALA n 
1 134 GLY n 
1 135 ASN n 
# 
_entity_src_gen.entity_id                          1 
_entity_src_gen.pdbx_src_id                        1 
_entity_src_gen.pdbx_alt_source_flag               sample 
_entity_src_gen.pdbx_seq_type                      'Biological sequence' 
_entity_src_gen.pdbx_beg_seq_num                   1 
_entity_src_gen.pdbx_end_seq_num                   135 
_entity_src_gen.gene_src_common_name               ? 
_entity_src_gen.gene_src_genus                     ? 
_entity_src_gen.pdbx_gene_src_gene                 'mtb12, cfp2, MT2445' 
_entity_src_gen.gene_src_species                   ? 
_entity_src_gen.gene_src_strain                    ? 
_entity_src_gen.gene_src_tissue                    ? 
_entity_src_gen.gene_src_tissue_fraction           ? 
_entity_src_gen.gene_src_details                   ? 
_entity_src_gen.pdbx_gene_src_fragment             ? 
_entity_src_gen.pdbx_gene_src_scientific_name      'Mycobacterium tuberculosis CDC1551' 
_entity_src_gen.pdbx_gene_src_ncbi_taxonomy_id     83331 
_entity_src_gen.pdbx_gene_src_variant              ? 
_entity_src_gen.pdbx_gene_src_cell_line            ? 
_entity_src_gen.pdbx_gene_src_atcc                 ? 
_entity_src_gen.pdbx_gene_src_organ                ? 
_entity_src_gen.pdbx_gene_src_organelle            ? 
_entity_src_gen.pdbx_gene_src_cell                 ? 
_entity_src_gen.pdbx_gene_src_cellular_location    ? 
_entity_src_gen.host_org_common_name               ? 
_entity_src_gen.pdbx_host_org_scientific_name      
;Escherichia coli 'BL21-Gold(DE3)pLysS AG'
;
_entity_src_gen.pdbx_host_org_ncbi_taxonomy_id     866768 
_entity_src_gen.host_org_genus                     ? 
_entity_src_gen.pdbx_host_org_gene                 ? 
_entity_src_gen.pdbx_host_org_organ                ? 
_entity_src_gen.host_org_species                   ? 
_entity_src_gen.pdbx_host_org_tissue               ? 
_entity_src_gen.pdbx_host_org_tissue_fraction      ? 
_entity_src_gen.pdbx_host_org_strain               ? 
_entity_src_gen.pdbx_host_org_variant              ? 
_entity_src_gen.pdbx_host_org_cell_line            ? 
_entity_src_gen.pdbx_host_org_atcc                 ? 
_entity_src_gen.pdbx_host_org_culture_collection   ? 
_entity_src_gen.pdbx_host_org_cell                 ? 
_entity_src_gen.pdbx_host_org_organelle            ? 
_entity_src_gen.pdbx_host_org_cellular_location    ? 
_entity_src_gen.pdbx_host_org_vector_type          ? 
_entity_src_gen.pdbx_host_org_vector               ? 
_entity_src_gen.host_org_details                   ? 
_entity_src_gen.expression_system_id               ? 
_entity_src_gen.plasmid_name                       ? 
_entity_src_gen.plasmid_details                    ? 
_entity_src_gen.pdbx_description                   ? 
# 
loop_
_chem_comp.id 
_chem_comp.type 
_chem_comp.mon_nstd_flag 
_chem_comp.name 
_chem_comp.pdbx_synonyms 
_chem_comp.formula 
_chem_comp.formula_weight 
ALA 'L-peptide linking' y ALANINE         ? 'C3 H7 N O2'     89.093  
ARG 'L-peptide linking' y ARGININE        ? 'C6 H15 N4 O2 1' 175.209 
ASN 'L-peptide linking' y ASPARAGINE      ? 'C4 H8 N2 O3'    132.118 
ASP 'L-peptide linking' y 'ASPARTIC ACID' ? 'C4 H7 N O4'     133.103 
GLN 'L-peptide linking' y GLUTAMINE       ? 'C5 H10 N2 O3'   146.144 
GLU 'L-peptide linking' y 'GLUTAMIC ACID' ? 'C5 H9 N O4'     147.129 
GLY 'peptide linking'   y GLYCINE         ? 'C2 H5 N O2'     75.067  
HIS 'L-peptide linking' y HISTIDINE       ? 'C6 H10 N3 O2 1' 156.162 
ILE 'L-peptide linking' y ISOLEUCINE      ? 'C6 H13 N O2'    131.173 
LEU 'L-peptide linking' y LEUCINE         ? 'C6 H13 N O2'    131.173 
LYS 'L-peptide linking' y LYSINE          ? 'C6 H15 N2 O2 1' 147.195 
MET 'L-peptide linking' y METHIONINE      ? 'C5 H11 N O2 S'  149.211 
PHE 'L-peptide linking' y PHENYLALANINE   ? 'C9 H11 N O2'    165.189 
PRO 'L-peptide linking' y PROLINE         ? 'C5 H9 N O2'     115.130 
SER 'L-peptide linking' y SERINE          ? 'C3 H7 N O3'     105.093 
THR 'L-peptide linking' y THREONINE       ? 'C4 H9 N O3'     119.119 
TRP 'L-peptide linking' y TRYPTOPHAN      ? 'C11 H12 N2 O2'  204.225 
VAL 'L-peptide linking' y VALINE          ? 'C5 H11 N O2'    117.146 
# 
loop_
_pdbx_poly_seq_scheme.asym_id 
_pdbx_poly_seq_scheme.entity_id 
_pdbx_poly_seq_scheme.seq_id 
_pdbx_poly_seq_scheme.mon_id 
_pdbx_poly_seq_scheme.ndb_seq_num 
_pdbx_poly_seq_scheme.pdb_seq_num 
_pdbx_poly_seq_scheme.auth_seq_num 
_pdbx_poly_seq_scheme.pdb_mon_id 
_pdbx_poly_seq_scheme.auth_mon_id 
_pdbx_poly_seq_scheme.pdb_strand_id 
_pdbx_poly_seq_scheme.pdb_ins_code 
_pdbx_poly_seq_scheme.hetero 
A 1 1   MET 1   -20 ?   ?   ?   B . n 
A 1 2   GLY 2   -19 ?   ?   ?   B . n 
A 1 3   SER 3   -18 ?   ?   ?   B . n 
A 1 4   SER 4   -17 ?   ?   ?   B . n 
A 1 5   HIS 5   -16 ?   ?   ?   B . n 
A 1 6   HIS 6   -15 ?   ?   ?   B . n 
A 1 7   HIS 7   -14 ?   ?   ?   B . n 
A 1 8   HIS 8   -13 ?   ?   ?   B . n 
A 1 9   HIS 9   -12 ?   ?   ?   B . n 
A 1 10  HIS 10  -11 ?   ?   ?   B . n 
A 1 11  SER 11  -10 ?   ?   ?   B . n 
A 1 12  SER 12  -9  ?   ?   ?   B . n 
A 1 13  GLY 13  -8  ?   ?   ?   B . n 
A 1 14  LEU 14  -7  ?   ?   ?   B . n 
A 1 15  VAL 15  -6  ?   ?   ?   B . n 
A 1 16  PRO 16  -5  ?   ?   ?   B . n 
A 1 17  ARG 17  -4  ?   ?   ?   B . n 
A 1 18  GLY 18  -3  ?   ?   ?   B . n 
A 1 19  SER 19  -2  ?   ?   ?   B . n 
A 1 20  HIS 20  -1  ?   ?   ?   B . n 
A 1 21  MET 21  0   ?   ?   ?   B . n 
A 1 22  ASP 22  1   1   ASP ASP B . n 
A 1 23  VAL 23  2   2   VAL VAL B . n 
A 1 24  PRO 24  3   3   PRO PRO B . n 
A 1 25  THR 25  4   4   THR THR B . n 
A 1 26  ALA 26  5   5   ALA ALA B . n 
A 1 27  ALA 27  6   6   ALA ALA B . n 
A 1 28  GLN 28  7   7   GLN GLN B . n 
A 1 29  LEU 29  8   8   LEU LEU B . n 
A 1 30  THR 30  9   9   THR THR B . n 
A 1 31  SER 31  10  10  SER SER B . n 
A 1 32  LEU 32  11  11  LEU LEU B . n 
A 1 33  LEU 33  12  12  LEU LEU B . n 
A 1 34  ASN 34  13  13  ASN ASN B . n 
A 1 35  SER 35  14  14  SER SER B . n 
A 1 36  LEU 36  15  15  LEU LEU B . n 
A 1 37  ALA 37  16  16  ALA ALA B . n 
A 1 38  ASP 38  17  17  ASP ASP B . n 
A 1 39  PRO 39  18  18  PRO PRO B . n 
A 1 40  ASN 40  19  19  ASN ASN B . n 
A 1 41  VAL 41  20  20  VAL VAL B . n 
A 1 42  SER 42  21  21  SER SER B . n 
A 1 43  PHE 43  22  22  PHE PHE B . n 
A 1 44  ALA 44  23  23  ALA ALA B . n 
A 1 45  ASN 45  24  24  ASN ASN B . n 
A 1 46  LYS 46  25  25  LYS LYS B . n 
A 1 47  GLY 47  26  26  GLY GLY B . n 
A 1 48  SER 48  27  27  SER SER B . n 
A 1 49  LEU 49  28  28  LEU LEU B . n 
A 1 50  VAL 50  29  29  VAL VAL B . n 
A 1 51  GLU 51  30  30  GLU GLU B . n 
A 1 52  GLY 52  31  31  GLY GLY B . n 
A 1 53  GLY 53  32  32  GLY GLY B . n 
A 1 54  ILE 54  33  33  ILE ILE B . n 
A 1 55  GLY 55  34  34  GLY GLY B . n 
A 1 56  GLY 56  35  35  GLY GLY B . n 
A 1 57  THR 57  36  36  THR THR B . n 
A 1 58  GLU 58  37  37  GLU GLU B . n 
A 1 59  ALA 59  38  38  ALA ALA B . n 
A 1 60  ARG 60  39  39  ARG ARG B . n 
A 1 61  ILE 61  40  40  ILE ILE B . n 
A 1 62  ALA 62  41  41  ALA ALA B . n 
A 1 63  ASP 63  42  42  ASP ASP B . n 
A 1 64  HIS 64  43  43  HIS HIS B . n 
A 1 65  LYS 65  44  44  LYS LYS B . n 
A 1 66  LEU 66  45  45  LEU LEU B . n 
A 1 67  LYS 67  46  46  LYS LYS B . n 
A 1 68  LYS 68  47  47  LYS LYS B . n 
A 1 69  ALA 69  48  48  ALA ALA B . n 
A 1 70  ALA 70  49  49  ALA ALA B . n 
A 1 71  GLU 71  50  50  GLU GLU B . n 
A 1 72  HIS 72  51  51  HIS HIS B . n 
A 1 73  GLY 73  52  52  GLY GLY B . n 
A 1 74  ASP 74  53  53  ASP ASP B . n 
A 1 75  LEU 75  54  54  LEU LEU B . n 
A 1 76  PRO 76  55  55  PRO PRO B . n 
A 1 77  LEU 77  56  56  LEU LEU B . n 
A 1 78  SER 78  57  57  SER SER B . n 
A 1 79  PHE 79  58  58  PHE PHE B . n 
A 1 80  SER 80  59  59  SER SER B . n 
A 1 81  VAL 81  60  60  VAL VAL B . n 
A 1 82  THR 82  61  61  THR THR B . n 
A 1 83  ASN 83  62  62  ASN ASN B . n 
A 1 84  ILE 84  63  63  ILE ILE B . n 
A 1 85  GLN 85  64  64  GLN GLN B . n 
A 1 86  PRO 86  65  65  PRO PRO B . n 
A 1 87  ALA 87  66  66  ALA ALA B . n 
A 1 88  ALA 88  67  67  ALA ALA B . n 
A 1 89  ALA 89  68  68  ALA ALA B . n 
A 1 90  GLY 90  69  69  GLY GLY B . n 
A 1 91  SER 91  70  70  SER SER B . n 
A 1 92  ALA 92  71  71  ALA ALA B . n 
A 1 93  THR 93  72  72  THR THR B . n 
A 1 94  ALA 94  73  73  ALA ALA B . n 
A 1 95  ASP 95  74  74  ASP ASP B . n 
A 1 96  VAL 96  75  75  VAL VAL B . n 
A 1 97  SER 97  76  76  SER SER B . n 
A 1 98  VAL 98  77  77  VAL VAL B . n 
A 1 99  SER 99  78  78  SER SER B . n 
A 1 100 GLY 100 79  79  GLY GLY B . n 
A 1 101 PRO 101 80  80  PRO PRO B . n 
A 1 102 LYS 102 81  81  LYS LYS B . n 
A 1 103 LEU 103 82  82  LEU LEU B . n 
A 1 104 SER 104 83  83  SER SER B . n 
A 1 105 SER 105 84  84  SER SER B . n 
A 1 106 PRO 106 85  85  PRO PRO B . n 
A 1 107 VAL 107 86  86  VAL VAL B . n 
A 1 108 THR 108 87  87  THR THR B . n 
A 1 109 ARG 109 88  88  ARG ARG B . n 
A 1 110 ASN 110 89  89  ASN ASN B . n 
A 1 111 VAL 111 90  90  VAL VAL B . n 
A 1 112 THR 112 91  91  THR THR B . n 
A 1 113 PHE 113 92  92  PHE PHE B . n 
A 1 114 VAL 114 93  93  VAL VAL B . n 
A 1 115 ASN 115 94  94  ASN ASN B . n 
A 1 116 GLN 116 95  95  GLN GLN B . n 
A 1 117 GLY 117 96  96  GLY GLY B . n 
A 1 118 GLY 118 97  97  GLY GLY B . n 
A 1 119 TRP 119 98  98  TRP TRP B . n 
A 1 120 MET 120 99  99  MET MET B . n 
A 1 121 LEU 121 100 100 LEU LEU B . n 
A 1 122 SER 122 101 101 SER SER B . n 
A 1 123 ARG 123 102 102 ARG ARG B . n 
A 1 124 ALA 124 103 103 ALA ALA B . n 
A 1 125 SER 125 104 104 SER SER B . n 
A 1 126 ALA 126 105 105 ALA ALA B . n 
A 1 127 MET 127 106 106 MET MET B . n 
A 1 128 GLU 128 107 107 GLU GLU B . n 
A 1 129 LEU 129 108 108 LEU LEU B . n 
A 1 130 LEU 130 109 109 LEU LEU B . n 
A 1 131 GLN 131 110 110 GLN GLN B . n 
A 1 132 ALA 132 111 111 ALA ALA B . n 
A 1 133 ALA 133 112 112 ALA ALA B . n 
A 1 134 GLY 134 113 113 GLY GLY B . n 
A 1 135 ASN 135 114 114 ASN ASN B . n 
B 1 1   MET 1   -20 ?   ?   ?   A . n 
B 1 2   GLY 2   -19 ?   ?   ?   A . n 
B 1 3   SER 3   -18 ?   ?   ?   A . n 
B 1 4   SER 4   -17 ?   ?   ?   A . n 
B 1 5   HIS 5   -16 ?   ?   ?   A . n 
B 1 6   HIS 6   -15 ?   ?   ?   A . n 
B 1 7   HIS 7   -14 ?   ?   ?   A . n 
B 1 8   HIS 8   -13 ?   ?   ?   A . n 
B 1 9   HIS 9   -12 ?   ?   ?   A . n 
B 1 10  HIS 10  -11 ?   ?   ?   A . n 
B 1 11  SER 11  -10 ?   ?   ?   A . n 
B 1 12  SER 12  -9  ?   ?   ?   A . n 
B 1 13  GLY 13  -8  ?   ?   ?   A . n 
B 1 14  LEU 14  -7  ?   ?   ?   A . n 
B 1 15  VAL 15  -6  ?   ?   ?   A . n 
B 1 16  PRO 16  -5  ?   ?   ?   A . n 
B 1 17  ARG 17  -4  ?   ?   ?   A . n 
B 1 18  GLY 18  -3  ?   ?   ?   A . n 
B 1 19  SER 19  -2  ?   ?   ?   A . n 
B 1 20  HIS 20  -1  ?   ?   ?   A . n 
B 1 21  MET 21  0   ?   ?   ?   A . n 
B 1 22  ASP 22  1   1   ASP ASP A . n 
B 1 23  VAL 23  2   2   VAL VAL A . n 
B 1 24  PRO 24  3   3   PRO PRO A . n 
B 1 25  THR 25  4   4   THR THR A . n 
B 1 26  ALA 26  5   5   ALA ALA A . n 
B 1 27  ALA 27  6   6   ALA ALA A . n 
B 1 28  GLN 28  7   7   GLN GLN A . n 
B 1 29  LEU 29  8   8   LEU LEU A . n 
B 1 30  THR 30  9   9   THR THR A . n 
B 1 31  SER 31  10  10  SER SER A . n 
B 1 32  LEU 32  11  11  LEU LEU A . n 
B 1 33  LEU 33  12  12  LEU LEU A . n 
B 1 34  ASN 34  13  13  ASN ASN A . n 
B 1 35  SER 35  14  14  SER SER A . n 
B 1 36  LEU 36  15  15  LEU LEU A . n 
B 1 37  ALA 37  16  16  ALA ALA A . n 
B 1 38  ASP 38  17  17  ASP ASP A . n 
B 1 39  PRO 39  18  18  PRO PRO A . n 
B 1 40  ASN 40  19  19  ASN ASN A . n 
B 1 41  VAL 41  20  20  VAL VAL A . n 
B 1 42  SER 42  21  21  SER SER A . n 
B 1 43  PHE 43  22  22  PHE PHE A . n 
B 1 44  ALA 44  23  23  ALA ALA A . n 
B 1 45  ASN 45  24  24  ASN ASN A . n 
B 1 46  LYS 46  25  25  LYS LYS A . n 
B 1 47  GLY 47  26  26  GLY GLY A . n 
B 1 48  SER 48  27  27  SER SER A . n 
B 1 49  LEU 49  28  28  LEU LEU A . n 
B 1 50  VAL 50  29  29  VAL VAL A . n 
B 1 51  GLU 51  30  30  GLU GLU A . n 
B 1 52  GLY 52  31  31  GLY GLY A . n 
B 1 53  GLY 53  32  32  GLY GLY A . n 
B 1 54  ILE 54  33  33  ILE ILE A . n 
B 1 55  GLY 55  34  34  GLY GLY A . n 
B 1 56  GLY 56  35  35  GLY GLY A . n 
B 1 57  THR 57  36  36  THR THR A . n 
B 1 58  GLU 58  37  37  GLU GLU A . n 
B 1 59  ALA 59  38  38  ALA ALA A . n 
B 1 60  ARG 60  39  39  ARG ARG A . n 
B 1 61  ILE 61  40  40  ILE ILE A . n 
B 1 62  ALA 62  41  41  ALA ALA A . n 
B 1 63  ASP 63  42  42  ASP ASP A . n 
B 1 64  HIS 64  43  43  HIS HIS A . n 
B 1 65  LYS 65  44  44  LYS LYS A . n 
B 1 66  LEU 66  45  45  LEU LEU A . n 
B 1 67  LYS 67  46  46  LYS LYS A . n 
B 1 68  LYS 68  47  47  LYS LYS A . n 
B 1 69  ALA 69  48  48  ALA ALA A . n 
B 1 70  ALA 70  49  49  ALA ALA A . n 
B 1 71  GLU 71  50  50  GLU GLU A . n 
B 1 72  HIS 72  51  51  HIS HIS A . n 
B 1 73  GLY 73  52  52  GLY GLY A . n 
B 1 74  ASP 74  53  53  ASP ASP A . n 
B 1 75  LEU 75  54  54  LEU LEU A . n 
B 1 76  PRO 76  55  55  PRO PRO A . n 
B 1 77  LEU 77  56  56  LEU LEU A . n 
B 1 78  SER 78  57  57  SER SER A . n 
B 1 79  PHE 79  58  58  PHE PHE A . n 
B 1 80  SER 80  59  59  SER SER A . n 
B 1 81  VAL 81  60  60  VAL VAL A . n 
B 1 82  THR 82  61  61  THR THR A . n 
B 1 83  ASN 83  62  62  ASN ASN A . n 
B 1 84  ILE 84  63  63  ILE ILE A . n 
B 1 85  GLN 85  64  64  GLN GLN A . n 
B 1 86  PRO 86  65  65  PRO PRO A . n 
B 1 87  ALA 87  66  66  ALA ALA A . n 
B 1 88  ALA 88  67  67  ALA ALA A . n 
B 1 89  ALA 89  68  68  ALA ALA A . n 
B 1 90  GLY 90  69  69  GLY GLY A . n 
B 1 91  SER 91  70  70  SER SER A . n 
B 1 92  ALA 92  71  71  ALA ALA A . n 
B 1 93  THR 93  72  72  THR THR A . n 
B 1 94  ALA 94  73  73  ALA ALA A . n 
B 1 95  ASP 95  74  74  ASP ASP A . n 
B 1 96  VAL 96  75  75  VAL VAL A . n 
B 1 97  SER 97  76  76  SER SER A . n 
B 1 98  VAL 98  77  77  VAL VAL A . n 
B 1 99  SER 99  78  78  SER SER A . n 
B 1 100 GLY 100 79  79  GLY GLY A . n 
B 1 101 PRO 101 80  80  PRO PRO A . n 
B 1 102 LYS 102 81  81  LYS LYS A . n 
B 1 103 LEU 103 82  82  LEU LEU A . n 
B 1 104 SER 104 83  83  SER SER A . n 
B 1 105 SER 105 84  84  SER SER A . n 
B 1 106 PRO 106 85  85  PRO PRO A . n 
B 1 107 VAL 107 86  86  VAL VAL A . n 
B 1 108 THR 108 87  87  THR THR A . n 
B 1 109 ARG 109 88  88  ARG ARG A . n 
B 1 110 ASN 110 89  89  ASN ASN A . n 
B 1 111 VAL 111 90  90  VAL VAL A . n 
B 1 112 THR 112 91  91  THR THR A . n 
B 1 113 PHE 113 92  92  PHE PHE A . n 
B 1 114 VAL 114 93  93  VAL VAL A . n 
B 1 115 ASN 115 94  94  ASN ASN A . n 
B 1 116 GLN 116 95  95  GLN GLN A . n 
B 1 117 GLY 117 96  96  GLY GLY A . n 
B 1 118 GLY 118 97  97  GLY GLY A . n 
B 1 119 TRP 119 98  98  TRP TRP A . n 
B 1 120 MET 120 99  99  MET MET A . n 
B 1 121 LEU 121 100 100 LEU LEU A . n 
B 1 122 SER 122 101 101 SER SER A . n 
B 1 123 ARG 123 102 102 ARG ARG A . n 
B 1 124 ALA 124 103 103 ALA ALA A . n 
B 1 125 SER 125 104 104 SER SER A . n 
B 1 126 ALA 126 105 105 ALA ALA A . n 
B 1 127 MET 127 106 106 MET MET A . n 
B 1 128 GLU 128 107 107 GLU GLU A . n 
B 1 129 LEU 129 108 108 LEU LEU A . n 
B 1 130 LEU 130 109 109 LEU LEU A . n 
B 1 131 GLN 131 110 110 GLN GLN A . n 
B 1 132 ALA 132 111 111 ALA ALA A . n 
B 1 133 ALA 133 112 112 ALA ALA A . n 
B 1 134 GLY 134 113 113 GLY GLY A . n 
B 1 135 ASN 135 114 114 ASN ASN A . n 
# 
loop_
_software.citation_id 
_software.classification 
_software.compiler_name 
_software.compiler_version 
_software.contact_author 
_software.contact_author_email 
_software.date 
_software.description 
_software.dependencies 
_software.hardware 
_software.language 
_software.location 
_software.mods 
_software.name 
_software.os 
_software.os_version 
_software.type 
_software.version 
_software.pdbx_ordinal 
? refinement       ? ? ? ? ? ? ? ? ? ? ? REFMAC ? ? ? 5.8.0258 1 
? 'data reduction' ? ? ? ? ? ? ? ? ? ? ? XDS    ? ? ? .        2 
? 'data scaling'   ? ? ? ? ? ? ? ? ? ? ? XDS    ? ? ? .        3 
? phasing          ? ? ? ? ? ? ? ? ? ? ? PHENIX ? ? ? .        4 
# 
_cell.angle_alpha                  90.000 
_cell.angle_alpha_esd              ? 
_cell.angle_beta                   90.000 
_cell.angle_beta_esd               ? 
_cell.angle_gamma                  90.000 
_cell.angle_gamma_esd              ? 
_cell.entry_id                     8Z9B 
_cell.details                      ? 
_cell.formula_units_Z              ? 
_cell.length_a                     100.670 
_cell.length_a_esd                 ? 
_cell.length_b                     100.670 
_cell.length_b_esd                 ? 
_cell.length_c                     98.530 
_cell.length_c_esd                 ? 
_cell.volume                       ? 
_cell.volume_esd                   ? 
_cell.Z_PDB                        16 
_cell.reciprocal_angle_alpha       ? 
_cell.reciprocal_angle_beta        ? 
_cell.reciprocal_angle_gamma       ? 
_cell.reciprocal_angle_alpha_esd   ? 
_cell.reciprocal_angle_beta_esd    ? 
_cell.reciprocal_angle_gamma_esd   ? 
_cell.reciprocal_length_a          ? 
_cell.reciprocal_length_b          ? 
_cell.reciprocal_length_c          ? 
_cell.reciprocal_length_a_esd      ? 
_cell.reciprocal_length_b_esd      ? 
_cell.reciprocal_length_c_esd      ? 
_cell.pdbx_unique_axis             ? 
_cell.pdbx_esd_method              ? 
# 
_symmetry.entry_id                         8Z9B 
_symmetry.cell_setting                     ? 
_symmetry.Int_Tables_number                92 
_symmetry.space_group_name_Hall            ? 
_symmetry.space_group_name_H-M             'P 41 21 2' 
_symmetry.pdbx_full_space_group_name_H-M   ? 
# 
_exptl.absorpt_coefficient_mu     ? 
_exptl.absorpt_correction_T_max   ? 
_exptl.absorpt_correction_T_min   ? 
_exptl.absorpt_correction_type    ? 
_exptl.absorpt_process_details    ? 
_exptl.entry_id                   8Z9B 
_exptl.crystals_number            1 
_exptl.details                    ? 
_exptl.method                     'X-RAY DIFFRACTION' 
_exptl.method_details             ? 
# 
_exptl_crystal.colour                       ? 
_exptl_crystal.density_diffrn               ? 
_exptl_crystal.density_Matthews             4.50 
_exptl_crystal.density_method               ? 
_exptl_crystal.density_percent_sol          72.69 
_exptl_crystal.description                  ? 
_exptl_crystal.F_000                        ? 
_exptl_crystal.id                           1 
_exptl_crystal.preparation                  ? 
_exptl_crystal.size_max                     ? 
_exptl_crystal.size_mid                     ? 
_exptl_crystal.size_min                     ? 
_exptl_crystal.size_rad                     ? 
_exptl_crystal.colour_lustre                ? 
_exptl_crystal.colour_modifier              ? 
_exptl_crystal.colour_primary               ? 
_exptl_crystal.density_meas                 ? 
_exptl_crystal.density_meas_esd             ? 
_exptl_crystal.density_meas_gt              ? 
_exptl_crystal.density_meas_lt              ? 
_exptl_crystal.density_meas_temp            ? 
_exptl_crystal.density_meas_temp_esd        ? 
_exptl_crystal.density_meas_temp_gt         ? 
_exptl_crystal.density_meas_temp_lt         ? 
_exptl_crystal.pdbx_crystal_image_url       ? 
_exptl_crystal.pdbx_crystal_image_format    ? 
_exptl_crystal.pdbx_mosaicity               ? 
_exptl_crystal.pdbx_mosaicity_esd           ? 
_exptl_crystal.pdbx_mosaic_method           ? 
_exptl_crystal.pdbx_mosaic_block_size       ? 
_exptl_crystal.pdbx_mosaic_block_size_esd   ? 
# 
_exptl_crystal_grow.apparatus       ? 
_exptl_crystal_grow.atmosphere      ? 
_exptl_crystal_grow.crystal_id      1 
_exptl_crystal_grow.details         ? 
_exptl_crystal_grow.method          'VAPOR DIFFUSION, HANGING DROP' 
_exptl_crystal_grow.method_ref      ? 
_exptl_crystal_grow.pH              ? 
_exptl_crystal_grow.pressure        ? 
_exptl_crystal_grow.pressure_esd    ? 
_exptl_crystal_grow.seeding         ? 
_exptl_crystal_grow.seeding_ref     ? 
_exptl_crystal_grow.temp_details    ? 
_exptl_crystal_grow.temp_esd        ? 
_exptl_crystal_grow.time            ? 
_exptl_crystal_grow.pdbx_details    '1.8 M Ammonium sulfate, 0.1 M Citric acid pH 3.7' 
_exptl_crystal_grow.pdbx_pH_range   ? 
_exptl_crystal_grow.temp            293.15 
# 
_diffrn.ambient_environment              ? 
_diffrn.ambient_temp                     125 
_diffrn.ambient_temp_details             ? 
_diffrn.ambient_temp_esd                 ? 
_diffrn.crystal_id                       1 
_diffrn.crystal_support                  ? 
_diffrn.crystal_treatment                ? 
_diffrn.details                          ? 
_diffrn.id                               1 
_diffrn.ambient_pressure                 ? 
_diffrn.ambient_pressure_esd             ? 
_diffrn.ambient_pressure_gt              ? 
_diffrn.ambient_pressure_lt              ? 
_diffrn.ambient_temp_gt                  ? 
_diffrn.ambient_temp_lt                  ? 
_diffrn.pdbx_serial_crystal_experiment   N 
# 
_diffrn_detector.details                      ? 
_diffrn_detector.detector                     PIXEL 
_diffrn_detector.diffrn_id                    1 
_diffrn_detector.type                         'STFC Large Pixel Detector' 
_diffrn_detector.area_resol_mean              ? 
_diffrn_detector.dtime                        ? 
_diffrn_detector.pdbx_frames_total            ? 
_diffrn_detector.pdbx_collection_time_total   ? 
_diffrn_detector.pdbx_collection_date         2023-12-11 
_diffrn_detector.pdbx_frequency               ? 
_diffrn_detector.id                           ? 
_diffrn_detector.number_of_axes               ? 
# 
_diffrn_radiation.collimation                      ? 
_diffrn_radiation.diffrn_id                        1 
_diffrn_radiation.filter_edge                      ? 
_diffrn_radiation.inhomogeneity                    ? 
_diffrn_radiation.monochromator                    ? 
_diffrn_radiation.polarisn_norm                    ? 
_diffrn_radiation.polarisn_ratio                   ? 
_diffrn_radiation.probe                            ? 
_diffrn_radiation.type                             ? 
_diffrn_radiation.xray_symbol                      ? 
_diffrn_radiation.wavelength_id                    1 
_diffrn_radiation.pdbx_monochromatic_or_laue_m_l   M 
_diffrn_radiation.pdbx_wavelength_list             ? 
_diffrn_radiation.pdbx_wavelength                  ? 
_diffrn_radiation.pdbx_diffrn_protocol             'SINGLE WAVELENGTH' 
_diffrn_radiation.pdbx_analyzer                    ? 
_diffrn_radiation.pdbx_scattering_type             x-ray 
# 
_diffrn_radiation_wavelength.id           1 
_diffrn_radiation_wavelength.wavelength   0.97942 
_diffrn_radiation_wavelength.wt           1.0 
# 
_diffrn_source.current                     ? 
_diffrn_source.details                     ? 
_diffrn_source.diffrn_id                   1 
_diffrn_source.power                       ? 
_diffrn_source.size                        ? 
_diffrn_source.source                      SYNCHROTRON 
_diffrn_source.target                      ? 
_diffrn_source.type                        'PAL/PLS BEAMLINE 5C (4A)' 
_diffrn_source.voltage                     ? 
_diffrn_source.take-off_angle              ? 
_diffrn_source.pdbx_wavelength_list        0.97942 
_diffrn_source.pdbx_wavelength             ? 
_diffrn_source.pdbx_synchrotron_beamline   '5C (4A)' 
_diffrn_source.pdbx_synchrotron_site       PAL/PLS 
# 
_reflns.B_iso_Wilson_estimate                          ? 
_reflns.entry_id                                       8Z9B 
_reflns.data_reduction_details                         ? 
_reflns.data_reduction_method                          ? 
_reflns.d_resolution_high                              2.68 
_reflns.d_resolution_low                               29.840 
_reflns.details                                        ? 
_reflns.limit_h_max                                    ? 
_reflns.limit_h_min                                    ? 
_reflns.limit_k_max                                    ? 
_reflns.limit_k_min                                    ? 
_reflns.limit_l_max                                    ? 
_reflns.limit_l_min                                    ? 
_reflns.number_all                                     ? 
_reflns.number_obs                                     14762 
_reflns.observed_criterion                             ? 
_reflns.observed_criterion_F_max                       ? 
_reflns.observed_criterion_F_min                       ? 
_reflns.observed_criterion_I_max                       ? 
_reflns.observed_criterion_I_min                       ? 
_reflns.observed_criterion_sigma_F                     ? 
_reflns.observed_criterion_sigma_I                     ? 
_reflns.percent_possible_obs                           99.82 
_reflns.R_free_details                                 ? 
_reflns.Rmerge_F_all                                   ? 
_reflns.Rmerge_F_obs                                   ? 
_reflns.Friedel_coverage                               ? 
_reflns.number_gt                                      ? 
_reflns.threshold_expression                           ? 
_reflns.pdbx_redundancy                                26.1 
_reflns.pdbx_netI_over_av_sigmaI                       ? 
_reflns.pdbx_netI_over_sigmaI                          22.60 
_reflns.pdbx_res_netI_over_av_sigmaI_2                 ? 
_reflns.pdbx_res_netI_over_sigmaI_2                    ? 
_reflns.pdbx_chi_squared                               ? 
_reflns.pdbx_scaling_rejects                           ? 
_reflns.pdbx_d_res_high_opt                            ? 
_reflns.pdbx_d_res_low_opt                             ? 
_reflns.pdbx_d_res_opt_method                          ? 
_reflns.phase_calculation_details                      ? 
_reflns.pdbx_Rrim_I_all                                ? 
_reflns.pdbx_Rpim_I_all                                ? 
_reflns.pdbx_d_opt                                     ? 
_reflns.pdbx_number_measured_all                       ? 
_reflns.pdbx_diffrn_id                                 1 
_reflns.pdbx_ordinal                                   1 
_reflns.pdbx_CC_half                                   0.999 
_reflns.pdbx_CC_star                                   ? 
_reflns.pdbx_R_split                                   ? 
_reflns.pdbx_Rmerge_I_obs                              ? 
_reflns.pdbx_Rmerge_I_all                              ? 
_reflns.pdbx_Rsym_value                                ? 
_reflns.pdbx_CC_split_method                           ? 
_reflns.pdbx_aniso_diffraction_limit_axis_1_ortho[1]   ? 
_reflns.pdbx_aniso_diffraction_limit_axis_1_ortho[2]   ? 
_reflns.pdbx_aniso_diffraction_limit_axis_1_ortho[3]   ? 
_reflns.pdbx_aniso_diffraction_limit_axis_2_ortho[1]   ? 
_reflns.pdbx_aniso_diffraction_limit_axis_2_ortho[2]   ? 
_reflns.pdbx_aniso_diffraction_limit_axis_2_ortho[3]   ? 
_reflns.pdbx_aniso_diffraction_limit_axis_3_ortho[1]   ? 
_reflns.pdbx_aniso_diffraction_limit_axis_3_ortho[2]   ? 
_reflns.pdbx_aniso_diffraction_limit_axis_3_ortho[3]   ? 
_reflns.pdbx_aniso_diffraction_limit_1                 ? 
_reflns.pdbx_aniso_diffraction_limit_2                 ? 
_reflns.pdbx_aniso_diffraction_limit_3                 ? 
_reflns.pdbx_aniso_B_tensor_eigenvector_1_ortho[1]     ? 
_reflns.pdbx_aniso_B_tensor_eigenvector_1_ortho[2]     ? 
_reflns.pdbx_aniso_B_tensor_eigenvector_1_ortho[3]     ? 
_reflns.pdbx_aniso_B_tensor_eigenvector_2_ortho[1]     ? 
_reflns.pdbx_aniso_B_tensor_eigenvector_2_ortho[2]     ? 
_reflns.pdbx_aniso_B_tensor_eigenvector_2_ortho[3]     ? 
_reflns.pdbx_aniso_B_tensor_eigenvector_3_ortho[1]     ? 
_reflns.pdbx_aniso_B_tensor_eigenvector_3_ortho[2]     ? 
_reflns.pdbx_aniso_B_tensor_eigenvector_3_ortho[3]     ? 
_reflns.pdbx_aniso_B_tensor_eigenvalue_1               ? 
_reflns.pdbx_aniso_B_tensor_eigenvalue_2               ? 
_reflns.pdbx_aniso_B_tensor_eigenvalue_3               ? 
_reflns.pdbx_orthogonalization_convention              ? 
_reflns.pdbx_percent_possible_ellipsoidal              ? 
_reflns.pdbx_percent_possible_spherical                ? 
_reflns.pdbx_percent_possible_ellipsoidal_anomalous    ? 
_reflns.pdbx_percent_possible_spherical_anomalous      ? 
_reflns.pdbx_redundancy_anomalous                      ? 
_reflns.pdbx_CC_half_anomalous                         ? 
_reflns.pdbx_absDiff_over_sigma_anomalous              ? 
_reflns.pdbx_percent_possible_anomalous                ? 
_reflns.pdbx_observed_signal_threshold                 ? 
_reflns.pdbx_signal_type                               ? 
_reflns.pdbx_signal_details                            ? 
_reflns.pdbx_signal_software_id                        ? 
# 
_reflns_shell.d_res_high                                    2.68 
_reflns_shell.d_res_low                                     2.776 
_reflns_shell.meanI_over_sigI_all                           ? 
_reflns_shell.meanI_over_sigI_obs                           ? 
_reflns_shell.number_measured_all                           ? 
_reflns_shell.number_measured_obs                           ? 
_reflns_shell.number_possible                               ? 
_reflns_shell.number_unique_all                             ? 
_reflns_shell.number_unique_obs                             1447 
_reflns_shell.percent_possible_obs                          ? 
_reflns_shell.Rmerge_F_all                                  ? 
_reflns_shell.Rmerge_F_obs                                  ? 
_reflns_shell.meanI_over_sigI_gt                            ? 
_reflns_shell.meanI_over_uI_all                             ? 
_reflns_shell.meanI_over_uI_gt                              ? 
_reflns_shell.number_measured_gt                            ? 
_reflns_shell.number_unique_gt                              ? 
_reflns_shell.percent_possible_gt                           ? 
_reflns_shell.Rmerge_F_gt                                   ? 
_reflns_shell.Rmerge_I_gt                                   ? 
_reflns_shell.pdbx_redundancy                               ? 
_reflns_shell.pdbx_chi_squared                              ? 
_reflns_shell.pdbx_netI_over_sigmaI_all                     ? 
_reflns_shell.pdbx_netI_over_sigmaI_obs                     ? 
_reflns_shell.pdbx_Rrim_I_all                               ? 
_reflns_shell.pdbx_Rpim_I_all                               ? 
_reflns_shell.pdbx_rejects                                  ? 
_reflns_shell.pdbx_ordinal                                  1 
_reflns_shell.pdbx_diffrn_id                                1 
_reflns_shell.pdbx_CC_half                                  0.768 
_reflns_shell.pdbx_CC_star                                  ? 
_reflns_shell.pdbx_R_split                                  ? 
_reflns_shell.percent_possible_all                          ? 
_reflns_shell.Rmerge_I_all                                  ? 
_reflns_shell.Rmerge_I_obs                                  ? 
_reflns_shell.pdbx_Rsym_value                               ? 
_reflns_shell.pdbx_percent_possible_ellipsoidal             ? 
_reflns_shell.pdbx_percent_possible_spherical               ? 
_reflns_shell.pdbx_percent_possible_ellipsoidal_anomalous   ? 
_reflns_shell.pdbx_percent_possible_spherical_anomalous     ? 
_reflns_shell.pdbx_redundancy_anomalous                     ? 
_reflns_shell.pdbx_CC_half_anomalous                        ? 
_reflns_shell.pdbx_absDiff_over_sigma_anomalous             ? 
_reflns_shell.pdbx_percent_possible_anomalous               ? 
# 
_refine.aniso_B[1][1]                            -3.579 
_refine.aniso_B[1][2]                            0.000 
_refine.aniso_B[1][3]                            0.000 
_refine.aniso_B[2][2]                            -3.579 
_refine.aniso_B[2][3]                            0.000 
_refine.aniso_B[3][3]                            7.158 
_refine.B_iso_max                                ? 
_refine.B_iso_mean                               94.440 
_refine.B_iso_min                                ? 
_refine.correlation_coeff_Fo_to_Fc               0.927 
_refine.correlation_coeff_Fo_to_Fc_free          0.913 
_refine.details                                  'Hydrogens have been added in their riding positions' 
_refine.diff_density_max                         ? 
_refine.diff_density_max_esd                     ? 
_refine.diff_density_min                         ? 
_refine.diff_density_min_esd                     ? 
_refine.diff_density_rms                         ? 
_refine.diff_density_rms_esd                     ? 
_refine.entry_id                                 8Z9B 
_refine.pdbx_refine_id                           'X-RAY DIFFRACTION' 
_refine.ls_abs_structure_details                 ? 
_refine.ls_abs_structure_Flack                   ? 
_refine.ls_abs_structure_Flack_esd               ? 
_refine.ls_abs_structure_Rogers                  ? 
_refine.ls_abs_structure_Rogers_esd              ? 
_refine.ls_d_res_high                            2.680 
_refine.ls_d_res_low                             29.840 
_refine.ls_extinction_coef                       ? 
_refine.ls_extinction_coef_esd                   ? 
_refine.ls_extinction_expression                 ? 
_refine.ls_extinction_method                     ? 
_refine.ls_goodness_of_fit_all                   ? 
_refine.ls_goodness_of_fit_all_esd               ? 
_refine.ls_goodness_of_fit_obs                   ? 
_refine.ls_goodness_of_fit_obs_esd               ? 
_refine.ls_hydrogen_treatment                    ? 
_refine.ls_matrix_type                           ? 
_refine.ls_number_constraints                    ? 
_refine.ls_number_parameters                     ? 
_refine.ls_number_reflns_all                     ? 
_refine.ls_number_reflns_obs                     14755 
_refine.ls_number_reflns_R_free                  739 
_refine.ls_number_reflns_R_work                  14016 
_refine.ls_number_restraints                     ? 
_refine.ls_percent_reflns_obs                    99.831 
_refine.ls_percent_reflns_R_free                 5.008 
_refine.ls_R_factor_all                          0.279 
_refine.ls_R_factor_obs                          ? 
_refine.ls_R_factor_R_free                       0.3040 
_refine.ls_R_factor_R_free_error                 ? 
_refine.ls_R_factor_R_free_error_details         ? 
_refine.ls_R_factor_R_work                       0.2777 
_refine.ls_R_Fsqd_factor_obs                     ? 
_refine.ls_R_I_factor_obs                        ? 
_refine.ls_redundancy_reflns_all                 ? 
_refine.ls_redundancy_reflns_obs                 ? 
_refine.ls_restrained_S_all                      ? 
_refine.ls_restrained_S_obs                      ? 
_refine.ls_shift_over_esd_max                    ? 
_refine.ls_shift_over_esd_mean                   ? 
_refine.ls_structure_factor_coef                 ? 
_refine.ls_weighting_details                     ? 
_refine.ls_weighting_scheme                      ? 
_refine.ls_wR_factor_all                         ? 
_refine.ls_wR_factor_obs                         ? 
_refine.ls_wR_factor_R_free                      ? 
_refine.ls_wR_factor_R_work                      ? 
_refine.occupancy_max                            ? 
_refine.occupancy_min                            ? 
_refine.solvent_model_details                    'MASK BULK SOLVENT' 
_refine.solvent_model_param_bsol                 ? 
_refine.solvent_model_param_ksol                 ? 
_refine.pdbx_R_complete                          ? 
_refine.ls_R_factor_gt                           ? 
_refine.ls_goodness_of_fit_gt                    ? 
_refine.ls_goodness_of_fit_ref                   ? 
_refine.ls_shift_over_su_max                     ? 
_refine.ls_shift_over_su_max_lt                  ? 
_refine.ls_shift_over_su_mean                    ? 
_refine.ls_shift_over_su_mean_lt                 ? 
_refine.pdbx_ls_sigma_I                          ? 
_refine.pdbx_ls_sigma_F                          ? 
_refine.pdbx_ls_sigma_Fsqd                       ? 
_refine.pdbx_data_cutoff_high_absF               ? 
_refine.pdbx_data_cutoff_high_rms_absF           ? 
_refine.pdbx_data_cutoff_low_absF                ? 
_refine.pdbx_isotropic_thermal_model             ? 
_refine.pdbx_ls_cross_valid_method               'FREE R-VALUE' 
_refine.pdbx_method_to_determine_struct          'MOLECULAR REPLACEMENT' 
_refine.pdbx_starting_model                      AlphaFold 
_refine.pdbx_stereochemistry_target_values       ? 
_refine.pdbx_R_Free_selection_details            ? 
_refine.pdbx_stereochem_target_val_spec_case     ? 
_refine.pdbx_overall_ESU_R                       0.351 
_refine.pdbx_overall_ESU_R_Free                  0.282 
_refine.pdbx_solvent_vdw_probe_radii             1.200 
_refine.pdbx_solvent_ion_probe_radii             0.800 
_refine.pdbx_solvent_shrinkage_radii             0.800 
_refine.pdbx_real_space_R                        ? 
_refine.pdbx_density_correlation                 ? 
_refine.pdbx_pd_number_of_powder_patterns        ? 
_refine.pdbx_pd_number_of_points                 ? 
_refine.pdbx_pd_meas_number_of_points            ? 
_refine.pdbx_pd_proc_ls_prof_R_factor            ? 
_refine.pdbx_pd_proc_ls_prof_wR_factor           ? 
_refine.pdbx_pd_Marquardt_correlation_coeff      ? 
_refine.pdbx_pd_Fsqrd_R_factor                   ? 
_refine.pdbx_pd_ls_matrix_band_width             ? 
_refine.pdbx_overall_phase_error                 ? 
_refine.pdbx_overall_SU_R_free_Cruickshank_DPI   ? 
_refine.pdbx_overall_SU_R_free_Blow_DPI          ? 
_refine.pdbx_overall_SU_R_Blow_DPI               ? 
_refine.pdbx_TLS_residual_ADP_flag               ? 
_refine.pdbx_diffrn_id                           1 
_refine.overall_SU_B                             ? 
_refine.overall_SU_ML                            ? 
_refine.overall_SU_R_Cruickshank_DPI             ? 
_refine.overall_SU_R_free                        ? 
_refine.overall_FOM_free_R_set                   ? 
_refine.overall_FOM_work_R_set                   ? 
_refine.pdbx_average_fsc_overall                 ? 
_refine.pdbx_average_fsc_work                    ? 
_refine.pdbx_average_fsc_free                    ? 
# 
_refine_hist.pdbx_refine_id                   'X-RAY DIFFRACTION' 
_refine_hist.cycle_id                         LAST 
_refine_hist.pdbx_number_atoms_protein        1620 
_refine_hist.pdbx_number_atoms_nucleic_acid   0 
_refine_hist.pdbx_number_atoms_ligand         0 
_refine_hist.number_atoms_solvent             0 
_refine_hist.number_atoms_total               1620 
_refine_hist.d_res_high                       2.680 
_refine_hist.d_res_low                        29.840 
# 
loop_
_refine_ls_restr.pdbx_refine_id 
_refine_ls_restr.criterion 
_refine_ls_restr.dev_ideal 
_refine_ls_restr.dev_ideal_target 
_refine_ls_restr.number 
_refine_ls_restr.rejects 
_refine_ls_restr.type 
_refine_ls_restr.weight 
_refine_ls_restr.pdbx_restraint_function 
'X-RAY DIFFRACTION' ? 0.016  0.013   1644 ? r_bond_refined_d               ? ? 
'X-RAY DIFFRACTION' ? 0.037  0.017   1538 ? r_bond_other_d                 ? ? 
'X-RAY DIFFRACTION' ? 1.813  1.625   2236 ? r_angle_refined_deg            ? ? 
'X-RAY DIFFRACTION' ? 2.395  1.572   3580 ? r_angle_other_deg              ? ? 
'X-RAY DIFFRACTION' ? 6.045  5.000   226  ? r_dihedral_angle_1_deg         ? ? 
'X-RAY DIFFRACTION' ? 39.219 24.375  64   ? r_dihedral_angle_2_deg         ? ? 
'X-RAY DIFFRACTION' ? 17.628 15.000  256  ? r_dihedral_angle_3_deg         ? ? 
'X-RAY DIFFRACTION' ? 18.721 15.000  6    ? r_dihedral_angle_4_deg         ? ? 
'X-RAY DIFFRACTION' ? 0.094  0.200   226  ? r_chiral_restr                 ? ? 
'X-RAY DIFFRACTION' ? 0.005  0.020   1876 ? r_gen_planes_refined           ? ? 
'X-RAY DIFFRACTION' ? 0.005  0.020   294  ? r_gen_planes_other             ? ? 
'X-RAY DIFFRACTION' ? 0.233  0.200   398  ? r_nbd_refined                  ? ? 
'X-RAY DIFFRACTION' ? 0.254  0.200   1468 ? r_symmetry_nbd_other           ? ? 
'X-RAY DIFFRACTION' ? 0.183  0.200   846  ? r_nbtor_refined                ? ? 
'X-RAY DIFFRACTION' ? 0.081  0.200   835  ? r_symmetry_nbtor_other         ? ? 
'X-RAY DIFFRACTION' ? 0.192  0.200   42   ? r_xyhbond_nbd_refined          ? ? 
'X-RAY DIFFRACTION' ? 0.104  0.200   5    ? r_symmetry_xyhbond_nbd_other   ? ? 
'X-RAY DIFFRACTION' ? 0.154  0.200   9    ? r_symmetry_nbd_refined         ? ? 
'X-RAY DIFFRACTION' ? 0.330  0.200   38   ? r_nbd_other                    ? ? 
'X-RAY DIFFRACTION' ? 0.181  0.200   3    ? r_symmetry_xyhbond_nbd_refined ? ? 
'X-RAY DIFFRACTION' ? 6.462  10.449  910  ? r_mcbond_it                    ? ? 
'X-RAY DIFFRACTION' ? 6.463  10.446  909  ? r_mcbond_other                 ? ? 
'X-RAY DIFFRACTION' ? 9.832  15.653  1134 ? r_mcangle_it                   ? ? 
'X-RAY DIFFRACTION' ? 9.828  15.657  1135 ? r_mcangle_other                ? ? 
'X-RAY DIFFRACTION' ? 7.276  10.471  734  ? r_scbond_it                    ? ? 
'X-RAY DIFFRACTION' ? 7.273  10.464  732  ? r_scbond_other                 ? ? 
'X-RAY DIFFRACTION' ? 10.716 15.555  1102 ? r_scangle_it                   ? ? 
'X-RAY DIFFRACTION' ? 10.704 15.555  1102 ? r_scangle_other                ? ? 
'X-RAY DIFFRACTION' ? 12.672 130.041 1812 ? r_lrange_it                    ? ? 
'X-RAY DIFFRACTION' ? 12.669 130.075 1813 ? r_lrange_other                 ? ? 
# 
loop_
_refine_ls_shell.pdbx_refine_id 
_refine_ls_shell.d_res_high 
_refine_ls_shell.d_res_low 
_refine_ls_shell.number_reflns_all 
_refine_ls_shell.number_reflns_obs 
_refine_ls_shell.number_reflns_R_free 
_refine_ls_shell.number_reflns_R_work 
_refine_ls_shell.percent_reflns_obs 
_refine_ls_shell.percent_reflns_R_free 
_refine_ls_shell.R_factor_all 
_refine_ls_shell.R_factor_obs 
_refine_ls_shell.R_factor_R_free_error 
_refine_ls_shell.R_factor_R_work 
_refine_ls_shell.redundancy_reflns_all 
_refine_ls_shell.redundancy_reflns_obs 
_refine_ls_shell.wR_factor_all 
_refine_ls_shell.wR_factor_obs 
_refine_ls_shell.wR_factor_R_free 
_refine_ls_shell.wR_factor_R_work 
_refine_ls_shell.pdbx_R_complete 
_refine_ls_shell.pdbx_total_number_of_bins_used 
_refine_ls_shell.pdbx_phase_error 
_refine_ls_shell.pdbx_fsc_work 
_refine_ls_shell.pdbx_fsc_free 
_refine_ls_shell.R_factor_R_free 
'X-RAY DIFFRACTION' 2.680  2.750  . . 54 1024 99.9073  . . . . 0.385 . . . . . . . . . . . 0.441 
'X-RAY DIFFRACTION' 2.750  2.825  . . 52 985  99.9037  . . . . 0.372 . . . . . . . . . . . 0.333 
'X-RAY DIFFRACTION' 2.825  2.907  . . 51 958  100.0000 . . . . 0.349 . . . . . . . . . . . 0.371 
'X-RAY DIFFRACTION' 2.907  2.996  . . 50 951  99.8006  . . . . 0.343 . . . . . . . . . . . 0.406 
'X-RAY DIFFRACTION' 2.996  3.094  . . 47 885  99.8928  . . . . 0.309 . . . . . . . . . . . 0.332 
'X-RAY DIFFRACTION' 3.094  3.202  . . 46 889  100.0000 . . . . 0.307 . . . . . . . . . . . 0.348 
'X-RAY DIFFRACTION' 3.202  3.323  . . 44 835  99.8864  . . . . 0.314 . . . . . . . . . . . 0.385 
'X-RAY DIFFRACTION' 3.323  3.458  . . 44 828  99.8855  . . . . 0.317 . . . . . . . . . . . 0.405 
'X-RAY DIFFRACTION' 3.458  3.612  . . 42 801  100.0000 . . . . 0.303 . . . . . . . . . . . 0.365 
'X-RAY DIFFRACTION' 3.612  3.788  . . 39 744  100.0000 . . . . 0.321 . . . . . . . . . . . 0.316 
'X-RAY DIFFRACTION' 3.788  3.992  . . 38 721  100.0000 . . . . 0.302 . . . . . . . . . . . 0.361 
'X-RAY DIFFRACTION' 3.992  4.233  . . 37 692  100.0000 . . . . 0.262 . . . . . . . . . . . 0.279 
'X-RAY DIFFRACTION' 4.233  4.524  . . 33 644  100.0000 . . . . 0.246 . . . . . . . . . . . 0.281 
'X-RAY DIFFRACTION' 4.524  4.885  . . 33 614  100.0000 . . . . 0.239 . . . . . . . . . . . 0.280 
'X-RAY DIFFRACTION' 4.885  5.349  . . 29 562  100.0000 . . . . 0.275 . . . . . . . . . . . 0.228 
'X-RAY DIFFRACTION' 5.349  5.976  . . 28 517  100.0000 . . . . 0.312 . . . . . . . . . . . 0.331 
'X-RAY DIFFRACTION' 5.976  6.892  . . 24 455  100.0000 . . . . 0.288 . . . . . . . . . . . 0.288 
'X-RAY DIFFRACTION' 6.892  8.422  . . 21 404  100.0000 . . . . 0.246 . . . . . . . . . . . 0.285 
'X-RAY DIFFRACTION' 8.422  11.827 . . 17 319  100.0000 . . . . 0.177 . . . . . . . . . . . 0.168 
'X-RAY DIFFRACTION' 11.827 29.840 . . 10 188  91.6667  . . . . 0.310 . . . . . . . . . . . 0.394 
# 
_struct.entry_id                     8Z9B 
_struct.title                        'Low molecular weight antigen MTB12' 
_struct.pdbx_model_details           ? 
_struct.pdbx_formula_weight          ? 
_struct.pdbx_formula_weight_method   ? 
_struct.pdbx_model_type_details      ? 
_struct.pdbx_CASP_flag               N 
# 
_struct_keywords.entry_id        8Z9B 
_struct_keywords.text            'antigen, secretory protein, IMMUNE SYSTEM' 
_struct_keywords.pdbx_keywords   'IMMUNE SYSTEM' 
# 
loop_
_struct_asym.id 
_struct_asym.pdbx_blank_PDB_chainid_flag 
_struct_asym.pdbx_modified 
_struct_asym.entity_id 
_struct_asym.details 
A N N 1 ? 
B N N 1 ? 
# 
_struct_ref.id                         1 
_struct_ref.db_name                    UNP 
_struct_ref.db_code                    MTB12_MYCTO 
_struct_ref.pdbx_db_accession          P9WIN6 
_struct_ref.pdbx_db_isoform            ? 
_struct_ref.entity_id                  1 
_struct_ref.pdbx_seq_one_letter_code   
;DVPTAAQLTSLLNSLADPNVSFANKGSLVEGGIGGTEARIADHKLKKAAEHGDLPLSFSVTNIQPAAAGSATADVSVSGP
KLSSPVTRNVTFVNQGGWMLSRASAMELLQAAGN
;
_struct_ref.pdbx_align_begin           55 
# 
loop_
_struct_ref_seq.align_id 
_struct_ref_seq.ref_id 
_struct_ref_seq.pdbx_PDB_id_code 
_struct_ref_seq.pdbx_strand_id 
_struct_ref_seq.seq_align_beg 
_struct_ref_seq.pdbx_seq_align_beg_ins_code 
_struct_ref_seq.seq_align_end 
_struct_ref_seq.pdbx_seq_align_end_ins_code 
_struct_ref_seq.pdbx_db_accession 
_struct_ref_seq.db_align_beg 
_struct_ref_seq.pdbx_db_align_beg_ins_code 
_struct_ref_seq.db_align_end 
_struct_ref_seq.pdbx_db_align_end_ins_code 
_struct_ref_seq.pdbx_auth_seq_align_beg 
_struct_ref_seq.pdbx_auth_seq_align_end 
1 1 8Z9B B 22 ? 135 ? P9WIN6 55 ? 168 ? 1 114 
2 1 8Z9B A 22 ? 135 ? P9WIN6 55 ? 168 ? 1 114 
# 
loop_
_struct_ref_seq_dif.align_id 
_struct_ref_seq_dif.pdbx_pdb_id_code 
_struct_ref_seq_dif.mon_id 
_struct_ref_seq_dif.pdbx_pdb_strand_id 
_struct_ref_seq_dif.seq_num 
_struct_ref_seq_dif.pdbx_pdb_ins_code 
_struct_ref_seq_dif.pdbx_seq_db_name 
_struct_ref_seq_dif.pdbx_seq_db_accession_code 
_struct_ref_seq_dif.db_mon_id 
_struct_ref_seq_dif.pdbx_seq_db_seq_num 
_struct_ref_seq_dif.details 
_struct_ref_seq_dif.pdbx_auth_seq_num 
_struct_ref_seq_dif.pdbx_ordinal 
1 8Z9B MET B 1  ? UNP P9WIN6 ? ? 'initiating methionine' -20 1  
1 8Z9B GLY B 2  ? UNP P9WIN6 ? ? 'expression tag'        -19 2  
1 8Z9B SER B 3  ? UNP P9WIN6 ? ? 'expression tag'        -18 3  
1 8Z9B SER B 4  ? UNP P9WIN6 ? ? 'expression tag'        -17 4  
1 8Z9B HIS B 5  ? UNP P9WIN6 ? ? 'expression tag'        -16 5  
1 8Z9B HIS B 6  ? UNP P9WIN6 ? ? 'expression tag'        -15 6  
1 8Z9B HIS B 7  ? UNP P9WIN6 ? ? 'expression tag'        -14 7  
1 8Z9B HIS B 8  ? UNP P9WIN6 ? ? 'expression tag'        -13 8  
1 8Z9B HIS B 9  ? UNP P9WIN6 ? ? 'expression tag'        -12 9  
1 8Z9B HIS B 10 ? UNP P9WIN6 ? ? 'expression tag'        -11 10 
1 8Z9B SER B 11 ? UNP P9WIN6 ? ? 'expression tag'        -10 11 
1 8Z9B SER B 12 ? UNP P9WIN6 ? ? 'expression tag'        -9  12 
1 8Z9B GLY B 13 ? UNP P9WIN6 ? ? 'expression tag'        -8  13 
1 8Z9B LEU B 14 ? UNP P9WIN6 ? ? 'expression tag'        -7  14 
1 8Z9B VAL B 15 ? UNP P9WIN6 ? ? 'expression tag'        -6  15 
1 8Z9B PRO B 16 ? UNP P9WIN6 ? ? 'expression tag'        -5  16 
1 8Z9B ARG B 17 ? UNP P9WIN6 ? ? 'expression tag'        -4  17 
1 8Z9B GLY B 18 ? UNP P9WIN6 ? ? 'expression tag'        -3  18 
1 8Z9B SER B 19 ? UNP P9WIN6 ? ? 'expression tag'        -2  19 
1 8Z9B HIS B 20 ? UNP P9WIN6 ? ? 'expression tag'        -1  20 
1 8Z9B MET B 21 ? UNP P9WIN6 ? ? 'expression tag'        0   21 
2 8Z9B MET A 1  ? UNP P9WIN6 ? ? 'initiating methionine' -20 22 
2 8Z9B GLY A 2  ? UNP P9WIN6 ? ? 'expression tag'        -19 23 
2 8Z9B SER A 3  ? UNP P9WIN6 ? ? 'expression tag'        -18 24 
2 8Z9B SER A 4  ? UNP P9WIN6 ? ? 'expression tag'        -17 25 
2 8Z9B HIS A 5  ? UNP P9WIN6 ? ? 'expression tag'        -16 26 
2 8Z9B HIS A 6  ? UNP P9WIN6 ? ? 'expression tag'        -15 27 
2 8Z9B HIS A 7  ? UNP P9WIN6 ? ? 'expression tag'        -14 28 
2 8Z9B HIS A 8  ? UNP P9WIN6 ? ? 'expression tag'        -13 29 
2 8Z9B HIS A 9  ? UNP P9WIN6 ? ? 'expression tag'        -12 30 
2 8Z9B HIS A 10 ? UNP P9WIN6 ? ? 'expression tag'        -11 31 
2 8Z9B SER A 11 ? UNP P9WIN6 ? ? 'expression tag'        -10 32 
2 8Z9B SER A 12 ? UNP P9WIN6 ? ? 'expression tag'        -9  33 
2 8Z9B GLY A 13 ? UNP P9WIN6 ? ? 'expression tag'        -8  34 
2 8Z9B LEU A 14 ? UNP P9WIN6 ? ? 'expression tag'        -7  35 
2 8Z9B VAL A 15 ? UNP P9WIN6 ? ? 'expression tag'        -6  36 
2 8Z9B PRO A 16 ? UNP P9WIN6 ? ? 'expression tag'        -5  37 
2 8Z9B ARG A 17 ? UNP P9WIN6 ? ? 'expression tag'        -4  38 
2 8Z9B GLY A 18 ? UNP P9WIN6 ? ? 'expression tag'        -3  39 
2 8Z9B SER A 19 ? UNP P9WIN6 ? ? 'expression tag'        -2  40 
2 8Z9B HIS A 20 ? UNP P9WIN6 ? ? 'expression tag'        -1  41 
2 8Z9B MET A 21 ? UNP P9WIN6 ? ? 'expression tag'        0   42 
# 
loop_
_pdbx_struct_assembly.id 
_pdbx_struct_assembly.details 
_pdbx_struct_assembly.method_details 
_pdbx_struct_assembly.oligomeric_details 
_pdbx_struct_assembly.oligomeric_count 
1 author_defined_assembly ? monomeric 1 
2 author_defined_assembly ? monomeric 1 
# 
loop_
_pdbx_struct_assembly_gen.assembly_id 
_pdbx_struct_assembly_gen.oper_expression 
_pdbx_struct_assembly_gen.asym_id_list 
1 1 A 
2 1 B 
# 
_pdbx_struct_assembly_auth_evidence.id                     1 
_pdbx_struct_assembly_auth_evidence.assembly_id            1 
_pdbx_struct_assembly_auth_evidence.experimental_support   'light scattering' 
_pdbx_struct_assembly_auth_evidence.details                ? 
# 
_pdbx_struct_oper_list.id                   1 
_pdbx_struct_oper_list.type                 'identity operation' 
_pdbx_struct_oper_list.name                 1_555 
_pdbx_struct_oper_list.symmetry_operation   x,y,z 
_pdbx_struct_oper_list.matrix[1][1]         1.0000000000 
_pdbx_struct_oper_list.matrix[1][2]         0.0000000000 
_pdbx_struct_oper_list.matrix[1][3]         0.0000000000 
_pdbx_struct_oper_list.vector[1]            0.0000000000 
_pdbx_struct_oper_list.matrix[2][1]         0.0000000000 
_pdbx_struct_oper_list.matrix[2][2]         1.0000000000 
_pdbx_struct_oper_list.matrix[2][3]         0.0000000000 
_pdbx_struct_oper_list.vector[2]            0.0000000000 
_pdbx_struct_oper_list.matrix[3][1]         0.0000000000 
_pdbx_struct_oper_list.matrix[3][2]         0.0000000000 
_pdbx_struct_oper_list.matrix[3][3]         1.0000000000 
_pdbx_struct_oper_list.vector[3]            0.0000000000 
# 
loop_
_struct_conf.conf_type_id 
_struct_conf.id 
_struct_conf.pdbx_PDB_helix_id 
_struct_conf.beg_label_comp_id 
_struct_conf.beg_label_asym_id 
_struct_conf.beg_label_seq_id 
_struct_conf.pdbx_beg_PDB_ins_code 
_struct_conf.end_label_comp_id 
_struct_conf.end_label_asym_id 
_struct_conf.end_label_seq_id 
_struct_conf.pdbx_end_PDB_ins_code 
_struct_conf.beg_auth_comp_id 
_struct_conf.beg_auth_asym_id 
_struct_conf.beg_auth_seq_id 
_struct_conf.end_auth_comp_id 
_struct_conf.end_auth_asym_id 
_struct_conf.end_auth_seq_id 
_struct_conf.pdbx_PDB_helix_class 
_struct_conf.details 
_struct_conf.pdbx_PDB_helix_length 
HELX_P HELX_P1 AA1 THR A 25  ? ALA A 37  ? THR B 4   ALA B 16  1 ? 13 
HELX_P HELX_P2 AA2 SER A 42  ? VAL A 50  ? SER B 21  VAL B 29  5 ? 9  
HELX_P HELX_P3 AA3 GLY A 55  ? HIS A 72  ? GLY B 34  HIS B 51  1 ? 18 
HELX_P HELX_P4 AA4 SER A 122 ? ALA A 133 ? SER B 101 ALA B 112 1 ? 12 
HELX_P HELX_P5 AA5 THR B 25  ? ALA B 37  ? THR A 4   ALA A 16  1 ? 13 
HELX_P HELX_P6 AA6 SER B 42  ? VAL B 50  ? SER A 21  VAL A 29  5 ? 9  
HELX_P HELX_P7 AA7 GLY B 55  ? HIS B 72  ? GLY A 34  HIS A 51  1 ? 18 
HELX_P HELX_P8 AA8 SER B 122 ? ALA B 133 ? SER A 101 ALA A 112 1 ? 12 
# 
_struct_conf_type.id          HELX_P 
_struct_conf_type.criteria    ? 
_struct_conf_type.reference   ? 
# 
loop_
_struct_mon_prot_cis.pdbx_id 
_struct_mon_prot_cis.label_comp_id 
_struct_mon_prot_cis.label_seq_id 
_struct_mon_prot_cis.label_asym_id 
_struct_mon_prot_cis.label_alt_id 
_struct_mon_prot_cis.pdbx_PDB_ins_code 
_struct_mon_prot_cis.auth_comp_id 
_struct_mon_prot_cis.auth_seq_id 
_struct_mon_prot_cis.auth_asym_id 
_struct_mon_prot_cis.pdbx_label_comp_id_2 
_struct_mon_prot_cis.pdbx_label_seq_id_2 
_struct_mon_prot_cis.pdbx_label_asym_id_2 
_struct_mon_prot_cis.pdbx_PDB_ins_code_2 
_struct_mon_prot_cis.pdbx_auth_comp_id_2 
_struct_mon_prot_cis.pdbx_auth_seq_id_2 
_struct_mon_prot_cis.pdbx_auth_asym_id_2 
_struct_mon_prot_cis.pdbx_PDB_model_num 
_struct_mon_prot_cis.pdbx_omega_angle 
1 LEU 75 A . ? LEU 54 B PRO 76 A ? PRO 55 B 1 0.61  
2 LEU 75 B . ? LEU 54 A PRO 76 B ? PRO 55 A 1 -1.57 
# 
loop_
_struct_sheet.id 
_struct_sheet.type 
_struct_sheet.number_strands 
_struct_sheet.details 
AA1 ? 4 ? 
AA2 ? 4 ? 
# 
loop_
_struct_sheet_order.sheet_id 
_struct_sheet_order.range_id_1 
_struct_sheet_order.range_id_2 
_struct_sheet_order.offset 
_struct_sheet_order.sense 
AA1 1 2 ? anti-parallel 
AA1 2 3 ? anti-parallel 
AA1 3 4 ? anti-parallel 
AA2 1 2 ? anti-parallel 
AA2 2 3 ? anti-parallel 
AA2 3 4 ? anti-parallel 
# 
loop_
_struct_sheet_range.sheet_id 
_struct_sheet_range.id 
_struct_sheet_range.beg_label_comp_id 
_struct_sheet_range.beg_label_asym_id 
_struct_sheet_range.beg_label_seq_id 
_struct_sheet_range.pdbx_beg_PDB_ins_code 
_struct_sheet_range.end_label_comp_id 
_struct_sheet_range.end_label_asym_id 
_struct_sheet_range.end_label_seq_id 
_struct_sheet_range.pdbx_end_PDB_ins_code 
_struct_sheet_range.beg_auth_comp_id 
_struct_sheet_range.beg_auth_asym_id 
_struct_sheet_range.beg_auth_seq_id 
_struct_sheet_range.end_auth_comp_id 
_struct_sheet_range.end_auth_asym_id 
_struct_sheet_range.end_auth_seq_id 
AA1 1 SER A 78  ? ALA A 87  ? SER B 57 ALA B 66  
AA1 2 SER A 91  ? SER A 99  ? SER B 70 SER B 78  
AA1 3 VAL A 107 ? ASN A 115 ? VAL B 86 ASN B 94  
AA1 4 TRP A 119 ? LEU A 121 ? TRP B 98 LEU B 100 
AA2 1 SER B 78  ? ALA B 87  ? SER A 57 ALA A 66  
AA2 2 SER B 91  ? SER B 99  ? SER A 70 SER A 78  
AA2 3 VAL B 107 ? ASN B 115 ? VAL A 86 ASN A 94  
AA2 4 TRP B 119 ? LEU B 121 ? TRP A 98 LEU A 100 
# 
loop_
_pdbx_struct_sheet_hbond.sheet_id 
_pdbx_struct_sheet_hbond.range_id_1 
_pdbx_struct_sheet_hbond.range_id_2 
_pdbx_struct_sheet_hbond.range_1_label_atom_id 
_pdbx_struct_sheet_hbond.range_1_label_comp_id 
_pdbx_struct_sheet_hbond.range_1_label_asym_id 
_pdbx_struct_sheet_hbond.range_1_label_seq_id 
_pdbx_struct_sheet_hbond.range_1_PDB_ins_code 
_pdbx_struct_sheet_hbond.range_1_auth_atom_id 
_pdbx_struct_sheet_hbond.range_1_auth_comp_id 
_pdbx_struct_sheet_hbond.range_1_auth_asym_id 
_pdbx_struct_sheet_hbond.range_1_auth_seq_id 
_pdbx_struct_sheet_hbond.range_2_label_atom_id 
_pdbx_struct_sheet_hbond.range_2_label_comp_id 
_pdbx_struct_sheet_hbond.range_2_label_asym_id 
_pdbx_struct_sheet_hbond.range_2_label_seq_id 
_pdbx_struct_sheet_hbond.range_2_PDB_ins_code 
_pdbx_struct_sheet_hbond.range_2_auth_atom_id 
_pdbx_struct_sheet_hbond.range_2_auth_comp_id 
_pdbx_struct_sheet_hbond.range_2_auth_asym_id 
_pdbx_struct_sheet_hbond.range_2_auth_seq_id 
AA1 1 2 N GLN A 85  ? N GLN B 64 O THR A 93  ? O THR B 72 
AA1 2 3 N ALA A 92  ? N ALA B 71 O PHE A 113 ? O PHE B 92 
AA1 3 4 N VAL A 114 ? N VAL B 93 O MET A 120 ? O MET B 99 
AA2 1 2 N ALA B 87  ? N ALA A 66 O SER B 91  ? O SER A 70 
AA2 2 3 N ALA B 92  ? N ALA A 71 O PHE B 113 ? O PHE A 92 
AA2 3 4 N VAL B 114 ? N VAL A 93 O MET B 120 ? O MET A 99 
# 
loop_
_pdbx_validate_torsion.id 
_pdbx_validate_torsion.PDB_model_num 
_pdbx_validate_torsion.auth_comp_id 
_pdbx_validate_torsion.auth_asym_id 
_pdbx_validate_torsion.auth_seq_id 
_pdbx_validate_torsion.PDB_ins_code 
_pdbx_validate_torsion.label_alt_id 
_pdbx_validate_torsion.phi 
_pdbx_validate_torsion.psi 
1 1 SER B 27 ? ? -49.86 -14.86  
2 1 THR B 36 ? ? -64.43 -79.78  
3 1 GLU B 37 ? ? -27.75 -52.34  
4 1 ALA A 67 ? ? 42.70  -147.81 
# 
loop_
_pdbx_unobs_or_zero_occ_residues.id 
_pdbx_unobs_or_zero_occ_residues.PDB_model_num 
_pdbx_unobs_or_zero_occ_residues.polymer_flag 
_pdbx_unobs_or_zero_occ_residues.occupancy_flag 
_pdbx_unobs_or_zero_occ_residues.auth_asym_id 
_pdbx_unobs_or_zero_occ_residues.auth_comp_id 
_pdbx_unobs_or_zero_occ_residues.auth_seq_id 
_pdbx_unobs_or_zero_occ_residues.PDB_ins_code 
_pdbx_unobs_or_zero_occ_residues.label_asym_id 
_pdbx_unobs_or_zero_occ_residues.label_comp_id 
_pdbx_unobs_or_zero_occ_residues.label_seq_id 
1  1 Y 1 B MET -20 ? A MET 1  
2  1 Y 1 B GLY -19 ? A GLY 2  
3  1 Y 1 B SER -18 ? A SER 3  
4  1 Y 1 B SER -17 ? A SER 4  
5  1 Y 1 B HIS -16 ? A HIS 5  
6  1 Y 1 B HIS -15 ? A HIS 6  
7  1 Y 1 B HIS -14 ? A HIS 7  
8  1 Y 1 B HIS -13 ? A HIS 8  
9  1 Y 1 B HIS -12 ? A HIS 9  
10 1 Y 1 B HIS -11 ? A HIS 10 
11 1 Y 1 B SER -10 ? A SER 11 
12 1 Y 1 B SER -9  ? A SER 12 
13 1 Y 1 B GLY -8  ? A GLY 13 
14 1 Y 1 B LEU -7  ? A LEU 14 
15 1 Y 1 B VAL -6  ? A VAL 15 
16 1 Y 1 B PRO -5  ? A PRO 16 
17 1 Y 1 B ARG -4  ? A ARG 17 
18 1 Y 1 B GLY -3  ? A GLY 18 
19 1 Y 1 B SER -2  ? A SER 19 
20 1 Y 1 B HIS -1  ? A HIS 20 
21 1 Y 1 B MET 0   ? A MET 21 
22 1 Y 1 A MET -20 ? B MET 1  
23 1 Y 1 A GLY -19 ? B GLY 2  
24 1 Y 1 A SER -18 ? B SER 3  
25 1 Y 1 A SER -17 ? B SER 4  
26 1 Y 1 A HIS -16 ? B HIS 5  
27 1 Y 1 A HIS -15 ? B HIS 6  
28 1 Y 1 A HIS -14 ? B HIS 7  
29 1 Y 1 A HIS -13 ? B HIS 8  
30 1 Y 1 A HIS -12 ? B HIS 9  
31 1 Y 1 A HIS -11 ? B HIS 10 
32 1 Y 1 A SER -10 ? B SER 11 
33 1 Y 1 A SER -9  ? B SER 12 
34 1 Y 1 A GLY -8  ? B GLY 13 
35 1 Y 1 A LEU -7  ? B LEU 14 
36 1 Y 1 A VAL -6  ? B VAL 15 
37 1 Y 1 A PRO -5  ? B PRO 16 
38 1 Y 1 A ARG -4  ? B ARG 17 
39 1 Y 1 A GLY -3  ? B GLY 18 
40 1 Y 1 A SER -2  ? B SER 19 
41 1 Y 1 A HIS -1  ? B HIS 20 
42 1 Y 1 A MET 0   ? B MET 21 
# 
loop_
_chem_comp_atom.comp_id 
_chem_comp_atom.atom_id 
_chem_comp_atom.type_symbol 
_chem_comp_atom.pdbx_aromatic_flag 
_chem_comp_atom.pdbx_stereo_config 
_chem_comp_atom.pdbx_ordinal 
ALA N    N N N 1   
ALA CA   C N S 2   
ALA C    C N N 3   
ALA O    O N N 4   
ALA CB   C N N 5   
ALA OXT  O N N 6   
ALA H    H N N 7   
ALA H2   H N N 8   
ALA HA   H N N 9   
ALA HB1  H N N 10  
ALA HB2  H N N 11  
ALA HB3  H N N 12  
ALA HXT  H N N 13  
ARG N    N N N 14  
ARG CA   C N S 15  
ARG C    C N N 16  
ARG O    O N N 17  
ARG CB   C N N 18  
ARG CG   C N N 19  
ARG CD   C N N 20  
ARG NE   N N N 21  
ARG CZ   C N N 22  
ARG NH1  N N N 23  
ARG NH2  N N N 24  
ARG OXT  O N N 25  
ARG H    H N N 26  
ARG H2   H N N 27  
ARG HA   H N N 28  
ARG HB2  H N N 29  
ARG HB3  H N N 30  
ARG HG2  H N N 31  
ARG HG3  H N N 32  
ARG HD2  H N N 33  
ARG HD3  H N N 34  
ARG HE   H N N 35  
ARG HH11 H N N 36  
ARG HH12 H N N 37  
ARG HH21 H N N 38  
ARG HH22 H N N 39  
ARG HXT  H N N 40  
ASN N    N N N 41  
ASN CA   C N S 42  
ASN C    C N N 43  
ASN O    O N N 44  
ASN CB   C N N 45  
ASN CG   C N N 46  
ASN OD1  O N N 47  
ASN ND2  N N N 48  
ASN OXT  O N N 49  
ASN H    H N N 50  
ASN H2   H N N 51  
ASN HA   H N N 52  
ASN HB2  H N N 53  
ASN HB3  H N N 54  
ASN HD21 H N N 55  
ASN HD22 H N N 56  
ASN HXT  H N N 57  
ASP N    N N N 58  
ASP CA   C N S 59  
ASP C    C N N 60  
ASP O    O N N 61  
ASP CB   C N N 62  
ASP CG   C N N 63  
ASP OD1  O N N 64  
ASP OD2  O N N 65  
ASP OXT  O N N 66  
ASP H    H N N 67  
ASP H2   H N N 68  
ASP HA   H N N 69  
ASP HB2  H N N 70  
ASP HB3  H N N 71  
ASP HD2  H N N 72  
ASP HXT  H N N 73  
GLN N    N N N 74  
GLN CA   C N S 75  
GLN C    C N N 76  
GLN O    O N N 77  
GLN CB   C N N 78  
GLN CG   C N N 79  
GLN CD   C N N 80  
GLN OE1  O N N 81  
GLN NE2  N N N 82  
GLN OXT  O N N 83  
GLN H    H N N 84  
GLN H2   H N N 85  
GLN HA   H N N 86  
GLN HB2  H N N 87  
GLN HB3  H N N 88  
GLN HG2  H N N 89  
GLN HG3  H N N 90  
GLN HE21 H N N 91  
GLN HE22 H N N 92  
GLN HXT  H N N 93  
GLU N    N N N 94  
GLU CA   C N S 95  
GLU C    C N N 96  
GLU O    O N N 97  
GLU CB   C N N 98  
GLU CG   C N N 99  
GLU CD   C N N 100 
GLU OE1  O N N 101 
GLU OE2  O N N 102 
GLU OXT  O N N 103 
GLU H    H N N 104 
GLU H2   H N N 105 
GLU HA   H N N 106 
GLU HB2  H N N 107 
GLU HB3  H N N 108 
GLU HG2  H N N 109 
GLU HG3  H N N 110 
GLU HE2  H N N 111 
GLU HXT  H N N 112 
GLY N    N N N 113 
GLY CA   C N N 114 
GLY C    C N N 115 
GLY O    O N N 116 
GLY OXT  O N N 117 
GLY H    H N N 118 
GLY H2   H N N 119 
GLY HA2  H N N 120 
GLY HA3  H N N 121 
GLY HXT  H N N 122 
HIS N    N N N 123 
HIS CA   C N S 124 
HIS C    C N N 125 
HIS O    O N N 126 
HIS CB   C N N 127 
HIS CG   C Y N 128 
HIS ND1  N Y N 129 
HIS CD2  C Y N 130 
HIS CE1  C Y N 131 
HIS NE2  N Y N 132 
HIS OXT  O N N 133 
HIS H    H N N 134 
HIS H2   H N N 135 
HIS HA   H N N 136 
HIS HB2  H N N 137 
HIS HB3  H N N 138 
HIS HD1  H N N 139 
HIS HD2  H N N 140 
HIS HE1  H N N 141 
HIS HE2  H N N 142 
HIS HXT  H N N 143 
ILE N    N N N 144 
ILE CA   C N S 145 
ILE C    C N N 146 
ILE O    O N N 147 
ILE CB   C N S 148 
ILE CG1  C N N 149 
ILE CG2  C N N 150 
ILE CD1  C N N 151 
ILE OXT  O N N 152 
ILE H    H N N 153 
ILE H2   H N N 154 
ILE HA   H N N 155 
ILE HB   H N N 156 
ILE HG12 H N N 157 
ILE HG13 H N N 158 
ILE HG21 H N N 159 
ILE HG22 H N N 160 
ILE HG23 H N N 161 
ILE HD11 H N N 162 
ILE HD12 H N N 163 
ILE HD13 H N N 164 
ILE HXT  H N N 165 
LEU N    N N N 166 
LEU CA   C N S 167 
LEU C    C N N 168 
LEU O    O N N 169 
LEU CB   C N N 170 
LEU CG   C N N 171 
LEU CD1  C N N 172 
LEU CD2  C N N 173 
LEU OXT  O N N 174 
LEU H    H N N 175 
LEU H2   H N N 176 
LEU HA   H N N 177 
LEU HB2  H N N 178 
LEU HB3  H N N 179 
LEU HG   H N N 180 
LEU HD11 H N N 181 
LEU HD12 H N N 182 
LEU HD13 H N N 183 
LEU HD21 H N N 184 
LEU HD22 H N N 185 
LEU HD23 H N N 186 
LEU HXT  H N N 187 
LYS N    N N N 188 
LYS CA   C N S 189 
LYS C    C N N 190 
LYS O    O N N 191 
LYS CB   C N N 192 
LYS CG   C N N 193 
LYS CD   C N N 194 
LYS CE   C N N 195 
LYS NZ   N N N 196 
LYS OXT  O N N 197 
LYS H    H N N 198 
LYS H2   H N N 199 
LYS HA   H N N 200 
LYS HB2  H N N 201 
LYS HB3  H N N 202 
LYS HG2  H N N 203 
LYS HG3  H N N 204 
LYS HD2  H N N 205 
LYS HD3  H N N 206 
LYS HE2  H N N 207 
LYS HE3  H N N 208 
LYS HZ1  H N N 209 
LYS HZ2  H N N 210 
LYS HZ3  H N N 211 
LYS HXT  H N N 212 
MET N    N N N 213 
MET CA   C N S 214 
MET C    C N N 215 
MET O    O N N 216 
MET CB   C N N 217 
MET CG   C N N 218 
MET SD   S N N 219 
MET CE   C N N 220 
MET OXT  O N N 221 
MET H    H N N 222 
MET H2   H N N 223 
MET HA   H N N 224 
MET HB2  H N N 225 
MET HB3  H N N 226 
MET HG2  H N N 227 
MET HG3  H N N 228 
MET HE1  H N N 229 
MET HE2  H N N 230 
MET HE3  H N N 231 
MET HXT  H N N 232 
PHE N    N N N 233 
PHE CA   C N S 234 
PHE C    C N N 235 
PHE O    O N N 236 
PHE CB   C N N 237 
PHE CG   C Y N 238 
PHE CD1  C Y N 239 
PHE CD2  C Y N 240 
PHE CE1  C Y N 241 
PHE CE2  C Y N 242 
PHE CZ   C Y N 243 
PHE OXT  O N N 244 
PHE H    H N N 245 
PHE H2   H N N 246 
PHE HA   H N N 247 
PHE HB2  H N N 248 
PHE HB3  H N N 249 
PHE HD1  H N N 250 
PHE HD2  H N N 251 
PHE HE1  H N N 252 
PHE HE2  H N N 253 
PHE HZ   H N N 254 
PHE HXT  H N N 255 
PRO N    N N N 256 
PRO CA   C N S 257 
PRO C    C N N 258 
PRO O    O N N 259 
PRO CB   C N N 260 
PRO CG   C N N 261 
PRO CD   C N N 262 
PRO OXT  O N N 263 
PRO H    H N N 264 
PRO HA   H N N 265 
PRO HB2  H N N 266 
PRO HB3  H N N 267 
PRO HG2  H N N 268 
PRO HG3  H N N 269 
PRO HD2  H N N 270 
PRO HD3  H N N 271 
PRO HXT  H N N 272 
SER N    N N N 273 
SER CA   C N S 274 
SER C    C N N 275 
SER O    O N N 276 
SER CB   C N N 277 
SER OG   O N N 278 
SER OXT  O N N 279 
SER H    H N N 280 
SER H2   H N N 281 
SER HA   H N N 282 
SER HB2  H N N 283 
SER HB3  H N N 284 
SER HG   H N N 285 
SER HXT  H N N 286 
THR N    N N N 287 
THR CA   C N S 288 
THR C    C N N 289 
THR O    O N N 290 
THR CB   C N R 291 
THR OG1  O N N 292 
THR CG2  C N N 293 
THR OXT  O N N 294 
THR H    H N N 295 
THR H2   H N N 296 
THR HA   H N N 297 
THR HB   H N N 298 
THR HG1  H N N 299 
THR HG21 H N N 300 
THR HG22 H N N 301 
THR HG23 H N N 302 
THR HXT  H N N 303 
TRP N    N N N 304 
TRP CA   C N S 305 
TRP C    C N N 306 
TRP O    O N N 307 
TRP CB   C N N 308 
TRP CG   C Y N 309 
TRP CD1  C Y N 310 
TRP CD2  C Y N 311 
TRP NE1  N Y N 312 
TRP CE2  C Y N 313 
TRP CE3  C Y N 314 
TRP CZ2  C Y N 315 
TRP CZ3  C Y N 316 
TRP CH2  C Y N 317 
TRP OXT  O N N 318 
TRP H    H N N 319 
TRP H2   H N N 320 
TRP HA   H N N 321 
TRP HB2  H N N 322 
TRP HB3  H N N 323 
TRP HD1  H N N 324 
TRP HE1  H N N 325 
TRP HE3  H N N 326 
TRP HZ2  H N N 327 
TRP HZ3  H N N 328 
TRP HH2  H N N 329 
TRP HXT  H N N 330 
VAL N    N N N 331 
VAL CA   C N S 332 
VAL C    C N N 333 
VAL O    O N N 334 
VAL CB   C N N 335 
VAL CG1  C N N 336 
VAL CG2  C N N 337 
VAL OXT  O N N 338 
VAL H    H N N 339 
VAL H2   H N N 340 
VAL HA   H N N 341 
VAL HB   H N N 342 
VAL HG11 H N N 343 
VAL HG12 H N N 344 
VAL HG13 H N N 345 
VAL HG21 H N N 346 
VAL HG22 H N N 347 
VAL HG23 H N N 348 
VAL HXT  H N N 349 
# 
loop_
_chem_comp_bond.comp_id 
_chem_comp_bond.atom_id_1 
_chem_comp_bond.atom_id_2 
_chem_comp_bond.value_order 
_chem_comp_bond.pdbx_aromatic_flag 
_chem_comp_bond.pdbx_stereo_config 
_chem_comp_bond.pdbx_ordinal 
ALA N   CA   sing N N 1   
ALA N   H    sing N N 2   
ALA N   H2   sing N N 3   
ALA CA  C    sing N N 4   
ALA CA  CB   sing N N 5   
ALA CA  HA   sing N N 6   
ALA C   O    doub N N 7   
ALA C   OXT  sing N N 8   
ALA CB  HB1  sing N N 9   
ALA CB  HB2  sing N N 10  
ALA CB  HB3  sing N N 11  
ALA OXT HXT  sing N N 12  
ARG N   CA   sing N N 13  
ARG N   H    sing N N 14  
ARG N   H2   sing N N 15  
ARG CA  C    sing N N 16  
ARG CA  CB   sing N N 17  
ARG CA  HA   sing N N 18  
ARG C   O    doub N N 19  
ARG C   OXT  sing N N 20  
ARG CB  CG   sing N N 21  
ARG CB  HB2  sing N N 22  
ARG CB  HB3  sing N N 23  
ARG CG  CD   sing N N 24  
ARG CG  HG2  sing N N 25  
ARG CG  HG3  sing N N 26  
ARG CD  NE   sing N N 27  
ARG CD  HD2  sing N N 28  
ARG CD  HD3  sing N N 29  
ARG NE  CZ   sing N N 30  
ARG NE  HE   sing N N 31  
ARG CZ  NH1  sing N N 32  
ARG CZ  NH2  doub N N 33  
ARG NH1 HH11 sing N N 34  
ARG NH1 HH12 sing N N 35  
ARG NH2 HH21 sing N N 36  
ARG NH2 HH22 sing N N 37  
ARG OXT HXT  sing N N 38  
ASN N   CA   sing N N 39  
ASN N   H    sing N N 40  
ASN N   H2   sing N N 41  
ASN CA  C    sing N N 42  
ASN CA  CB   sing N N 43  
ASN CA  HA   sing N N 44  
ASN C   O    doub N N 45  
ASN C   OXT  sing N N 46  
ASN CB  CG   sing N N 47  
ASN CB  HB2  sing N N 48  
ASN CB  HB3  sing N N 49  
ASN CG  OD1  doub N N 50  
ASN CG  ND2  sing N N 51  
ASN ND2 HD21 sing N N 52  
ASN ND2 HD22 sing N N 53  
ASN OXT HXT  sing N N 54  
ASP N   CA   sing N N 55  
ASP N   H    sing N N 56  
ASP N   H2   sing N N 57  
ASP CA  C    sing N N 58  
ASP CA  CB   sing N N 59  
ASP CA  HA   sing N N 60  
ASP C   O    doub N N 61  
ASP C   OXT  sing N N 62  
ASP CB  CG   sing N N 63  
ASP CB  HB2  sing N N 64  
ASP CB  HB3  sing N N 65  
ASP CG  OD1  doub N N 66  
ASP CG  OD2  sing N N 67  
ASP OD2 HD2  sing N N 68  
ASP OXT HXT  sing N N 69  
GLN N   CA   sing N N 70  
GLN N   H    sing N N 71  
GLN N   H2   sing N N 72  
GLN CA  C    sing N N 73  
GLN CA  CB   sing N N 74  
GLN CA  HA   sing N N 75  
GLN C   O    doub N N 76  
GLN C   OXT  sing N N 77  
GLN CB  CG   sing N N 78  
GLN CB  HB2  sing N N 79  
GLN CB  HB3  sing N N 80  
GLN CG  CD   sing N N 81  
GLN CG  HG2  sing N N 82  
GLN CG  HG3  sing N N 83  
GLN CD  OE1  doub N N 84  
GLN CD  NE2  sing N N 85  
GLN NE2 HE21 sing N N 86  
GLN NE2 HE22 sing N N 87  
GLN OXT HXT  sing N N 88  
GLU N   CA   sing N N 89  
GLU N   H    sing N N 90  
GLU N   H2   sing N N 91  
GLU CA  C    sing N N 92  
GLU CA  CB   sing N N 93  
GLU CA  HA   sing N N 94  
GLU C   O    doub N N 95  
GLU C   OXT  sing N N 96  
GLU CB  CG   sing N N 97  
GLU CB  HB2  sing N N 98  
GLU CB  HB3  sing N N 99  
GLU CG  CD   sing N N 100 
GLU CG  HG2  sing N N 101 
GLU CG  HG3  sing N N 102 
GLU CD  OE1  doub N N 103 
GLU CD  OE2  sing N N 104 
GLU OE2 HE2  sing N N 105 
GLU OXT HXT  sing N N 106 
GLY N   CA   sing N N 107 
GLY N   H    sing N N 108 
GLY N   H2   sing N N 109 
GLY CA  C    sing N N 110 
GLY CA  HA2  sing N N 111 
GLY CA  HA3  sing N N 112 
GLY C   O    doub N N 113 
GLY C   OXT  sing N N 114 
GLY OXT HXT  sing N N 115 
HIS N   CA   sing N N 116 
HIS N   H    sing N N 117 
HIS N   H2   sing N N 118 
HIS CA  C    sing N N 119 
HIS CA  CB   sing N N 120 
HIS CA  HA   sing N N 121 
HIS C   O    doub N N 122 
HIS C   OXT  sing N N 123 
HIS CB  CG   sing N N 124 
HIS CB  HB2  sing N N 125 
HIS CB  HB3  sing N N 126 
HIS CG  ND1  sing Y N 127 
HIS CG  CD2  doub Y N 128 
HIS ND1 CE1  doub Y N 129 
HIS ND1 HD1  sing N N 130 
HIS CD2 NE2  sing Y N 131 
HIS CD2 HD2  sing N N 132 
HIS CE1 NE2  sing Y N 133 
HIS CE1 HE1  sing N N 134 
HIS NE2 HE2  sing N N 135 
HIS OXT HXT  sing N N 136 
ILE N   CA   sing N N 137 
ILE N   H    sing N N 138 
ILE N   H2   sing N N 139 
ILE CA  C    sing N N 140 
ILE CA  CB   sing N N 141 
ILE CA  HA   sing N N 142 
ILE C   O    doub N N 143 
ILE C   OXT  sing N N 144 
ILE CB  CG1  sing N N 145 
ILE CB  CG2  sing N N 146 
ILE CB  HB   sing N N 147 
ILE CG1 CD1  sing N N 148 
ILE CG1 HG12 sing N N 149 
ILE CG1 HG13 sing N N 150 
ILE CG2 HG21 sing N N 151 
ILE CG2 HG22 sing N N 152 
ILE CG2 HG23 sing N N 153 
ILE CD1 HD11 sing N N 154 
ILE CD1 HD12 sing N N 155 
ILE CD1 HD13 sing N N 156 
ILE OXT HXT  sing N N 157 
LEU N   CA   sing N N 158 
LEU N   H    sing N N 159 
LEU N   H2   sing N N 160 
LEU CA  C    sing N N 161 
LEU CA  CB   sing N N 162 
LEU CA  HA   sing N N 163 
LEU C   O    doub N N 164 
LEU C   OXT  sing N N 165 
LEU CB  CG   sing N N 166 
LEU CB  HB2  sing N N 167 
LEU CB  HB3  sing N N 168 
LEU CG  CD1  sing N N 169 
LEU CG  CD2  sing N N 170 
LEU CG  HG   sing N N 171 
LEU CD1 HD11 sing N N 172 
LEU CD1 HD12 sing N N 173 
LEU CD1 HD13 sing N N 174 
LEU CD2 HD21 sing N N 175 
LEU CD2 HD22 sing N N 176 
LEU CD2 HD23 sing N N 177 
LEU OXT HXT  sing N N 178 
LYS N   CA   sing N N 179 
LYS N   H    sing N N 180 
LYS N   H2   sing N N 181 
LYS CA  C    sing N N 182 
LYS CA  CB   sing N N 183 
LYS CA  HA   sing N N 184 
LYS C   O    doub N N 185 
LYS C   OXT  sing N N 186 
LYS CB  CG   sing N N 187 
LYS CB  HB2  sing N N 188 
LYS CB  HB3  sing N N 189 
LYS CG  CD   sing N N 190 
LYS CG  HG2  sing N N 191 
LYS CG  HG3  sing N N 192 
LYS CD  CE   sing N N 193 
LYS CD  HD2  sing N N 194 
LYS CD  HD3  sing N N 195 
LYS CE  NZ   sing N N 196 
LYS CE  HE2  sing N N 197 
LYS CE  HE3  sing N N 198 
LYS NZ  HZ1  sing N N 199 
LYS NZ  HZ2  sing N N 200 
LYS NZ  HZ3  sing N N 201 
LYS OXT HXT  sing N N 202 
MET N   CA   sing N N 203 
MET N   H    sing N N 204 
MET N   H2   sing N N 205 
MET CA  C    sing N N 206 
MET CA  CB   sing N N 207 
MET CA  HA   sing N N 208 
MET C   O    doub N N 209 
MET C   OXT  sing N N 210 
MET CB  CG   sing N N 211 
MET CB  HB2  sing N N 212 
MET CB  HB3  sing N N 213 
MET CG  SD   sing N N 214 
MET CG  HG2  sing N N 215 
MET CG  HG3  sing N N 216 
MET SD  CE   sing N N 217 
MET CE  HE1  sing N N 218 
MET CE  HE2  sing N N 219 
MET CE  HE3  sing N N 220 
MET OXT HXT  sing N N 221 
PHE N   CA   sing N N 222 
PHE N   H    sing N N 223 
PHE N   H2   sing N N 224 
PHE CA  C    sing N N 225 
PHE CA  CB   sing N N 226 
PHE CA  HA   sing N N 227 
PHE C   O    doub N N 228 
PHE C   OXT  sing N N 229 
PHE CB  CG   sing N N 230 
PHE CB  HB2  sing N N 231 
PHE CB  HB3  sing N N 232 
PHE CG  CD1  doub Y N 233 
PHE CG  CD2  sing Y N 234 
PHE CD1 CE1  sing Y N 235 
PHE CD1 HD1  sing N N 236 
PHE CD2 CE2  doub Y N 237 
PHE CD2 HD2  sing N N 238 
PHE CE1 CZ   doub Y N 239 
PHE CE1 HE1  sing N N 240 
PHE CE2 CZ   sing Y N 241 
PHE CE2 HE2  sing N N 242 
PHE CZ  HZ   sing N N 243 
PHE OXT HXT  sing N N 244 
PRO N   CA   sing N N 245 
PRO N   CD   sing N N 246 
PRO N   H    sing N N 247 
PRO CA  C    sing N N 248 
PRO CA  CB   sing N N 249 
PRO CA  HA   sing N N 250 
PRO C   O    doub N N 251 
PRO C   OXT  sing N N 252 
PRO CB  CG   sing N N 253 
PRO CB  HB2  sing N N 254 
PRO CB  HB3  sing N N 255 
PRO CG  CD   sing N N 256 
PRO CG  HG2  sing N N 257 
PRO CG  HG3  sing N N 258 
PRO CD  HD2  sing N N 259 
PRO CD  HD3  sing N N 260 
PRO OXT HXT  sing N N 261 
SER N   CA   sing N N 262 
SER N   H    sing N N 263 
SER N   H2   sing N N 264 
SER CA  C    sing N N 265 
SER CA  CB   sing N N 266 
SER CA  HA   sing N N 267 
SER C   O    doub N N 268 
SER C   OXT  sing N N 269 
SER CB  OG   sing N N 270 
SER CB  HB2  sing N N 271 
SER CB  HB3  sing N N 272 
SER OG  HG   sing N N 273 
SER OXT HXT  sing N N 274 
THR N   CA   sing N N 275 
THR N   H    sing N N 276 
THR N   H2   sing N N 277 
THR CA  C    sing N N 278 
THR CA  CB   sing N N 279 
THR CA  HA   sing N N 280 
THR C   O    doub N N 281 
THR C   OXT  sing N N 282 
THR CB  OG1  sing N N 283 
THR CB  CG2  sing N N 284 
THR CB  HB   sing N N 285 
THR OG1 HG1  sing N N 286 
THR CG2 HG21 sing N N 287 
THR CG2 HG22 sing N N 288 
THR CG2 HG23 sing N N 289 
THR OXT HXT  sing N N 290 
TRP N   CA   sing N N 291 
TRP N   H    sing N N 292 
TRP N   H2   sing N N 293 
TRP CA  C    sing N N 294 
TRP CA  CB   sing N N 295 
TRP CA  HA   sing N N 296 
TRP C   O    doub N N 297 
TRP C   OXT  sing N N 298 
TRP CB  CG   sing N N 299 
TRP CB  HB2  sing N N 300 
TRP CB  HB3  sing N N 301 
TRP CG  CD1  doub Y N 302 
TRP CG  CD2  sing Y N 303 
TRP CD1 NE1  sing Y N 304 
TRP CD1 HD1  sing N N 305 
TRP CD2 CE2  doub Y N 306 
TRP CD2 CE3  sing Y N 307 
TRP NE1 CE2  sing Y N 308 
TRP NE1 HE1  sing N N 309 
TRP CE2 CZ2  sing Y N 310 
TRP CE3 CZ3  doub Y N 311 
TRP CE3 HE3  sing N N 312 
TRP CZ2 CH2  doub Y N 313 
TRP CZ2 HZ2  sing N N 314 
TRP CZ3 CH2  sing Y N 315 
TRP CZ3 HZ3  sing N N 316 
TRP CH2 HH2  sing N N 317 
TRP OXT HXT  sing N N 318 
VAL N   CA   sing N N 319 
VAL N   H    sing N N 320 
VAL N   H2   sing N N 321 
VAL CA  C    sing N N 322 
VAL CA  CB   sing N N 323 
VAL CA  HA   sing N N 324 
VAL C   O    doub N N 325 
VAL C   OXT  sing N N 326 
VAL CB  CG1  sing N N 327 
VAL CB  CG2  sing N N 328 
VAL CB  HB   sing N N 329 
VAL CG1 HG11 sing N N 330 
VAL CG1 HG12 sing N N 331 
VAL CG1 HG13 sing N N 332 
VAL CG2 HG21 sing N N 333 
VAL CG2 HG22 sing N N 334 
VAL CG2 HG23 sing N N 335 
VAL OXT HXT  sing N N 336 
# 
_pdbx_audit_support.funding_organization   'National Research Foundation (NRF, Korea)' 
_pdbx_audit_support.country                'Korea, Republic Of' 
_pdbx_audit_support.grant_number           ? 
_pdbx_audit_support.ordinal                1 
# 
_pdbx_initial_refinement_model.id               1 
_pdbx_initial_refinement_model.entity_id_list   ? 
_pdbx_initial_refinement_model.type             'in silico model' 
_pdbx_initial_refinement_model.source_name      AlphaFold 
_pdbx_initial_refinement_model.accession_code   ? 
_pdbx_initial_refinement_model.details          ? 
# 
_atom_sites.entry_id                    8Z9B 
_atom_sites.Cartn_transf_matrix[1][1]   ? 
_atom_sites.Cartn_transf_matrix[1][2]   ? 
_atom_sites.Cartn_transf_matrix[1][3]   ? 
_atom_sites.Cartn_transf_matrix[2][1]   ? 
_atom_sites.Cartn_transf_matrix[2][2]   ? 
_atom_sites.Cartn_transf_matrix[2][3]   ? 
_atom_sites.Cartn_transf_matrix[3][1]   ? 
_atom_sites.Cartn_transf_matrix[3][2]   ? 
_atom_sites.Cartn_transf_matrix[3][3]   ? 
_atom_sites.Cartn_transf_vector[1]      ? 
_atom_sites.Cartn_transf_vector[2]      ? 
_atom_sites.Cartn_transf_vector[3]      ? 
_atom_sites.Cartn_transform_axes        ? 
_atom_sites.fract_transf_matrix[1][1]   0.00297698 
_atom_sites.fract_transf_matrix[1][2]   -0.00708260 
_atom_sites.fract_transf_matrix[1][3]   0.00629593 
_atom_sites.fract_transf_matrix[2][1]   0.00486866 
_atom_sites.fract_transf_matrix[2][2]   0.00680485 
_atom_sites.fract_transf_matrix[2][3]   0.00535300 
_atom_sites.fract_transf_matrix[3][1]   -0.00830687 
_atom_sites.fract_transf_matrix[3][2]   0.00151385 
_atom_sites.fract_transf_matrix[3][3]   0.00563084 
_atom_sites.fract_transf_vector[1]      -0.058374 
_atom_sites.fract_transf_vector[2]      0.268999 
_atom_sites.fract_transf_vector[3]      -0.075088 
_atom_sites.solution_primary            ? 
_atom_sites.solution_secondary          ? 
_atom_sites.solution_hydrogens          ? 
_atom_sites.special_details             ? 
# 
loop_
_atom_type.symbol 
_atom_type.pdbx_scat_Z 
_atom_type.pdbx_N_electrons 
_atom_type.scat_Cromer_Mann_a1 
_atom_type.scat_Cromer_Mann_b1 
_atom_type.scat_Cromer_Mann_a2 
_atom_type.scat_Cromer_Mann_b2 
_atom_type.scat_Cromer_Mann_a3 
_atom_type.scat_Cromer_Mann_b3 
_atom_type.scat_Cromer_Mann_a4 
_atom_type.scat_Cromer_Mann_b4 
_atom_type.scat_Cromer_Mann_c 
C 6  6  2.310  20.844 1.020 10.208 1.589 0.569  0.865 51.651 0.216   
H 1  1  0.493  10.511 0.323 26.126 0.140 3.142  0.041 57.800 0.003   
N 7  7  12.222 0.006  3.135 9.893  2.014 28.997 1.167 0.583  -11.538 
O 8  8  3.049  13.277 2.287 5.701  1.546 0.324  0.867 32.909 0.251   
S 16 16 6.905  1.468  5.203 22.215 1.438 0.254  1.586 56.172 1.056   
# 
loop_
_atom_site.group_PDB 
_atom_site.id 
_atom_site.type_symbol 
_atom_site.label_atom_id 
_atom_site.label_alt_id 
_atom_site.label_comp_id 
_atom_site.label_asym_id 
_atom_site.label_entity_id 
_atom_site.label_seq_id 
_atom_site.pdbx_PDB_ins_code 
_atom_site.Cartn_x 
_atom_site.Cartn_y 
_atom_site.Cartn_z 
_atom_site.occupancy 
_atom_site.B_iso_or_equiv 
_atom_site.pdbx_formal_charge 
_atom_site.auth_seq_id 
_atom_site.auth_comp_id 
_atom_site.auth_asym_id 
_atom_site.auth_atom_id 
_atom_site.pdbx_PDB_model_num 
_atom_site.calc_flag 
ATOM 1    N N   . ASP A 1 22  ? -4.521  26.095  -1.282  1.000 148.870 ? 1   ASP B N   1 ? 
ATOM 2    C CA  . ASP A 1 22  ? -4.707  24.761  -0.719  1.000 152.310 ? 1   ASP B CA  1 ? 
ATOM 3    C C   . ASP A 1 22  ? -3.591  23.817  -1.157  1.000 150.523 ? 1   ASP B C   1 ? 
ATOM 4    O O   . ASP A 1 22  ? -3.183  23.802  -2.320  1.000 149.915 ? 1   ASP B O   1 ? 
ATOM 5    C CB  . ASP A 1 22  ? -6.063  24.192  -1.124  1.000 157.198 ? 1   ASP B CB  1 ? 
ATOM 6    C CG  . ASP A 1 22  ? -6.219  24.096  -2.622  1.000 158.845 ? 1   ASP B CG  1 ? 
ATOM 7    O OD1 . ASP A 1 22  ? -5.801  23.066  -3.197  1.000 152.831 ? 1   ASP B OD1 1 ? 
ATOM 8    O OD2 . ASP A 1 22  ? -6.742  25.062  -3.223  1.000 162.888 ? 1   ASP B OD2 1 ? 
ATOM 9    N N   . VAL A 1 23  ? -3.120  23.016  -0.208  1.000 147.052 ? 2   VAL B N   1 ? 
ATOM 10   C CA  . VAL A 1 23  ? -1.933  22.177  -0.373  1.000 142.241 ? 2   VAL B CA  1 ? 
ATOM 11   C C   . VAL A 1 23  ? -2.276  20.814  0.218   1.000 141.354 ? 2   VAL B C   1 ? 
ATOM 12   O O   . VAL A 1 23  ? -3.023  20.753  1.205   1.000 152.047 ? 2   VAL B O   1 ? 
ATOM 13   C CB  . VAL A 1 23  ? -0.714  22.839  0.302   1.000 134.511 ? 2   VAL B CB  1 ? 
ATOM 14   C CG1 . VAL A 1 23  ? -1.071  23.307  1.706   1.000 132.742 ? 2   VAL B CG1 1 ? 
ATOM 15   C CG2 . VAL A 1 23  ? 0.498   21.933  0.339   1.000 130.431 ? 2   VAL B CG2 1 ? 
ATOM 16   N N   . PRO A 1 24  ? -1.810  19.698  -0.347  1.000 131.916 ? 3   PRO B N   1 ? 
ATOM 17   C CA  . PRO A 1 24  ? -2.099  18.403  0.268   1.000 119.635 ? 3   PRO B CA  1 ? 
ATOM 18   C C   . PRO A 1 24  ? -1.226  18.196  1.490   1.000 113.737 ? 3   PRO B C   1 ? 
ATOM 19   O O   . PRO A 1 24  ? -0.128  18.750  1.593   1.000 110.755 ? 3   PRO B O   1 ? 
ATOM 20   C CB  . PRO A 1 24  ? -1.743  17.404  -0.835  1.000 116.114 ? 3   PRO B CB  1 ? 
ATOM 21   C CG  . PRO A 1 24  ? -0.611  18.066  -1.537  1.000 120.996 ? 3   PRO B CG  1 ? 
ATOM 22   C CD  . PRO A 1 24  ? -0.927  19.546  -1.521  1.000 127.497 ? 3   PRO B CD  1 ? 
ATOM 23   N N   . THR A 1 25  ? -1.739  17.401  2.431   1.000 113.832 ? 4   THR B N   1 ? 
ATOM 24   C CA  . THR A 1 25  ? -0.940  17.027  3.584   1.000 116.119 ? 4   THR B CA  1 ? 
ATOM 25   C C   . THR A 1 25  ? -0.030  15.859  3.230   1.000 113.298 ? 4   THR B C   1 ? 
ATOM 26   O O   . THR A 1 25  ? -0.301  15.081  2.311   1.000 110.642 ? 4   THR B O   1 ? 
ATOM 27   C CB  . THR A 1 25  ? -1.812  16.649  4.782   1.000 126.468 ? 4   THR B CB  1 ? 
ATOM 28   O OG1 . THR A 1 25  ? -0.975  16.143  5.833   1.000 138.725 ? 4   THR B OG1 1 ? 
ATOM 29   C CG2 . THR A 1 25  ? -2.784  15.564  4.411   1.000 121.762 ? 4   THR B CG2 1 ? 
ATOM 30   N N   . ALA A 1 26  ? 1.076   15.764  3.972   1.000 118.140 ? 5   ALA B N   1 ? 
ATOM 31   C CA  . ALA A 1 26  ? 1.995   14.636  3.837   1.000 109.747 ? 5   ALA B CA  1 ? 
ATOM 32   C C   . ALA A 1 26  ? 1.256   13.308  3.789   1.000 106.181 ? 5   ALA B C   1 ? 
ATOM 33   O O   . ALA A 1 26  ? 1.554   12.453  2.950   1.000 108.218 ? 5   ALA B O   1 ? 
ATOM 34   C CB  . ALA A 1 26  ? 2.993   14.632  4.994   1.000 101.191 ? 5   ALA B CB  1 ? 
ATOM 35   N N   . ALA A 1 27  ? 0.294   13.110  4.696   1.000 108.666 ? 6   ALA B N   1 ? 
ATOM 36   C CA  . ALA A 1 27  ? -0.407  11.832  4.749   1.000 108.808 ? 6   ALA B CA  1 ? 
ATOM 37   C C   . ALA A 1 27  ? -1.149  11.568  3.451   1.000 113.743 ? 6   ALA B C   1 ? 
ATOM 38   O O   . ALA A 1 27  ? -1.131  10.442  2.935   1.000 122.117 ? 6   ALA B O   1 ? 
ATOM 39   C CB  . ALA A 1 27  ? -1.368  11.807  5.937   1.000 111.850 ? 6   ALA B CB  1 ? 
ATOM 40   N N   . GLN A 1 28  ? -1.798  12.598  2.904   1.000 111.492 ? 7   GLN B N   1 ? 
ATOM 41   C CA  . GLN A 1 28  ? -2.521  12.443  1.650   1.000 106.723 ? 7   GLN B CA  1 ? 
ATOM 42   C C   . GLN A 1 28  ? -1.604  11.937  0.543   1.000 99.901  ? 7   GLN B C   1 ? 
ATOM 43   O O   . GLN A 1 28  ? -1.976  11.037  -0.221  1.000 98.299  ? 7   GLN B O   1 ? 
ATOM 44   C CB  . GLN A 1 28  ? -3.156  13.774  1.251   1.000 114.390 ? 7   GLN B CB  1 ? 
ATOM 45   C CG  . GLN A 1 28  ? -4.512  14.040  1.884   1.000 117.122 ? 7   GLN B CG  1 ? 
ATOM 46   C CD  . GLN A 1 28  ? -5.032  15.431  1.576   1.000 116.772 ? 7   GLN B CD  1 ? 
ATOM 47   O OE1 . GLN A 1 28  ? -4.408  16.429  1.923   1.000 120.233 ? 7   GLN B OE1 1 ? 
ATOM 48   N NE2 . GLN A 1 28  ? -6.179  15.501  0.915   1.000 119.622 ? 7   GLN B NE2 1 ? 
ATOM 49   N N   . LEU A 1 29  ? -0.393  12.494  0.451   1.000 95.296  ? 8   LEU B N   1 ? 
ATOM 50   C CA  . LEU A 1 29  ? 0.497   12.144  -0.649  1.000 94.569  ? 8   LEU B CA  1 ? 
ATOM 51   C C   . LEU A 1 29  ? 1.055   10.740  -0.486  1.000 101.481 ? 8   LEU B C   1 ? 
ATOM 52   O O   . LEU A 1 29  ? 1.147   9.996   -1.467  1.000 109.729 ? 8   LEU B O   1 ? 
ATOM 53   C CB  . LEU A 1 29  ? 1.635   13.162  -0.760  1.000 88.061  ? 8   LEU B CB  1 ? 
ATOM 54   C CG  . LEU A 1 29  ? 1.189   14.553  -1.215  1.000 95.664  ? 8   LEU B CG  1 ? 
ATOM 55   C CD1 . LEU A 1 29  ? 2.386   15.442  -1.530  1.000 103.752 ? 8   LEU B CD1 1 ? 
ATOM 56   C CD2 . LEU A 1 29  ? 0.223   14.455  -2.401  1.000 90.708  ? 8   LEU B CD2 1 ? 
ATOM 57   N N   . THR A 1 30  ? 1.445   10.357  0.738   1.000 99.036  ? 9   THR B N   1 ? 
ATOM 58   C CA  . THR A 1 30  ? 2.026   9.031   0.913   1.000 98.754  ? 9   THR B CA  1 ? 
ATOM 59   C C   . THR A 1 30  ? 0.952   7.961   0.781   1.000 83.839  ? 9   THR B C   1 ? 
ATOM 60   O O   . THR A 1 30  ? 1.215   6.862   0.284   1.000 82.402  ? 9   THR B O   1 ? 
ATOM 61   C CB  . THR A 1 30  ? 2.756   8.925   2.263   1.000 101.860 ? 9   THR B CB  1 ? 
ATOM 62   O OG1 . THR A 1 30  ? 1.812   8.705   3.314   1.000 104.102 ? 9   THR B OG1 1 ? 
ATOM 63   C CG2 . THR A 1 30  ? 3.503   10.207  2.554   1.000 105.357 ? 9   THR B CG2 1 ? 
ATOM 64   N N   . SER A 1 31  ? -0.264  8.256   1.242   1.000 82.228  ? 10  SER B N   1 ? 
ATOM 65   C CA  . SER A 1 31  ? -1.388  7.361   0.982   1.000 85.452  ? 10  SER B CA  1 ? 
ATOM 66   C C   . SER A 1 31  ? -1.586  7.150   -0.515  1.000 89.782  ? 10  SER B C   1 ? 
ATOM 67   O O   . SER A 1 31  ? -1.967  6.058   -0.958  1.000 93.248  ? 10  SER B O   1 ? 
ATOM 68   C CB  . SER A 1 31  ? -2.657  7.930   1.608   1.000 84.442  ? 10  SER B CB  1 ? 
ATOM 69   O OG  . SER A 1 31  ? -3.773  7.189   1.171   1.000 95.777  ? 10  SER B OG  1 ? 
ATOM 70   N N   . LEU A 1 32  ? -1.343  8.196   -1.306  1.000 88.805  ? 11  LEU B N   1 ? 
ATOM 71   C CA  . LEU A 1 32  ? -1.469  8.092   -2.756  1.000 86.508  ? 11  LEU B CA  1 ? 
ATOM 72   C C   . LEU A 1 32  ? -0.344  7.258   -3.338  1.000 91.500  ? 11  LEU B C   1 ? 
ATOM 73   O O   . LEU A 1 32  ? -0.574  6.375   -4.180  1.000 94.090  ? 11  LEU B O   1 ? 
ATOM 74   C CB  . LEU A 1 32  ? -1.457  9.486   -3.376  1.000 94.877  ? 11  LEU B CB  1 ? 
ATOM 75   C CG  . LEU A 1 32  ? -1.309  9.532   -4.886  1.000 88.324  ? 11  LEU B CG  1 ? 
ATOM 76   C CD1 . LEU A 1 32  ? -2.588  9.025   -5.515  1.000 91.982  ? 11  LEU B CD1 1 ? 
ATOM 77   C CD2 . LEU A 1 32  ? -1.018  10.937  -5.329  1.000 83.010  ? 11  LEU B CD2 1 ? 
ATOM 78   N N   . LEU A 1 33  ? 0.891   7.528   -2.894  1.000 87.613  ? 12  LEU B N   1 ? 
ATOM 79   C CA  . LEU A 1 33  ? 2.036   6.811   -3.436  1.000 87.734  ? 12  LEU B CA  1 ? 
ATOM 80   C C   . LEU A 1 33  ? 1.963   5.339   -3.062  1.000 93.345  ? 12  LEU B C   1 ? 
ATOM 81   O O   . LEU A 1 33  ? 2.341   4.467   -3.855  1.000 98.607  ? 12  LEU B O   1 ? 
ATOM 82   C CB  . LEU A 1 33  ? 3.329   7.459   -2.947  1.000 87.661  ? 12  LEU B CB  1 ? 
ATOM 83   C CG  . LEU A 1 33  ? 3.501   8.908   -3.448  1.000 92.390  ? 12  LEU B CG  1 ? 
ATOM 84   C CD1 . LEU A 1 33  ? 4.453   9.717   -2.567  1.000 89.863  ? 12  LEU B CD1 1 ? 
ATOM 85   C CD2 . LEU A 1 33  ? 3.973   8.953   -4.904  1.000 89.361  ? 12  LEU B CD2 1 ? 
ATOM 86   N N   . ASN A 1 34  ? 1.454   5.048   -1.862  1.000 89.879  ? 13  ASN B N   1 ? 
ATOM 87   C CA  . ASN A 1 34  ? 1.160   3.680   -1.459  1.000 81.410  ? 13  ASN B CA  1 ? 
ATOM 88   C C   . ASN A 1 34  ? 0.274   2.984   -2.475  1.000 93.409  ? 13  ASN B C   1 ? 
ATOM 89   O O   . ASN A 1 34  ? 0.669   1.974   -3.064  1.000 94.451  ? 13  ASN B O   1 ? 
ATOM 90   C CB  . ASN A 1 34  ? 0.457   3.683   -0.111  1.000 80.939  ? 13  ASN B CB  1 ? 
ATOM 91   C CG  . ASN A 1 34  ? 1.415   3.718   1.044   1.000 77.436  ? 13  ASN B CG  1 ? 
ATOM 92   O OD1 . ASN A 1 34  ? 2.623   3.492   0.883   1.000 78.494  ? 13  ASN B OD1 1 ? 
ATOM 93   N ND2 . ASN A 1 34  ? 0.876   3.948   2.238   1.000 75.104  ? 13  ASN B ND2 1 ? 
ATOM 94   N N   . SER A 1 35  ? -0.950  3.512   -2.665  1.000 93.648  ? 14  SER B N   1 ? 
ATOM 95   C CA  . SER A 1 35  ? -1.886  2.934   -3.619  1.000 94.951  ? 14  SER B CA  1 ? 
ATOM 96   C C   . SER A 1 35  ? -1.238  2.736   -4.978  1.000 97.749  ? 14  SER B C   1 ? 
ATOM 97   O O   . SER A 1 35  ? -1.441  1.704   -5.629  1.000 103.376 ? 14  SER B O   1 ? 
ATOM 98   C CB  . SER A 1 35  ? -3.130  3.819   -3.765  1.000 98.530  ? 14  SER B CB  1 ? 
ATOM 99   O OG  . SER A 1 35  ? -3.702  4.124   -2.506  1.000 93.938  ? 14  SER B OG  1 ? 
ATOM 100  N N   . LEU A 1 36  ? -0.462  3.716   -5.436  1.000 92.848  ? 15  LEU B N   1 ? 
ATOM 101  C CA  . LEU A 1 36  ? 0.206   3.537   -6.720  1.000 87.692  ? 15  LEU B CA  1 ? 
ATOM 102  C C   . LEU A 1 36  ? 1.143   2.345   -6.662  1.000 88.861  ? 15  LEU B C   1 ? 
ATOM 103  O O   . LEU A 1 36  ? 1.194   1.528   -7.590  1.000 100.336 ? 15  LEU B O   1 ? 
ATOM 104  C CB  . LEU A 1 36  ? 0.964   4.807   -7.120  1.000 75.970  ? 15  LEU B CB  1 ? 
ATOM 105  C CG  . LEU A 1 36  ? 0.025   5.842   -7.761  1.000 84.981  ? 15  LEU B CG  1 ? 
ATOM 106  C CD1 . LEU A 1 36  ? 0.662   7.205   -7.816  1.000 83.007  ? 15  LEU B CD1 1 ? 
ATOM 107  C CD2 . LEU A 1 36  ? -0.443  5.408   -9.165  1.000 87.666  ? 15  LEU B CD2 1 ? 
ATOM 108  N N   . ALA A 1 37  ? 1.843   2.204   -5.555  1.000 88.495  ? 16  ALA B N   1 ? 
ATOM 109  C CA  . ALA A 1 37  ? 2.851   1.187   -5.338  1.000 81.441  ? 16  ALA B CA  1 ? 
ATOM 110  C C   . ALA A 1 37  ? 2.258   -0.193  -5.023  1.000 84.813  ? 16  ALA B C   1 ? 
ATOM 111  O O   . ALA A 1 37  ? 3.007   -1.099  -4.642  1.000 78.859  ? 16  ALA B O   1 ? 
ATOM 112  C CB  . ALA A 1 37  ? 3.774   1.646   -4.195  1.000 65.368  ? 16  ALA B CB  1 ? 
ATOM 113  N N   . ASP A 1 38  ? 0.949   -0.377  -5.136  1.000 84.802  ? 17  ASP B N   1 ? 
ATOM 114  C CA  . ASP A 1 38  ? 0.343   -1.615  -4.668  1.000 89.187  ? 17  ASP B CA  1 ? 
ATOM 115  C C   . ASP A 1 38  ? 0.462   -2.688  -5.748  1.000 102.454 ? 17  ASP B C   1 ? 
ATOM 116  O O   . ASP A 1 38  ? -0.151  -2.551  -6.815  1.000 104.023 ? 17  ASP B O   1 ? 
ATOM 117  C CB  . ASP A 1 38  ? -1.122  -1.389  -4.286  1.000 79.128  ? 17  ASP B CB  1 ? 
ATOM 118  C CG  . ASP A 1 38  ? -1.706  -2.572  -3.551  1.000 81.934  ? 17  ASP B CG  1 ? 
ATOM 119  O OD1 . ASP A 1 38  ? -1.167  -3.689  -3.746  1.000 85.094  ? 17  ASP B OD1 1 ? 
ATOM 120  O OD2 . ASP A 1 38  ? -2.693  -2.410  -2.786  1.000 80.565  ? 17  ASP B OD2 1 ? 
ATOM 121  N N   . PRO A 1 39  ? 1.220   -3.762  -5.513  1.000 99.925  ? 18  PRO B N   1 ? 
ATOM 122  C CA  . PRO A 1 39  ? 1.359   -4.803  -6.544  1.000 97.151  ? 18  PRO B CA  1 ? 
ATOM 123  C C   . PRO A 1 39  ? 0.112   -5.647  -6.713  1.000 98.149  ? 18  PRO B C   1 ? 
ATOM 124  O O   . PRO A 1 39  ? -0.098  -6.201  -7.791  1.000 96.501  ? 18  PRO B O   1 ? 
ATOM 125  C CB  . PRO A 1 39  ? 2.536   -5.654  -6.047  1.000 86.839  ? 18  PRO B CB  1 ? 
ATOM 126  C CG  . PRO A 1 39  ? 2.699   -5.326  -4.620  1.000 80.697  ? 18  PRO B CG  1 ? 
ATOM 127  C CD  . PRO A 1 39  ? 2.158   -3.943  -4.395  1.000 89.732  ? 18  PRO B CD  1 ? 
ATOM 128  N N   . ASN A 1 40  ? -0.706  -5.765  -5.659  1.000 100.133 ? 19  ASN B N   1 ? 
ATOM 129  C CA  . ASN A 1 40  ? -1.926  -6.573  -5.737  1.000 95.954  ? 19  ASN B CA  1 ? 
ATOM 130  C C   . ASN A 1 40  ? -2.893  -6.030  -6.777  1.000 95.177  ? 19  ASN B C   1 ? 
ATOM 131  O O   . ASN A 1 40  ? -3.773  -6.759  -7.249  1.000 104.713 ? 19  ASN B O   1 ? 
ATOM 132  C CB  . ASN A 1 40  ? -2.610  -6.632  -4.367  1.000 98.380  ? 19  ASN B CB  1 ? 
ATOM 133  C CG  . ASN A 1 40  ? -3.909  -7.471  -4.373  1.000 106.858 ? 19  ASN B CG  1 ? 
ATOM 134  O OD1 . ASN A 1 40  ? -4.991  -6.980  -4.016  1.000 101.652 ? 19  ASN B OD1 1 ? 
ATOM 135  N ND2 . ASN A 1 40  ? -3.795  -8.742  -4.783  1.000 103.491 ? 19  ASN B ND2 1 ? 
ATOM 136  N N   . VAL A 1 41  ? -2.755  -4.760  -7.143  1.000 96.530  ? 20  VAL B N   1 ? 
ATOM 137  C CA  . VAL A 1 41  ? -3.705  -4.088  -8.010  1.000 91.903  ? 20  VAL B CA  1 ? 
ATOM 138  C C   . VAL A 1 41  ? -2.987  -3.740  -9.300  1.000 96.206  ? 20  VAL B C   1 ? 
ATOM 139  O O   . VAL A 1 41  ? -1.846  -3.264  -9.280  1.000 99.391  ? 20  VAL B O   1 ? 
ATOM 140  C CB  . VAL A 1 41  ? -4.300  -2.830  -7.348  1.000 91.340  ? 20  VAL B CB  1 ? 
ATOM 141  C CG1 . VAL A 1 41  ? -4.967  -1.960  -8.386  1.000 87.205  ? 20  VAL B CG1 1 ? 
ATOM 142  C CG2 . VAL A 1 41  ? -5.302  -3.222  -6.277  1.000 88.613  ? 20  VAL B CG2 1 ? 
ATOM 143  N N   . SER A 1 42  ? -3.641  -4.024  -10.418 1.000 101.354 ? 21  SER B N   1 ? 
ATOM 144  C CA  . SER A 1 42  ? -3.096  -3.699  -11.721 1.000 104.210 ? 21  SER B CA  1 ? 
ATOM 145  C C   . SER A 1 42  ? -3.263  -2.212  -11.981 1.000 96.733  ? 21  SER B C   1 ? 
ATOM 146  O O   . SER A 1 42  ? -4.255  -1.594  -11.573 1.000 105.176 ? 21  SER B O   1 ? 
ATOM 147  C CB  . SER A 1 42  ? -3.802  -4.514  -12.803 1.000 117.669 ? 21  SER B CB  1 ? 
ATOM 148  O OG  . SER A 1 42  ? -3.657  -3.904  -14.070 1.000 132.313 ? 21  SER B OG  1 ? 
ATOM 149  N N   . PHE A 1 43  ? -2.286  -1.634  -12.675 1.000 89.766  ? 22  PHE B N   1 ? 
ATOM 150  C CA  . PHE A 1 43  ? -2.362  -0.200  -12.942 1.000 96.633  ? 22  PHE B CA  1 ? 
ATOM 151  C C   . PHE A 1 43  ? -3.581  0.176   -13.772 1.000 108.653 ? 22  PHE B C   1 ? 
ATOM 152  O O   . PHE A 1 43  ? -3.975  1.350   -13.772 1.000 115.730 ? 22  PHE B O   1 ? 
ATOM 153  C CB  . PHE A 1 43  ? -1.101  0.287   -13.649 1.000 95.888  ? 22  PHE B CB  1 ? 
ATOM 154  C CG  . PHE A 1 43  ? 0.039   0.557   -12.715 1.000 97.222  ? 22  PHE B CG  1 ? 
ATOM 155  C CD1 . PHE A 1 43  ? 0.717   -0.496  -12.108 1.000 99.096  ? 22  PHE B CD1 1 ? 
ATOM 156  C CD2 . PHE A 1 43  ? 0.431   1.850   -12.445 1.000 92.432  ? 22  PHE B CD2 1 ? 
ATOM 157  C CE1 . PHE A 1 43  ? 1.761   -0.271  -11.257 1.000 102.728 ? 22  PHE B CE1 1 ? 
ATOM 158  C CE2 . PHE A 1 43  ? 1.489   2.089   -11.580 1.000 99.654  ? 22  PHE B CE2 1 ? 
ATOM 159  C CZ  . PHE A 1 43  ? 2.152   1.027   -10.990 1.000 102.899 ? 22  PHE B CZ  1 ? 
ATOM 160  N N   . ALA A 1 44  ? -4.192  -0.783  -14.476 1.000 106.384 ? 23  ALA B N   1 ? 
ATOM 161  C CA  . ALA A 1 44  ? -5.452  -0.490  -15.147 1.000 105.965 ? 23  ALA B CA  1 ? 
ATOM 162  C C   . ALA A 1 44  ? -6.494  -0.010  -14.146 1.000 116.214 ? 23  ALA B C   1 ? 
ATOM 163  O O   . ALA A 1 44  ? -7.441  0.696   -14.511 1.000 114.816 ? 23  ALA B O   1 ? 
ATOM 164  C CB  . ALA A 1 44  ? -5.945  -1.724  -15.896 1.000 84.789  ? 23  ALA B CB  1 ? 
ATOM 165  N N   . ASN A 1 45  ? -6.320  -0.360  -12.875 1.000 117.893 ? 24  ASN B N   1 ? 
ATOM 166  C CA  . ASN A 1 45  ? -7.215  0.069   -11.815 1.000 121.338 ? 24  ASN B CA  1 ? 
ATOM 167  C C   . ASN A 1 45  ? -6.610  1.154   -10.931 1.000 117.890 ? 24  ASN B C   1 ? 
ATOM 168  O O   . ASN A 1 45  ? -7.166  1.462   -9.870  1.000 123.207 ? 24  ASN B O   1 ? 
ATOM 169  C CB  . ASN A 1 45  ? -7.622  -1.140  -10.985 1.000 123.873 ? 24  ASN B CB  1 ? 
ATOM 170  C CG  . ASN A 1 45  ? -8.106  -2.290  -11.851 1.000 124.662 ? 24  ASN B CG  1 ? 
ATOM 171  O OD1 . ASN A 1 45  ? -7.346  -3.200  -12.198 1.000 128.973 ? 24  ASN B OD1 1 ? 
ATOM 172  N ND2 . ASN A 1 45  ? -9.379  -2.245  -12.213 1.000 125.039 ? 24  ASN B ND2 1 ? 
ATOM 173  N N   . LYS A 1 46  ? -5.484  1.733   -11.337 1.000 105.631 ? 25  LYS B N   1 ? 
ATOM 174  C CA  . LYS A 1 46  ? -4.922  2.887   -10.663 1.000 100.062 ? 25  LYS B CA  1 ? 
ATOM 175  C C   . LYS A 1 46  ? -5.145  4.158   -11.463 1.000 106.402 ? 25  LYS B C   1 ? 
ATOM 176  O O   . LYS A 1 46  ? -4.515  5.182   -11.177 1.000 105.434 ? 25  LYS B O   1 ? 
ATOM 177  C CB  . LYS A 1 46  ? -3.426  2.694   -10.406 1.000 98.070  ? 25  LYS B CB  1 ? 
ATOM 178  C CG  . LYS A 1 46  ? -3.029  1.498   -9.551  1.000 91.795  ? 25  LYS B CG  1 ? 
ATOM 179  C CD  . LYS A 1 46  ? -1.499  1.342   -9.570  1.000 93.293  ? 25  LYS B CD  1 ? 
ATOM 180  C CE  . LYS A 1 46  ? -1.072  -0.041  -9.132  1.000 94.703  ? 25  LYS B CE  1 ? 
ATOM 181  N NZ  . LYS A 1 46  ? -1.401  -0.203  -7.698  1.000 100.475 ? 25  LYS B NZ  1 ? 
ATOM 182  N N   . GLY A 1 47  ? -6.015  4.114   -12.465 1.000 108.189 ? 26  GLY B N   1 ? 
ATOM 183  C CA  . GLY A 1 47  ? -6.200  5.279   -13.308 1.000 91.029  ? 26  GLY B CA  1 ? 
ATOM 184  C C   . GLY A 1 47  ? -6.570  6.522   -12.523 1.000 96.493  ? 26  GLY B C   1 ? 
ATOM 185  O O   . GLY A 1 47  ? -6.004  7.596   -12.737 1.000 105.086 ? 26  GLY B O   1 ? 
ATOM 186  N N   . SER A 1 48  ? -7.519  6.391   -11.600 1.000 98.375  ? 27  SER B N   1 ? 
ATOM 187  C CA  . SER A 1 48  ? -7.919  7.461   -10.691 1.000 104.149 ? 27  SER B CA  1 ? 
ATOM 188  C C   . SER A 1 48  ? -6.776  8.169   -9.952  1.000 107.673 ? 27  SER B C   1 ? 
ATOM 189  O O   . SER A 1 48  ? -6.988  9.246   -9.379  1.000 108.842 ? 27  SER B O   1 ? 
ATOM 190  C CB  . SER A 1 48  ? -8.897  6.896   -9.666  1.000 114.927 ? 27  SER B CB  1 ? 
ATOM 191  O OG  . SER A 1 48  ? -9.138  7.824   -8.625  1.000 121.672 ? 27  SER B OG  1 ? 
ATOM 192  N N   . LEU A 1 49  ? -5.571  7.592   -9.939  1.000 105.642 ? 28  LEU B N   1 ? 
ATOM 193  C CA  . LEU A 1 49  ? -4.469  8.156   -9.162  1.000 105.065 ? 28  LEU B CA  1 ? 
ATOM 194  C C   . LEU A 1 49  ? -3.515  9.024   -9.976  1.000 109.721 ? 28  LEU B C   1 ? 
ATOM 195  O O   . LEU A 1 49  ? -2.617  9.645   -9.393  1.000 110.076 ? 28  LEU B O   1 ? 
ATOM 196  C CB  . LEU A 1 49  ? -3.651  7.039   -8.494  1.000 98.096  ? 28  LEU B CB  1 ? 
ATOM 197  C CG  . LEU A 1 49  ? -4.407  5.919   -7.792  1.000 97.685  ? 28  LEU B CG  1 ? 
ATOM 198  C CD1 . LEU A 1 49  ? -3.456  4.792   -7.380  1.000 101.438 ? 28  LEU B CD1 1 ? 
ATOM 199  C CD2 . LEU A 1 49  ? -5.127  6.496   -6.589  1.000 90.145  ? 28  LEU B CD2 1 ? 
ATOM 200  N N   . VAL A 1 50  ? -3.654  9.066   -11.294 1.000 111.995 ? 29  VAL B N   1 ? 
ATOM 201  C CA  . VAL A 1 50  ? -2.705  9.766   -12.151 1.000 109.642 ? 29  VAL B CA  1 ? 
ATOM 202  C C   . VAL A 1 50  ? -3.467  10.761  -13.014 1.000 112.513 ? 29  VAL B C   1 ? 
ATOM 203  O O   . VAL A 1 50  ? -4.612  10.511  -13.408 1.000 105.994 ? 29  VAL B O   1 ? 
ATOM 204  C CB  . VAL A 1 50  ? -1.891  8.775   -13.009 1.000 104.168 ? 29  VAL B CB  1 ? 
ATOM 205  C CG1 . VAL A 1 50  ? -0.895  9.514   -13.908 1.000 98.117  ? 29  VAL B CG1 1 ? 
ATOM 206  C CG2 . VAL A 1 50  ? -1.159  7.790   -12.087 1.000 90.327  ? 29  VAL B CG2 1 ? 
ATOM 207  N N   . GLU A 1 51  ? -2.835  11.900  -13.289 1.000 116.782 ? 30  GLU B N   1 ? 
ATOM 208  C CA  . GLU A 1 51  ? -3.478  12.949  -14.068 1.000 109.466 ? 30  GLU B CA  1 ? 
ATOM 209  C C   . GLU A 1 51  ? -3.705  12.479  -15.501 1.000 110.318 ? 30  GLU B C   1 ? 
ATOM 210  O O   . GLU A 1 51  ? -2.755  12.133  -16.220 1.000 109.895 ? 30  GLU B O   1 ? 
ATOM 211  C CB  . GLU A 1 51  ? -2.630  14.216  -14.048 1.000 116.877 ? 30  GLU B CB  1 ? 
ATOM 212  C CG  . GLU A 1 51  ? -3.195  15.317  -14.930 1.000 128.294 ? 30  GLU B CG  1 ? 
ATOM 213  C CD  . GLU A 1 51  ? -2.365  16.585  -14.916 1.000 134.558 ? 30  GLU B CD  1 ? 
ATOM 214  O OE1 . GLU A 1 51  ? -2.937  17.664  -15.196 1.000 141.783 ? 30  GLU B OE1 1 ? 
ATOM 215  O OE2 . GLU A 1 51  ? -1.143  16.505  -14.655 1.000 132.466 ? 30  GLU B OE2 1 ? 
ATOM 216  N N   . GLY A 1 52  ? -4.969  12.485  -15.916 1.000 104.949 ? 31  GLY B N   1 ? 
ATOM 217  C CA  . GLY A 1 52  ? -5.323  11.982  -17.223 1.000 109.287 ? 31  GLY B CA  1 ? 
ATOM 218  C C   . GLY A 1 52  ? -5.430  10.475  -17.320 1.000 120.267 ? 31  GLY B C   1 ? 
ATOM 219  O O   . GLY A 1 52  ? -5.560  9.957   -18.439 1.000 124.131 ? 31  GLY B O   1 ? 
ATOM 220  N N   . GLY A 1 53  ? -5.386  9.753   -16.183 1.000 115.609 ? 32  GLY B N   1 ? 
ATOM 221  C CA  . GLY A 1 53  ? -5.434  8.297   -16.164 1.000 100.117 ? 32  GLY B CA  1 ? 
ATOM 222  C C   . GLY A 1 53  ? -4.198  7.672   -16.807 1.000 110.068 ? 32  GLY B C   1 ? 
ATOM 223  O O   . GLY A 1 53  ? -3.161  8.317   -17.010 1.000 110.782 ? 32  GLY B O   1 ? 
ATOM 224  N N   . ILE A 1 54  ? -4.326  6.384   -17.130 1.000 114.474 ? 33  ILE B N   1 ? 
ATOM 225  C CA  . ILE A 1 54  ? -3.207  5.569   -17.603 1.000 113.019 ? 33  ILE B CA  1 ? 
ATOM 226  C C   . ILE A 1 54  ? -3.677  4.756   -18.800 1.000 120.909 ? 33  ILE B C   1 ? 
ATOM 227  O O   . ILE A 1 54  ? -4.562  3.899   -18.667 1.000 130.658 ? 33  ILE B O   1 ? 
ATOM 228  C CB  . ILE A 1 54  ? -2.667  4.626   -16.508 1.000 97.359  ? 33  ILE B CB  1 ? 
ATOM 229  C CG1 . ILE A 1 54  ? -2.640  5.308   -15.140 1.000 98.764  ? 33  ILE B CG1 1 ? 
ATOM 230  C CG2 . ILE A 1 54  ? -1.275  4.097   -16.874 1.000 85.897  ? 33  ILE B CG2 1 ? 
ATOM 231  C CD1 . ILE A 1 54  ? -1.815  4.562   -14.094 1.000 105.876 ? 33  ILE B CD1 1 ? 
ATOM 232  N N   . GLY A 1 55  ? -3.104  5.016   -19.963 1.000 120.564 ? 34  GLY B N   1 ? 
ATOM 233  C CA  . GLY A 1 55  ? -3.482  4.262   -21.139 1.000 120.851 ? 34  GLY B CA  1 ? 
ATOM 234  C C   . GLY A 1 55  ? -3.020  2.822   -21.082 1.000 120.314 ? 34  GLY B C   1 ? 
ATOM 235  O O   . GLY A 1 55  ? -2.172  2.441   -20.276 1.000 121.112 ? 34  GLY B O   1 ? 
ATOM 236  N N   . GLY A 1 56  ? -3.610  2.008   -21.964 1.000 123.565 ? 35  GLY B N   1 ? 
ATOM 237  C CA  . GLY A 1 56  ? -3.260  0.595   -22.019 1.000 123.023 ? 35  GLY B CA  1 ? 
ATOM 238  C C   . GLY A 1 56  ? -1.785  0.342   -22.287 1.000 126.547 ? 35  GLY B C   1 ? 
ATOM 239  O O   . GLY A 1 56  ? -1.231  -0.670  -21.842 1.000 126.831 ? 35  GLY B O   1 ? 
ATOM 240  N N   . THR A 1 57  ? -1.131  1.238   -23.026 1.000 134.377 ? 36  THR B N   1 ? 
ATOM 241  C CA  . THR A 1 57  ? 0.319   1.167   -23.162 1.000 146.294 ? 36  THR B CA  1 ? 
ATOM 242  C C   . THR A 1 57  ? 0.936   1.405   -21.793 1.000 147.668 ? 36  THR B C   1 ? 
ATOM 243  O O   . THR A 1 57  ? 1.315   0.454   -21.103 1.000 143.330 ? 36  THR B O   1 ? 
ATOM 244  C CB  . THR A 1 57  ? 0.853   2.204   -24.153 1.000 154.255 ? 36  THR B CB  1 ? 
ATOM 245  O OG1 . THR A 1 57  ? 1.096   3.436   -23.465 1.000 164.112 ? 36  THR B OG1 1 ? 
ATOM 246  C CG2 . THR A 1 57  ? -0.145  2.469   -25.239 1.000 149.876 ? 36  THR B CG2 1 ? 
ATOM 247  N N   . GLU A 1 58  ? 1.011   2.684   -21.408 1.000 149.352 ? 37  GLU B N   1 ? 
ATOM 248  C CA  . GLU A 1 58  ? 1.462   3.191   -20.114 1.000 134.192 ? 37  GLU B CA  1 ? 
ATOM 249  C C   . GLU A 1 58  ? 1.230   2.188   -18.982 1.000 128.502 ? 37  GLU B C   1 ? 
ATOM 250  O O   . GLU A 1 58  ? 2.166   1.825   -18.263 1.000 128.300 ? 37  GLU B O   1 ? 
ATOM 251  C CB  . GLU A 1 58  ? 0.759   4.528   -19.835 1.000 136.809 ? 37  GLU B CB  1 ? 
ATOM 252  C CG  . GLU A 1 58  ? 1.008   5.639   -20.916 1.000 141.080 ? 37  GLU B CG  1 ? 
ATOM 253  C CD  . GLU A 1 58  ? -0.111  5.758   -21.982 1.000 141.227 ? 37  GLU B CD  1 ? 
ATOM 254  O OE1 . GLU A 1 58  ? -0.751  4.745   -22.322 1.000 139.533 ? 37  GLU B OE1 1 ? 
ATOM 255  O OE2 . GLU A 1 58  ? -0.351  6.866   -22.503 1.000 141.199 ? 37  GLU B OE2 1 ? 
ATOM 256  N N   . ALA A 1 59  ? -0.002  1.689   -18.851 1.000 124.454 ? 38  ALA B N   1 ? 
ATOM 257  C CA  . ALA A 1 59  ? -0.320  0.754   -17.773 1.000 108.342 ? 38  ALA B CA  1 ? 
ATOM 258  C C   . ALA A 1 59  ? 0.458   -0.553  -17.897 1.000 110.087 ? 38  ALA B C   1 ? 
ATOM 259  O O   . ALA A 1 59  ? 0.889   -1.122  -16.887 1.000 115.001 ? 38  ALA B O   1 ? 
ATOM 260  C CB  . ALA A 1 59  ? -1.826  0.467   -17.751 1.000 97.199  ? 38  ALA B CB  1 ? 
ATOM 261  N N   . ARG A 1 60  ? 0.608   -1.075  -19.115 1.000 113.914 ? 39  ARG B N   1 ? 
ATOM 262  C CA  . ARG A 1 60  ? 1.261   -2.373  -19.247 1.000 114.572 ? 39  ARG B CA  1 ? 
ATOM 263  C C   . ARG A 1 60  ? 2.708   -2.306  -18.778 1.000 107.252 ? 39  ARG B C   1 ? 
ATOM 264  O O   . ARG A 1 60  ? 3.208   -3.269  -18.181 1.000 102.107 ? 39  ARG B O   1 ? 
ATOM 265  C CB  . ARG A 1 60  ? 1.163   -2.881  -20.691 1.000 121.275 ? 39  ARG B CB  1 ? 
ATOM 266  C CG  . ARG A 1 60  ? 1.338   -4.392  -20.843 1.000 121.478 ? 39  ARG B CG  1 ? 
ATOM 267  C CD  . ARG A 1 60  ? 1.143   -4.868  -22.290 1.000 122.538 ? 39  ARG B CD  1 ? 
ATOM 268  N NE  . ARG A 1 60  ? -0.147  -5.529  -22.541 1.000 131.508 ? 39  ARG B NE  1 ? 
ATOM 269  C CZ  . ARG A 1 60  ? -1.236  -4.930  -23.031 1.000 141.006 ? 39  ARG B CZ  1 ? 
ATOM 270  N NH1 . ARG A 1 60  ? -1.219  -3.632  -23.315 1.000 143.733 ? 39  ARG B NH1 1 ? 
ATOM 271  N NH2 . ARG A 1 60  ? -2.351  -5.629  -23.243 1.000 140.383 ? 39  ARG B NH2 1 ? 
ATOM 272  N N   . ILE A 1 61  ? 3.379   -1.163  -18.981 1.000 98.804  ? 40  ILE B N   1 ? 
ATOM 273  C CA  . ILE A 1 61  ? 4.767   -1.040  -18.534 1.000 100.136 ? 40  ILE B CA  1 ? 
ATOM 274  C C   . ILE A 1 61  ? 4.851   -0.967  -17.012 1.000 111.427 ? 40  ILE B C   1 ? 
ATOM 275  O O   . ILE A 1 61  ? 5.643   -1.677  -16.376 1.000 104.431 ? 40  ILE B O   1 ? 
ATOM 276  C CB  . ILE A 1 61  ? 5.462   0.176   -19.167 1.000 98.370  ? 40  ILE B CB  1 ? 
ATOM 277  C CG1 . ILE A 1 61  ? 5.260   0.257   -20.680 1.000 110.497 ? 40  ILE B CG1 1 ? 
ATOM 278  C CG2 . ILE A 1 61  ? 6.963   0.165   -18.812 1.000 106.508 ? 40  ILE B CG2 1 ? 
ATOM 279  C CD1 . ILE A 1 61  ? 4.157   1.169   -21.139 1.000 122.062 ? 40  ILE B CD1 1 ? 
ATOM 280  N N   . ALA A 1 62  ? 4.067   -0.077  -16.407 1.000 111.424 ? 41  ALA B N   1 ? 
ATOM 281  C CA  . ALA A 1 62  ? 4.063   0.034   -14.958 1.000 107.823 ? 41  ALA B CA  1 ? 
ATOM 282  C C   . ALA A 1 62  ? 3.696   -1.290  -14.294 1.000 110.079 ? 41  ALA B C   1 ? 
ATOM 283  O O   . ALA A 1 62  ? 4.186   -1.602  -13.195 1.000 97.501  ? 41  ALA B O   1 ? 
ATOM 284  C CB  . ALA A 1 62  ? 3.095   1.139   -14.546 1.000 108.995 ? 41  ALA B CB  1 ? 
ATOM 285  N N   . ASP A 1 63  ? 2.843   -2.083  -14.938 1.000 110.834 ? 42  ASP B N   1 ? 
ATOM 286  C CA  . ASP A 1 63  ? 2.535   -3.399  -14.396 1.000 107.508 ? 42  ASP B CA  1 ? 
ATOM 287  C C   . ASP A 1 63  ? 3.770   -4.297  -14.429 1.000 100.578 ? 42  ASP B C   1 ? 
ATOM 288  O O   . ASP A 1 63  ? 4.070   -4.987  -13.454 1.000 98.801  ? 42  ASP B O   1 ? 
ATOM 289  C CB  . ASP A 1 63  ? 1.359   -4.027  -15.161 1.000 101.773 ? 42  ASP B CB  1 ? 
ATOM 290  C CG  . ASP A 1 63  ? 0.005   -3.788  -14.466 1.000 105.278 ? 42  ASP B CG  1 ? 
ATOM 291  O OD1 . ASP A 1 63  ? -0.028  -3.140  -13.396 1.000 102.525 ? 42  ASP B OD1 1 ? 
ATOM 292  O OD2 . ASP A 1 63  ? -1.034  -4.266  -14.976 1.000 109.892 ? 42  ASP B OD2 1 ? 
ATOM 293  N N   . HIS A 1 64  ? 4.522   -4.280  -15.531 1.000 105.423 ? 43  HIS B N   1 ? 
ATOM 294  C CA  . HIS A 1 64  ? 5.679   -5.165  -15.620 1.000 104.523 ? 43  HIS B CA  1 ? 
ATOM 295  C C   . HIS A 1 64  ? 6.781   -4.734  -14.659 1.000 101.212 ? 43  HIS B C   1 ? 
ATOM 296  O O   . HIS A 1 64  ? 7.365   -5.573  -13.966 1.000 102.273 ? 43  HIS B O   1 ? 
ATOM 297  C CB  . HIS A 1 64  ? 6.205   -5.214  -17.055 1.000 99.444  ? 43  HIS B CB  1 ? 
ATOM 298  C CG  . HIS A 1 64  ? 7.197   -6.314  -17.300 1.000 109.103 ? 43  HIS B CG  1 ? 
ATOM 299  N ND1 . HIS A 1 64  ? 8.559   -6.097  -17.334 1.000 111.248 ? 43  HIS B ND1 1 ? 
ATOM 300  C CD2 . HIS A 1 64  ? 7.023   -7.639  -17.521 1.000 113.487 ? 43  HIS B CD2 1 ? 
ATOM 301  C CE1 . HIS A 1 64  ? 9.180   -7.238  -17.577 1.000 112.932 ? 43  HIS B CE1 1 ? 
ATOM 302  N NE2 . HIS A 1 64  ? 8.271   -8.189  -17.691 1.000 114.787 ? 43  HIS B NE2 1 ? 
ATOM 303  N N   . LYS A 1 65  ? 7.063   -3.430  -14.581 1.000 93.669  ? 44  LYS B N   1 ? 
ATOM 304  C CA  . LYS A 1 65  ? 8.137   -2.971  -13.704 1.000 89.113  ? 44  LYS B CA  1 ? 
ATOM 305  C C   . LYS A 1 65  ? 7.803   -3.232  -12.232 1.000 95.430  ? 44  LYS B C   1 ? 
ATOM 306  O O   . LYS A 1 65  ? 8.649   -3.713  -11.475 1.000 95.930  ? 44  LYS B O   1 ? 
ATOM 307  C CB  . LYS A 1 65  ? 8.419   -1.491  -13.958 1.000 94.311  ? 44  LYS B CB  1 ? 
ATOM 308  C CG  . LYS A 1 65  ? 9.259   -1.244  -15.224 1.000 100.454 ? 44  LYS B CG  1 ? 
ATOM 309  C CD  . LYS A 1 65  ? 9.468   0.234   -15.527 1.000 92.158  ? 44  LYS B CD  1 ? 
ATOM 310  C CE  . LYS A 1 65  ? 10.663  0.414   -16.469 1.000 98.730  ? 44  LYS B CE  1 ? 
ATOM 311  N NZ  . LYS A 1 65  ? 11.228  1.815   -16.467 1.000 95.448  ? 44  LYS B NZ  1 ? 
ATOM 312  N N   . LEU A 1 66  ? 6.570   -2.934  -11.808 1.000 98.088  ? 45  LEU B N   1 ? 
ATOM 313  C CA  . LEU A 1 66  ? 6.138   -3.328  -10.467 1.000 91.471  ? 45  LEU B CA  1 ? 
ATOM 314  C C   . LEU A 1 66  ? 6.257   -4.833  -10.292 1.000 109.003 ? 45  LEU B C   1 ? 
ATOM 315  O O   . LEU A 1 66  ? 6.840   -5.315  -9.310  1.000 111.987 ? 45  LEU B O   1 ? 
ATOM 316  C CB  . LEU A 1 66  ? 4.690   -2.889  -10.209 1.000 81.194  ? 45  LEU B CB  1 ? 
ATOM 317  C CG  . LEU A 1 66  ? 4.227   -2.929  -8.743  1.000 85.502  ? 45  LEU B CG  1 ? 
ATOM 318  C CD1 . LEU A 1 66  ? 5.265   -2.261  -7.810  1.000 87.892  ? 45  LEU B CD1 1 ? 
ATOM 319  C CD2 . LEU A 1 66  ? 2.861   -2.265  -8.585  1.000 79.223  ? 45  LEU B CD2 1 ? 
ATOM 320  N N   . LYS A 1 67  ? 5.704   -5.588  -11.252 1.000 110.579 ? 46  LYS B N   1 ? 
ATOM 321  C CA  . LYS A 1 67  ? 5.816   -7.044  -11.247 1.000 107.845 ? 46  LYS B CA  1 ? 
ATOM 322  C C   . LYS A 1 67  ? 7.261   -7.471  -11.018 1.000 101.204 ? 46  LYS B C   1 ? 
ATOM 323  O O   . LYS A 1 67  ? 7.550   -8.209  -10.076 1.000 95.714  ? 46  LYS B O   1 ? 
ATOM 324  C CB  . LYS A 1 67  ? 5.271   -7.627  -12.560 1.000 113.887 ? 46  LYS B CB  1 ? 
ATOM 325  C CG  . LYS A 1 67  ? 5.217   -9.165  -12.643 1.000 116.753 ? 46  LYS B CG  1 ? 
ATOM 326  C CD  . LYS A 1 67  ? 4.475   -9.664  -13.914 1.000 113.990 ? 46  LYS B CD  1 ? 
ATOM 327  C CE  . LYS A 1 67  ? 5.090   -9.084  -15.199 1.000 116.864 ? 46  LYS B CE  1 ? 
ATOM 328  N NZ  . LYS A 1 67  ? 4.527   -9.643  -16.469 1.000 117.790 ? 46  LYS B NZ  1 ? 
ATOM 329  N N   . LYS A 1 68  ? 8.194   -6.961  -11.833 1.000 101.073 ? 47  LYS B N   1 ? 
ATOM 330  C CA  . LYS A 1 68  ? 9.596   -7.339  -11.667 1.000 106.097 ? 47  LYS B CA  1 ? 
ATOM 331  C C   . LYS A 1 68  ? 10.104  -6.959  -10.283 1.000 110.521 ? 47  LYS B C   1 ? 
ATOM 332  O O   . LYS A 1 68  ? 10.838  -7.726  -9.648  1.000 106.929 ? 47  LYS B O   1 ? 
ATOM 333  C CB  . LYS A 1 68  ? 10.465  -6.696  -12.752 1.000 106.368 ? 47  LYS B CB  1 ? 
ATOM 334  C CG  . LYS A 1 68  ? 10.057  -7.056  -14.197 1.000 115.822 ? 47  LYS B CG  1 ? 
ATOM 335  C CD  . LYS A 1 68  ? 9.582   -8.503  -14.360 1.000 113.153 ? 47  LYS B CD  1 ? 
ATOM 336  C CE  . LYS A 1 68  ? 10.730  -9.434  -14.727 1.000 123.444 ? 47  LYS B CE  1 ? 
ATOM 337  N NZ  . LYS A 1 68  ? 10.250  -10.734 -15.286 1.000 132.445 ? 47  LYS B NZ  1 ? 
ATOM 338  N N   . ALA A 1 69  ? 9.702   -5.793  -9.781  1.000 109.242 ? 48  ALA B N   1 ? 
ATOM 339  C CA  . ALA A 1 69  ? 10.209  -5.359  -8.487  1.000 104.347 ? 48  ALA B CA  1 ? 
ATOM 340  C C   . ALA A 1 69  ? 9.709   -6.277  -7.376  1.000 97.238  ? 48  ALA B C   1 ? 
ATOM 341  O O   . ALA A 1 69  ? 10.452  -6.590  -6.441  1.000 94.711  ? 48  ALA B O   1 ? 
ATOM 342  C CB  . ALA A 1 69  ? 9.825   -3.899  -8.224  1.000 100.496 ? 48  ALA B CB  1 ? 
ATOM 343  N N   . ALA A 1 70  ? 8.459   -6.728  -7.466  1.000 93.427  ? 49  ALA B N   1 ? 
ATOM 344  C CA  . ALA A 1 70  ? 7.986   -7.746  -6.528  1.000 98.830  ? 49  ALA B CA  1 ? 
ATOM 345  C C   . ALA A 1 70  ? 8.841   -9.003  -6.604  1.000 104.515 ? 49  ALA B C   1 ? 
ATOM 346  O O   . ALA A 1 70  ? 9.315   -9.508  -5.578  1.000 109.900 ? 49  ALA B O   1 ? 
ATOM 347  C CB  . ALA A 1 70  ? 6.519   -8.098  -6.793  1.000 86.550  ? 49  ALA B CB  1 ? 
ATOM 348  N N   . GLU A 1 71  ? 9.059   -9.514  -7.821  1.000 108.479 ? 50  GLU B N   1 ? 
ATOM 349  C CA  . GLU A 1 71  ? 9.785   -10.773 -7.971  1.000 118.635 ? 50  GLU B CA  1 ? 
ATOM 350  C C   . GLU A 1 71  ? 11.197  -10.686 -7.406  1.000 113.006 ? 50  GLU B C   1 ? 
ATOM 351  O O   . GLU A 1 71  ? 11.728  -11.692 -6.923  1.000 106.550 ? 50  GLU B O   1 ? 
ATOM 352  C CB  . GLU A 1 71  ? 9.831   -11.201 -9.443  1.000 123.725 ? 50  GLU B CB  1 ? 
ATOM 353  C CG  . GLU A 1 71  ? 8.584   -10.873 -10.212 1.000 130.242 ? 50  GLU B CG  1 ? 
ATOM 354  C CD  . GLU A 1 71  ? 8.214   -11.902 -11.259 1.000 143.494 ? 50  GLU B CD  1 ? 
ATOM 355  O OE1 . GLU A 1 71  ? 7.061   -12.387 -11.233 1.000 145.128 ? 50  GLU B OE1 1 ? 
ATOM 356  O OE2 . GLU A 1 71  ? 9.062   -12.200 -12.127 1.000 150.852 ? 50  GLU B OE2 1 ? 
ATOM 357  N N   . HIS A 1 72  ? 11.811  -9.498  -7.447  1.000 118.256 ? 51  HIS B N   1 ? 
ATOM 358  C CA  . HIS A 1 72  ? 13.158  -9.258  -6.934  1.000 116.659 ? 51  HIS B CA  1 ? 
ATOM 359  C C   . HIS A 1 72  ? 13.181  -8.881  -5.457  1.000 111.813 ? 51  HIS B C   1 ? 
ATOM 360  O O   . HIS A 1 72  ? 14.233  -8.463  -4.958  1.000 115.674 ? 51  HIS B O   1 ? 
ATOM 361  C CB  . HIS A 1 72  ? 13.839  -8.133  -7.727  1.000 121.965 ? 51  HIS B CB  1 ? 
ATOM 362  C CG  . HIS A 1 72  ? 14.250  -8.512  -9.118  1.000 133.800 ? 51  HIS B CG  1 ? 
ATOM 363  N ND1 . HIS A 1 72  ? 15.547  -8.382  -9.564  1.000 137.938 ? 51  HIS B ND1 1 ? 
ATOM 364  C CD2 . HIS A 1 72  ? 13.535  -8.979  -10.169 1.000 136.977 ? 51  HIS B CD2 1 ? 
ATOM 365  C CE1 . HIS A 1 72  ? 15.619  -8.773  -10.824 1.000 139.756 ? 51  HIS B CE1 1 ? 
ATOM 366  N NE2 . HIS A 1 72  ? 14.411  -9.138  -11.217 1.000 139.180 ? 51  HIS B NE2 1 ? 
ATOM 367  N N   . GLY A 1 73  ? 12.051  -8.963  -4.761  1.000 105.023 ? 52  GLY B N   1 ? 
ATOM 368  C CA  . GLY A 1 73  ? 12.013  -8.568  -3.368  1.000 102.370 ? 52  GLY B CA  1 ? 
ATOM 369  C C   . GLY A 1 73  ? 12.236  -7.097  -3.086  1.000 102.947 ? 52  GLY B C   1 ? 
ATOM 370  O O   . GLY A 1 73  ? 12.609  -6.749  -1.962  1.000 111.384 ? 52  GLY B O   1 ? 
ATOM 371  N N   . ASP A 1 74  ? 12.000  -6.214  -4.064  1.000 97.912  ? 53  ASP B N   1 ? 
ATOM 372  C CA  . ASP A 1 74  ? 12.135  -4.770  -3.860  1.000 87.608  ? 53  ASP B CA  1 ? 
ATOM 373  C C   . ASP A 1 74  ? 11.028  -4.180  -2.984  1.000 78.820  ? 53  ASP B C   1 ? 
ATOM 374  O O   . ASP A 1 74  ? 11.153  -3.026  -2.540  1.000 89.245  ? 53  ASP B O   1 ? 
ATOM 375  C CB  . ASP A 1 74  ? 12.148  -4.040  -5.215  1.000 93.224  ? 53  ASP B CB  1 ? 
ATOM 376  C CG  . ASP A 1 74  ? 13.394  -4.332  -6.038  1.000 99.520  ? 53  ASP B CG  1 ? 
ATOM 377  O OD1 . ASP A 1 74  ? 14.267  -5.070  -5.556  1.000 107.429 ? 53  ASP B OD1 1 ? 
ATOM 378  O OD2 . ASP A 1 74  ? 13.496  -3.832  -7.182  1.000 110.134 ? 53  ASP B OD2 1 ? 
ATOM 379  N N   . LEU A 1 75  ? 9.966   -4.928  -2.713  1.000 78.054  ? 54  LEU B N   1 ? 
ATOM 380  C CA  . LEU A 1 75  ? 8.787   -4.348  -2.087  1.000 89.253  ? 54  LEU B CA  1 ? 
ATOM 381  C C   . LEU A 1 75  ? 8.584   -4.853  -0.661  1.000 88.876  ? 54  LEU B C   1 ? 
ATOM 382  O O   . LEU A 1 75  ? 9.141   -5.883  -0.267  1.000 79.041  ? 54  LEU B O   1 ? 
ATOM 383  C CB  . LEU A 1 75  ? 7.533   -4.628  -2.934  1.000 84.284  ? 54  LEU B CB  1 ? 
ATOM 384  C CG  . LEU A 1 75  ? 7.719   -4.356  -4.437  1.000 93.490  ? 54  LEU B CG  1 ? 
ATOM 385  C CD1 . LEU A 1 75  ? 6.486   -4.665  -5.281  1.000 100.001 ? 54  LEU B CD1 1 ? 
ATOM 386  C CD2 . LEU A 1 75  ? 8.231   -2.942  -4.697  1.000 97.391  ? 54  LEU B CD2 1 ? 
ATOM 387  N N   . PRO A 1 76  ? 7.816   -4.121  0.166   1.000 82.597  ? 55  PRO B N   1 ? 
ATOM 388  C CA  . PRO A 1 76  ? 7.116   -2.866  -0.136  1.000 82.220  ? 55  PRO B CA  1 ? 
ATOM 389  C C   . PRO A 1 76  ? 8.027   -1.654  -0.046  1.000 88.155  ? 55  PRO B C   1 ? 
ATOM 390  O O   . PRO A 1 76  ? 8.847   -1.532  0.871   1.000 94.264  ? 55  PRO B O   1 ? 
ATOM 391  C CB  . PRO A 1 76  ? 6.045   -2.789  0.952   1.000 68.958  ? 55  PRO B CB  1 ? 
ATOM 392  C CG  . PRO A 1 76  ? 6.817   -3.365  2.162   1.000 69.050  ? 55  PRO B CG  1 ? 
ATOM 393  C CD  . PRO A 1 76  ? 7.714   -4.469  1.594   1.000 75.283  ? 55  PRO B CD  1 ? 
ATOM 394  N N   . LEU A 1 77  ? 7.856   -0.769  -1.016  1.000 84.676  ? 56  LEU B N   1 ? 
ATOM 395  C CA  . LEU A 1 77  ? 8.443   0.545   -0.954  1.000 84.584  ? 56  LEU B CA  1 ? 
ATOM 396  C C   . LEU A 1 77  ? 7.823   1.326   0.194   1.000 85.716  ? 56  LEU B C   1 ? 
ATOM 397  O O   . LEU A 1 77  ? 6.679   1.075   0.580   1.000 81.570  ? 56  LEU B O   1 ? 
ATOM 398  C CB  . LEU A 1 77  ? 8.221   1.253   -2.287  1.000 75.970  ? 56  LEU B CB  1 ? 
ATOM 399  C CG  . LEU A 1 77  ? 8.777   0.465   -3.484  1.000 76.096  ? 56  LEU B CG  1 ? 
ATOM 400  C CD1 . LEU A 1 77  ? 8.391   1.207   -4.758  1.000 78.167  ? 56  LEU B CD1 1 ? 
ATOM 401  C CD2 . LEU A 1 77  ? 10.310  0.410   -3.397  1.000 76.249  ? 56  LEU B CD2 1 ? 
ATOM 402  N N   . SER A 1 78  ? 8.592   2.288   0.734   1.000 76.204  ? 57  SER B N   1 ? 
ATOM 403  C CA  . SER A 1 78  ? 8.144   3.241   1.748   1.000 85.489  ? 57  SER B CA  1 ? 
ATOM 404  C C   . SER A 1 78  ? 8.457   4.676   1.306   1.000 88.003  ? 57  SER B C   1 ? 
ATOM 405  O O   . SER A 1 78  ? 9.550   4.957   0.798   1.000 81.905  ? 57  SER B O   1 ? 
ATOM 406  C CB  . SER A 1 78  ? 8.839   2.970   3.092   1.000 86.113  ? 57  SER B CB  1 ? 
ATOM 407  O OG  . SER A 1 78  ? 8.034   3.329   4.218   1.000 96.793  ? 57  SER B OG  1 ? 
ATOM 408  N N   . PHE A 1 79  ? 7.527   5.601   1.548   1.000 78.201  ? 58  PHE B N   1 ? 
ATOM 409  C CA  . PHE A 1 79  ? 7.628   6.979   1.056   1.000 78.436  ? 58  PHE B CA  1 ? 
ATOM 410  C C   . PHE A 1 79  ? 7.576   7.963   2.219   1.000 77.838  ? 58  PHE B C   1 ? 
ATOM 411  O O   . PHE A 1 79  ? 6.610   7.978   2.988   1.000 87.413  ? 58  PHE B O   1 ? 
ATOM 412  C CB  . PHE A 1 79  ? 6.494   7.295   0.061   1.000 62.107  ? 58  PHE B CB  1 ? 
ATOM 413  C CG  . PHE A 1 79  ? 6.442   6.341   -1.127  1.000 84.013  ? 58  PHE B CG  1 ? 
ATOM 414  C CD1 . PHE A 1 79  ? 7.265   6.532   -2.242  1.000 79.096  ? 58  PHE B CD1 1 ? 
ATOM 415  C CD2 . PHE A 1 79  ? 5.586   5.246   -1.123  1.000 69.858  ? 58  PHE B CD2 1 ? 
ATOM 416  C CE1 . PHE A 1 79  ? 7.228   5.656   -3.336  1.000 65.450  ? 58  PHE B CE1 1 ? 
ATOM 417  C CE2 . PHE A 1 79  ? 5.549   4.369   -2.205  1.000 73.627  ? 58  PHE B CE2 1 ? 
ATOM 418  C CZ  . PHE A 1 79  ? 6.379   4.575   -3.310  1.000 75.125  ? 58  PHE B CZ  1 ? 
ATOM 419  N N   . SER A 1 80  ? 8.591   8.800   2.338   1.000 83.260  ? 59  SER B N   1 ? 
ATOM 420  C CA  . SER A 1 80  ? 8.522   9.972   3.197   1.000 88.442  ? 59  SER B CA  1 ? 
ATOM 421  C C   . SER A 1 80  ? 8.461   11.185  2.291   1.000 87.718  ? 59  SER B C   1 ? 
ATOM 422  O O   . SER A 1 80  ? 9.310   11.317  1.400   1.000 89.913  ? 59  SER B O   1 ? 
ATOM 423  C CB  . SER A 1 80  ? 9.746   10.066  4.102   1.000 86.081  ? 59  SER B CB  1 ? 
ATOM 424  O OG  . SER A 1 80  ? 9.674   11.226  4.911   1.000 92.556  ? 59  SER B OG  1 ? 
ATOM 425  N N   . VAL A 1 81  ? 7.471   12.061  2.499   1.000 85.744  ? 60  VAL B N   1 ? 
ATOM 426  C CA  . VAL A 1 81  ? 7.286   13.237  1.646   1.000 99.907  ? 60  VAL B CA  1 ? 
ATOM 427  C C   . VAL A 1 81  ? 7.596   14.489  2.461   1.000 105.221 ? 60  VAL B C   1 ? 
ATOM 428  O O   . VAL A 1 81  ? 7.121   14.647  3.594   1.000 110.813 ? 60  VAL B O   1 ? 
ATOM 429  C CB  . VAL A 1 81  ? 5.871   13.286  1.026   1.000 104.189 ? 60  VAL B CB  1 ? 
ATOM 430  C CG1 . VAL A 1 81  ? 5.532   11.942  0.331   1.000 101.307 ? 60  VAL B CG1 1 ? 
ATOM 431  C CG2 . VAL A 1 81  ? 4.811   13.631  2.060   1.000 101.604 ? 60  VAL B CG2 1 ? 
ATOM 432  N N   . THR A 1 82  ? 8.421   15.365  1.900   1.000 102.096 ? 61  THR B N   1 ? 
ATOM 433  C CA  . THR A 1 82  ? 8.736   16.634  2.535   1.000 97.883  ? 61  THR B CA  1 ? 
ATOM 434  C C   . THR A 1 82  ? 8.684   17.740  1.485   1.000 102.365 ? 61  THR B C   1 ? 
ATOM 435  O O   . THR A 1 82  ? 8.431   17.493  0.301   1.000 104.744 ? 61  THR B O   1 ? 
ATOM 436  C CB  . THR A 1 82  ? 10.105  16.587  3.236   1.000 95.998  ? 61  THR B CB  1 ? 
ATOM 437  O OG1 . THR A 1 82  ? 11.133  16.275  2.289   1.000 107.747 ? 61  THR B OG1 1 ? 
ATOM 438  C CG2 . THR A 1 82  ? 10.123  15.520  4.314   1.000 75.388  ? 61  THR B CG2 1 ? 
ATOM 439  N N   . ASN A 1 83  ? 8.892   18.981  1.942   1.000 106.881 ? 62  ASN B N   1 ? 
ATOM 440  C CA  . ASN A 1 83  ? 9.022   20.154  1.063   1.000 100.054 ? 62  ASN B CA  1 ? 
ATOM 441  C C   . ASN A 1 83  ? 7.814   20.302  0.141   1.000 104.426 ? 62  ASN B C   1 ? 
ATOM 442  O O   . ASN A 1 83  ? 7.951   20.609  -1.048  1.000 103.547 ? 62  ASN B O   1 ? 
ATOM 443  C CB  . ASN A 1 83  ? 10.323  20.096  0.259   1.000 99.554  ? 62  ASN B CB  1 ? 
ATOM 444  C CG  . ASN A 1 83  ? 10.636  21.395  -0.455  1.000 108.605 ? 62  ASN B CG  1 ? 
ATOM 445  O OD1 . ASN A 1 83  ? 10.619  21.461  -1.688  1.000 116.485 ? 62  ASN B OD1 1 ? 
ATOM 446  N ND2 . ASN A 1 83  ? 10.900  22.446  0.317   1.000 111.179 ? 62  ASN B ND2 1 ? 
ATOM 447  N N   . ILE A 1 84  ? 6.620   20.051  0.695   1.000 110.592 ? 63  ILE B N   1 ? 
ATOM 448  C CA  . ILE A 1 84  ? 5.377   20.395  0.013   1.000 114.685 ? 63  ILE B CA  1 ? 
ATOM 449  C C   . ILE A 1 84  ? 5.407   21.873  -0.362  1.000 114.377 ? 63  ILE B C   1 ? 
ATOM 450  O O   . ILE A 1 84  ? 5.783   22.720  0.456   1.000 111.961 ? 63  ILE B O   1 ? 
ATOM 451  C CB  . ILE A 1 84  ? 4.172   20.032  0.904   1.000 123.136 ? 63  ILE B CB  1 ? 
ATOM 452  C CG1 . ILE A 1 84  ? 4.457   20.335  2.385   1.000 136.701 ? 63  ILE B CG1 1 ? 
ATOM 453  C CG2 . ILE A 1 84  ? 3.814   18.560  0.756   1.000 118.670 ? 63  ILE B CG2 1 ? 
ATOM 454  C CD1 . ILE A 1 84  ? 4.690   21.799  2.731   1.000 144.628 ? 63  ILE B CD1 1 ? 
ATOM 455  N N   . GLN A 1 85  ? 5.051   22.188  -1.612  1.000 118.064 ? 64  GLN B N   1 ? 
ATOM 456  C CA  . GLN A 1 85  ? 5.086   23.554  -2.128  1.000 113.585 ? 64  GLN B CA  1 ? 
ATOM 457  C C   . GLN A 1 85  ? 3.978   23.743  -3.147  1.000 115.951 ? 64  GLN B C   1 ? 
ATOM 458  O O   . GLN A 1 85  ? 3.615   22.785  -3.844  1.000 119.483 ? 64  GLN B O   1 ? 
ATOM 459  C CB  . GLN A 1 85  ? 6.437   23.880  -2.785  1.000 114.006 ? 64  GLN B CB  1 ? 
ATOM 460  C CG  . GLN A 1 85  ? 7.628   23.881  -1.840  1.000 112.119 ? 64  GLN B CG  1 ? 
ATOM 461  C CD  . GLN A 1 85  ? 7.498   24.934  -0.754  1.000 110.600 ? 64  GLN B CD  1 ? 
ATOM 462  O OE1 . GLN A 1 85  ? 6.755   25.899  -0.899  1.000 116.990 ? 64  GLN B OE1 1 ? 
ATOM 463  N NE2 . GLN A 1 85  ? 8.215   24.748  0.343   1.000 108.726 ? 64  GLN B NE2 1 ? 
ATOM 464  N N   . PRO A 1 86  ? 3.446   24.951  -3.289  1.000 122.086 ? 65  PRO B N   1 ? 
ATOM 465  C CA  . PRO A 1 86  ? 2.446   25.200  -4.332  1.000 119.941 ? 65  PRO B CA  1 ? 
ATOM 466  C C   . PRO A 1 86  ? 3.049   25.133  -5.727  1.000 124.365 ? 65  PRO B C   1 ? 
ATOM 467  O O   . PRO A 1 86  ? 4.268   25.136  -5.926  1.000 127.110 ? 65  PRO B O   1 ? 
ATOM 468  C CB  . PRO A 1 86  ? 1.947   26.617  -4.029  1.000 116.622 ? 65  PRO B CB  1 ? 
ATOM 469  C CG  . PRO A 1 86  ? 2.384   26.903  -2.636  1.000 120.143 ? 65  PRO B CG  1 ? 
ATOM 470  C CD  . PRO A 1 86  ? 3.648   26.135  -2.433  1.000 124.465 ? 65  PRO B CD  1 ? 
ATOM 471  N N   . ALA A 1 87  ? 2.147   25.069  -6.702  1.000 125.265 ? 66  ALA B N   1 ? 
ATOM 472  C CA  . ALA A 1 87  ? 2.470   25.252  -8.107  1.000 133.558 ? 66  ALA B CA  1 ? 
ATOM 473  C C   . ALA A 1 87  ? 1.266   25.898  -8.774  1.000 145.181 ? 66  ALA B C   1 ? 
ATOM 474  O O   . ALA A 1 87  ? 0.164   25.931  -8.217  1.000 147.160 ? 66  ALA B O   1 ? 
ATOM 475  C CB  . ALA A 1 87  ? 2.841   23.928  -8.785  1.000 132.958 ? 66  ALA B CB  1 ? 
ATOM 476  N N   . ALA A 1 88  ? 1.478   26.425  -9.976  1.000 152.395 ? 67  ALA B N   1 ? 
ATOM 477  C CA  . ALA A 1 88  ? 0.396   27.101  -10.671 1.000 159.195 ? 67  ALA B CA  1 ? 
ATOM 478  C C   . ALA A 1 88  ? -0.708  26.108  -11.028 1.000 157.864 ? 67  ALA B C   1 ? 
ATOM 479  O O   . ALA A 1 88  ? -0.524  24.889  -11.001 1.000 157.256 ? 67  ALA B O   1 ? 
ATOM 480  C CB  . ALA A 1 88  ? 0.916   27.806  -11.925 1.000 167.804 ? 67  ALA B CB  1 ? 
ATOM 481  N N   . ALA A 1 89  ? -1.877  26.658  -11.359 1.000 161.809 ? 68  ALA B N   1 ? 
ATOM 482  C CA  . ALA A 1 89  ? -3.046  25.865  -11.737 1.000 153.895 ? 68  ALA B CA  1 ? 
ATOM 483  C C   . ALA A 1 89  ? -3.350  24.799  -10.687 1.000 147.823 ? 68  ALA B C   1 ? 
ATOM 484  O O   . ALA A 1 89  ? -3.625  23.638  -11.006 1.000 147.139 ? 68  ALA B O   1 ? 
ATOM 485  C CB  . ALA A 1 89  ? -2.869  25.243  -13.127 1.000 152.597 ? 68  ALA B CB  1 ? 
ATOM 486  N N   . GLY A 1 90  ? -3.296  25.196  -9.419  1.000 141.746 ? 69  GLY B N   1 ? 
ATOM 487  C CA  . GLY A 1 90  ? -3.693  24.298  -8.346  1.000 133.087 ? 69  GLY B CA  1 ? 
ATOM 488  C C   . GLY A 1 90  ? -2.853  23.042  -8.256  1.000 125.049 ? 69  GLY B C   1 ? 
ATOM 489  O O   . GLY A 1 90  ? -3.377  21.965  -7.947  1.000 119.196 ? 69  GLY B O   1 ? 
ATOM 490  N N   . SER A 1 91  ? -1.566  23.147  -8.540  1.000 119.338 ? 70  SER B N   1 ? 
ATOM 491  C CA  . SER A 1 91  ? -0.674  22.010  -8.425  1.000 122.628 ? 70  SER B CA  1 ? 
ATOM 492  C C   . SER A 1 91  ? 0.218   22.177  -7.202  1.000 124.162 ? 70  SER B C   1 ? 
ATOM 493  O O   . SER A 1 91  ? 0.369   23.265  -6.642  1.000 132.266 ? 70  SER B O   1 ? 
ATOM 494  C CB  . SER A 1 91  ? 0.157   21.847  -9.703  1.000 122.215 ? 70  SER B CB  1 ? 
ATOM 495  O OG  . SER A 1 91  ? -0.539  21.058  -10.648 1.000 119.172 ? 70  SER B OG  1 ? 
ATOM 496  N N   . ALA A 1 92  ? 0.815   21.079  -6.786  1.000 116.830 ? 71  ALA B N   1 ? 
ATOM 497  C CA  . ALA A 1 92  ? 1.696   21.093  -5.634  1.000 112.711 ? 71  ALA B CA  1 ? 
ATOM 498  C C   . ALA A 1 92  ? 2.960   20.315  -5.953  1.000 112.182 ? 71  ALA B C   1 ? 
ATOM 499  O O   . ALA A 1 92  ? 2.947   19.392  -6.770  1.000 117.922 ? 71  ALA B O   1 ? 
ATOM 500  C CB  . ALA A 1 92  ? 1.008   20.507  -4.404  1.000 108.258 ? 71  ALA B CB  1 ? 
ATOM 501  N N   . THR A 1 93  ? 4.052   20.713  -5.303  1.000 104.207 ? 72  THR B N   1 ? 
ATOM 502  C CA  . THR A 1 93  ? 5.354   20.075  -5.398  1.000 96.917  ? 72  THR B CA  1 ? 
ATOM 503  C C   . THR A 1 93  ? 5.642   19.314  -4.102  1.000 99.230  ? 72  THR B C   1 ? 
ATOM 504  O O   . THR A 1 93  ? 5.141   19.671  -3.031  1.000 94.946  ? 72  THR B O   1 ? 
ATOM 505  C CB  . THR A 1 93  ? 6.416   21.136  -5.637  1.000 92.337  ? 72  THR B CB  1 ? 
ATOM 506  O OG1 . THR A 1 93  ? 5.912   22.059  -6.600  1.000 114.990 ? 72  THR B OG1 1 ? 
ATOM 507  C CG2 . THR A 1 93  ? 7.630   20.512  -6.193  1.000 100.354 ? 72  THR B CG2 1 ? 
ATOM 508  N N   . ALA A 1 94  ? 6.461   18.264  -4.199  1.000 96.567  ? 73  ALA B N   1 ? 
ATOM 509  C CA  . ALA A 1 94  ? 6.930   17.588  -2.986  1.000 91.382  ? 73  ALA B CA  1 ? 
ATOM 510  C C   . ALA A 1 94  ? 8.183   16.777  -3.276  1.000 92.169  ? 73  ALA B C   1 ? 
ATOM 511  O O   . ALA A 1 94  ? 8.404   16.319  -4.402  1.000 90.385  ? 73  ALA B O   1 ? 
ATOM 512  C CB  . ALA A 1 94  ? 5.882   16.656  -2.371  1.000 85.400  ? 73  ALA B CB  1 ? 
ATOM 513  N N   . ASP A 1 95  ? 9.002   16.612  -2.237  1.000 96.101  ? 74  ASP B N   1 ? 
ATOM 514  C CA  . ASP A 1 95  ? 10.139  15.697  -2.256  1.000 96.267  ? 74  ASP B CA  1 ? 
ATOM 515  C C   . ASP A 1 95  ? 9.692   14.375  -1.641  1.000 95.254  ? 74  ASP B C   1 ? 
ATOM 516  O O   . ASP A 1 95  ? 9.396   14.310  -0.441  1.000 96.851  ? 74  ASP B O   1 ? 
ATOM 517  C CB  . ASP A 1 95  ? 11.314  16.267  -1.470  1.000 96.309  ? 74  ASP B CB  1 ? 
ATOM 518  C CG  . ASP A 1 95  ? 11.845  17.551  -2.044  1.000 101.307 ? 74  ASP B CG  1 ? 
ATOM 519  O OD1 . ASP A 1 95  ? 12.791  18.094  -1.440  1.000 101.223 ? 74  ASP B OD1 1 ? 
ATOM 520  O OD2 . ASP A 1 95  ? 11.332  18.012  -3.082  1.000 107.276 ? 74  ASP B OD2 1 ? 
ATOM 521  N N   . VAL A 1 96  ? 9.656   13.312  -2.436  1.000 90.453  ? 75  VAL B N   1 ? 
ATOM 522  C CA  . VAL A 1 96  ? 9.315   11.995  -1.914  1.000 92.353  ? 75  VAL B CA  1 ? 
ATOM 523  C C   . VAL A 1 96  ? 10.596  11.174  -1.872  1.000 80.402  ? 75  VAL B C   1 ? 
ATOM 524  O O   . VAL A 1 96  ? 11.367  11.147  -2.841  1.000 84.789  ? 75  VAL B O   1 ? 
ATOM 525  C CB  . VAL A 1 96  ? 8.201   11.331  -2.749  1.000 100.694 ? 75  VAL B CB  1 ? 
ATOM 526  C CG1 . VAL A 1 96  ? 7.088   12.367  -3.053  1.000 90.071  ? 75  VAL B CG1 1 ? 
ATOM 527  C CG2 . VAL A 1 96  ? 8.731   10.661  -3.995  1.000 101.496 ? 75  VAL B CG2 1 ? 
ATOM 528  N N   . SER A 1 97  ? 10.878  10.587  -0.722  1.000 84.800  ? 76  SER B N   1 ? 
ATOM 529  C CA  . SER A 1 97  ? 12.026  9.713   -0.560  1.000 84.468  ? 76  SER B CA  1 ? 
ATOM 530  C C   . SER A 1 97  ? 11.501  8.303   -0.491  1.000 85.918  ? 76  SER B C   1 ? 
ATOM 531  O O   . SER A 1 97  ? 10.579  8.035   0.291   1.000 83.589  ? 76  SER B O   1 ? 
ATOM 532  C CB  . SER A 1 97  ? 12.801  10.031  0.713   1.000 87.447  ? 76  SER B CB  1 ? 
ATOM 533  O OG  . SER A 1 97  ? 13.844  10.932  0.416   1.000 107.137 ? 76  SER B OG  1 ? 
ATOM 534  N N   . VAL A 1 98  ? 12.064  7.411   -1.304  1.000 84.434  ? 77  VAL B N   1 ? 
ATOM 535  C CA  . VAL A 1 98  ? 11.556  6.058   -1.378  1.000 86.539  ? 77  VAL B CA  1 ? 
ATOM 536  C C   . VAL A 1 98  ? 12.615  5.123   -0.819  1.000 89.205  ? 77  VAL B C   1 ? 
ATOM 537  O O   . VAL A 1 98  ? 13.812  5.267   -1.112  1.000 85.579  ? 77  VAL B O   1 ? 
ATOM 538  C CB  . VAL A 1 98  ? 11.110  5.677   -2.806  1.000 93.832  ? 77  VAL B CB  1 ? 
ATOM 539  C CG1 . VAL A 1 98  ? 10.278  6.828   -3.458  1.000 83.134  ? 77  VAL B CG1 1 ? 
ATOM 540  C CG2 . VAL A 1 98  ? 12.242  5.160   -3.672  1.000 102.999 ? 77  VAL B CG2 1 ? 
ATOM 541  N N   . SER A 1 99  ? 12.168  4.191   0.016   1.000 96.772  ? 78  SER B N   1 ? 
ATOM 542  C CA  . SER A 1 99  ? 12.983  3.188   0.668   1.000 87.118  ? 78  SER B CA  1 ? 
ATOM 543  C C   . SER A 1 99  ? 12.389  1.812   0.405   1.000 81.757  ? 78  SER B C   1 ? 
ATOM 544  O O   . SER A 1 99  ? 11.273  1.671   -0.112  1.000 78.941  ? 78  SER B O   1 ? 
ATOM 545  C CB  . SER A 1 99  ? 13.071  3.463   2.169   1.000 73.622  ? 78  SER B CB  1 ? 
ATOM 546  O OG  . SER A 1 99  ? 13.112  4.859   2.368   1.000 98.657  ? 78  SER B OG  1 ? 
ATOM 547  N N   . GLY A 1 100 ? 13.136  0.795   0.800   1.000 71.001  ? 79  GLY B N   1 ? 
ATOM 548  C CA  . GLY A 1 100 ? 12.759  -0.564  0.533   1.000 70.514  ? 79  GLY B CA  1 ? 
ATOM 549  C C   . GLY A 1 100 ? 13.898  -1.501  0.865   1.000 77.933  ? 79  GLY B C   1 ? 
ATOM 550  O O   . GLY A 1 100 ? 15.046  -1.095  1.086   1.000 68.969  ? 79  GLY B O   1 ? 
ATOM 551  N N   . PRO A 1 101 ? 13.597  -2.791  0.887   1.000 83.126  ? 80  PRO B N   1 ? 
ATOM 552  C CA  . PRO A 1 101 ? 14.625  -3.771  1.254   1.000 78.891  ? 80  PRO B CA  1 ? 
ATOM 553  C C   . PRO A 1 101 ? 15.744  -3.881  0.230   1.000 93.445  ? 80  PRO B C   1 ? 
ATOM 554  O O   . PRO A 1 101 ? 16.806  -4.415  0.569   1.000 100.525 ? 80  PRO B O   1 ? 
ATOM 555  C CB  . PRO A 1 101 ? 13.837  -5.076  1.354   1.000 80.465  ? 80  PRO B CB  1 ? 
ATOM 556  C CG  . PRO A 1 101 ? 12.352  -4.696  1.215   1.000 79.296  ? 80  PRO B CG  1 ? 
ATOM 557  C CD  . PRO A 1 101 ? 12.347  -3.426  0.442   1.000 81.473  ? 80  PRO B CD  1 ? 
ATOM 558  N N   . LYS A 1 102 ? 15.536  -3.407  -1.008  1.000 103.107 ? 81  LYS B N   1 ? 
ATOM 559  C CA  . LYS A 1 102 ? 16.539  -3.441  -2.071  1.000 109.226 ? 81  LYS B CA  1 ? 
ATOM 560  C C   . LYS A 1 102 ? 17.438  -2.219  -2.048  1.000 106.858 ? 81  LYS B C   1 ? 
ATOM 561  O O   . LYS A 1 102 ? 18.566  -2.284  -2.543  1.000 126.415 ? 81  LYS B O   1 ? 
ATOM 562  C CB  . LYS A 1 102 ? 15.860  -3.548  -3.462  1.000 126.978 ? 81  LYS B CB  1 ? 
ATOM 563  C CG  . LYS A 1 102 ? 16.739  -3.197  -4.720  1.000 126.865 ? 81  LYS B CG  1 ? 
ATOM 564  C CD  . LYS A 1 102 ? 16.033  -2.327  -5.775  1.000 112.087 ? 81  LYS B CD  1 ? 
ATOM 565  C CE  . LYS A 1 102 ? 16.954  -2.064  -6.966  1.000 110.990 ? 81  LYS B CE  1 ? 
ATOM 566  N NZ  . LYS A 1 102 ? 18.034  -1.094  -6.644  1.000 101.994 ? 81  LYS B NZ  1 ? 
ATOM 567  N N   . LEU A 1 103 ? 16.982  -1.132  -1.439  1.000 101.931 ? 82  LEU B N   1 ? 
ATOM 568  C CA  . LEU A 1 103 ? 17.606  0.185   -1.547  1.000 100.952 ? 82  LEU B CA  1 ? 
ATOM 569  C C   . LEU A 1 103 ? 18.452  0.433   -0.309  1.000 98.178  ? 82  LEU B C   1 ? 
ATOM 570  O O   . LEU A 1 103 ? 17.906  0.670   0.775   1.000 97.377  ? 82  LEU B O   1 ? 
ATOM 571  C CB  . LEU A 1 103 ? 16.546  1.276   -1.695  1.000 85.463  ? 82  LEU B CB  1 ? 
ATOM 572  C CG  . LEU A 1 103 ? 16.015  1.611   -3.080  1.000 84.134  ? 82  LEU B CG  1 ? 
ATOM 573  C CD1 . LEU A 1 103 ? 15.783  0.368   -3.870  1.000 96.283  ? 82  LEU B CD1 1 ? 
ATOM 574  C CD2 . LEU A 1 103 ? 14.711  2.355   -2.948  1.000 88.342  ? 82  LEU B CD2 1 ? 
ATOM 575  N N   . SER A 1 104 ? 19.780  0.397   -0.476  1.000 99.575  ? 83  SER B N   1 ? 
ATOM 576  C CA  . SER A 1 104 ? 20.680  0.631   0.655   1.000 106.239 ? 83  SER B CA  1 ? 
ATOM 577  C C   . SER A 1 104 ? 20.440  2.001   1.279   1.000 109.813 ? 83  SER B C   1 ? 
ATOM 578  O O   . SER A 1 104 ? 20.376  2.128   2.508   1.000 116.098 ? 83  SER B O   1 ? 
ATOM 579  C CB  . SER A 1 104 ? 22.136  0.491   0.210   1.000 109.337 ? 83  SER B CB  1 ? 
ATOM 580  O OG  . SER A 1 104 ? 22.316  0.971   -1.114  1.000 119.833 ? 83  SER B OG  1 ? 
ATOM 581  N N   . SER A 1 105 ? 20.304  3.037   0.448   1.000 110.763 ? 84  SER B N   1 ? 
ATOM 582  C CA  . SER A 1 105 ? 20.003  4.398   0.872   1.000 109.934 ? 84  SER B CA  1 ? 
ATOM 583  C C   . SER A 1 105 ? 18.812  4.924   0.083   1.000 96.256  ? 84  SER B C   1 ? 
ATOM 584  O O   . SER A 1 105 ? 18.608  4.514   -1.066  1.000 103.639 ? 84  SER B O   1 ? 
ATOM 585  C CB  . SER A 1 105 ? 21.217  5.330   0.676   1.000 110.024 ? 84  SER B CB  1 ? 
ATOM 586  O OG  . SER A 1 105 ? 21.970  4.975   -0.477  1.000 110.366 ? 84  SER B OG  1 ? 
ATOM 587  N N   . PRO A 1 106 ? 18.007  5.820   0.669   1.000 94.559  ? 85  PRO B N   1 ? 
ATOM 588  C CA  . PRO A 1 106 ? 16.779  6.260   -0.007  1.000 98.564  ? 85  PRO B CA  1 ? 
ATOM 589  C C   . PRO A 1 106 ? 17.086  7.109   -1.227  1.000 91.748  ? 85  PRO B C   1 ? 
ATOM 590  O O   . PRO A 1 106 ? 18.146  7.728   -1.335  1.000 100.473 ? 85  PRO B O   1 ? 
ATOM 591  C CB  . PRO A 1 106 ? 16.048  7.087   1.064   1.000 96.475  ? 85  PRO B CB  1 ? 
ATOM 592  C CG  . PRO A 1 106 ? 16.698  6.737   2.349   1.000 97.170  ? 85  PRO B CG  1 ? 
ATOM 593  C CD  . PRO A 1 106 ? 18.133  6.451   1.990   1.000 101.925 ? 85  PRO B CD  1 ? 
ATOM 594  N N   . VAL A 1 107 ? 16.121  7.149   -2.139  1.000 82.907  ? 86  VAL B N   1 ? 
ATOM 595  C CA  . VAL A 1 107 ? 16.210  7.911   -3.378  1.000 88.237  ? 86  VAL B CA  1 ? 
ATOM 596  C C   . VAL A 1 107 ? 15.152  8.999   -3.309  1.000 88.090  ? 86  VAL B C   1 ? 
ATOM 597  O O   . VAL A 1 107 ? 13.964  8.712   -3.093  1.000 82.360  ? 86  VAL B O   1 ? 
ATOM 598  C CB  . VAL A 1 107 ? 16.006  7.016   -4.608  1.000 88.161  ? 86  VAL B CB  1 ? 
ATOM 599  C CG1 . VAL A 1 107 ? 15.441  7.778   -5.746  1.000 80.757  ? 86  VAL B CG1 1 ? 
ATOM 600  C CG2 . VAL A 1 107 ? 17.310  6.371   -5.008  1.000 101.520 ? 86  VAL B CG2 1 ? 
ATOM 601  N N   . THR A 1 108 ? 15.574  10.247  -3.473  1.000 90.769  ? 87  THR B N   1 ? 
ATOM 602  C CA  . THR A 1 108 ? 14.661  11.380  -3.384  1.000 94.388  ? 87  THR B CA  1 ? 
ATOM 603  C C   . THR A 1 108 ? 14.425  11.973  -4.765  1.000 88.584  ? 87  THR B C   1 ? 
ATOM 604  O O   . THR A 1 108 ? 15.383  12.284  -5.490  1.000 87.911  ? 87  THR B O   1 ? 
ATOM 605  C CB  . THR A 1 108 ? 15.201  12.441  -2.435  1.000 99.596  ? 87  THR B CB  1 ? 
ATOM 606  O OG1 . THR A 1 108 ? 15.472  11.822  -1.174  1.000 107.000 ? 87  THR B OG1 1 ? 
ATOM 607  C CG2 . THR A 1 108 ? 14.203  13.537  -2.251  1.000 101.633 ? 87  THR B CG2 1 ? 
ATOM 608  N N   . ARG A 1 109 ? 13.148  12.105  -5.127  1.000 87.418  ? 88  ARG B N   1 ? 
ATOM 609  C CA  . ARG A 1 109 ? 12.715  12.849  -6.299  1.000 79.810  ? 88  ARG B CA  1 ? 
ATOM 610  C C   . ARG A 1 109 ? 11.832  14.013  -5.865  1.000 82.468  ? 88  ARG B C   1 ? 
ATOM 611  O O   . ARG A 1 109 ? 11.210  13.984  -4.796  1.000 88.097  ? 88  ARG B O   1 ? 
ATOM 612  C CB  . ARG A 1 109 ? 11.934  11.967  -7.274  1.000 72.803  ? 88  ARG B CB  1 ? 
ATOM 613  C CG  . ARG A 1 109 ? 12.608  10.645  -7.567  1.000 84.984  ? 88  ARG B CG  1 ? 
ATOM 614  C CD  . ARG A 1 109 ? 13.710  10.803  -8.605  1.000 81.449  ? 88  ARG B CD  1 ? 
ATOM 615  N NE  . ARG A 1 109 ? 13.199  11.400  -9.828  1.000 88.566  ? 88  ARG B NE  1 ? 
ATOM 616  C CZ  . ARG A 1 109 ? 13.790  11.256  -11.006 1.000 92.995  ? 88  ARG B CZ  1 ? 
ATOM 617  N NH1 . ARG A 1 109 ? 14.909  10.534  -11.087 1.000 78.173  ? 88  ARG B NH1 1 ? 
ATOM 618  N NH2 . ARG A 1 109 ? 13.262  11.822  -12.094 1.000 102.473 ? 88  ARG B NH2 1 ? 
ATOM 619  N N   . ASN A 1 110 ? 11.765  15.028  -6.713  1.000 86.976  ? 89  ASN B N   1 ? 
ATOM 620  C CA  . ASN A 1 110 ? 10.788  16.093  -6.573  1.000 86.631  ? 89  ASN B CA  1 ? 
ATOM 621  C C   . ASN A 1 110 ? 9.759   15.907  -7.684  1.000 94.872  ? 89  ASN B C   1 ? 
ATOM 622  O O   . ASN A 1 110 ? 10.098  15.956  -8.870  1.000 94.564  ? 89  ASN B O   1 ? 
ATOM 623  C CB  . ASN A 1 110 ? 11.475  17.466  -6.630  1.000 88.524  ? 89  ASN B CB  1 ? 
ATOM 624  C CG  . ASN A 1 110 ? 10.485  18.637  -6.549  1.000 87.561  ? 89  ASN B CG  1 ? 
ATOM 625  O OD1 . ASN A 1 110 ? 9.962   19.082  -7.574  1.000 91.232  ? 89  ASN B OD1 1 ? 
ATOM 626  N ND2 . ASN A 1 110 ? 10.208  19.124  -5.326  1.000 74.822  ? 89  ASN B ND2 1 ? 
ATOM 627  N N   . VAL A 1 111 ? 8.519   15.643  -7.303  1.000 99.873  ? 90  VAL B N   1 ? 
ATOM 628  C CA  . VAL A 1 111 ? 7.454   15.362  -8.249  1.000 97.077  ? 90  VAL B CA  1 ? 
ATOM 629  C C   . VAL A 1 111 ? 6.334   16.318  -7.907  1.000 100.786 ? 90  VAL B C   1 ? 
ATOM 630  O O   . VAL A 1 111 ? 6.206   16.762  -6.756  1.000 105.700 ? 90  VAL B O   1 ? 
ATOM 631  C CB  . VAL A 1 111 ? 6.960   13.909  -8.160  1.000 97.133  ? 90  VAL B CB  1 ? 
ATOM 632  C CG1 . VAL A 1 111 ? 8.069   12.955  -8.524  1.000 102.136 ? 90  VAL B CG1 1 ? 
ATOM 633  C CG2 . VAL A 1 111 ? 6.483   13.625  -6.740  1.000 91.716  ? 90  VAL B CG2 1 ? 
ATOM 634  N N   . THR A 1 112 ? 5.529   16.648  -8.908  1.000 95.885  ? 91  THR B N   1 ? 
ATOM 635  C CA  . THR A 1 112 ? 4.393   17.522  -8.701  1.000 104.213 ? 91  THR B CA  1 ? 
ATOM 636  C C   . THR A 1 112 ? 3.095   16.746  -8.809  1.000 99.396  ? 91  THR B C   1 ? 
ATOM 637  O O   . THR A 1 112 ? 2.961   15.841  -9.640  1.000 88.792  ? 91  THR B O   1 ? 
ATOM 638  C CB  . THR A 1 112 ? 4.379   18.667  -9.700  1.000 114.108 ? 91  THR B CB  1 ? 
ATOM 639  O OG1 . THR A 1 112 ? 4.605   18.138  -11.015 1.000 107.905 ? 91  THR B OG1 1 ? 
ATOM 640  C CG2 . THR A 1 112 ? 5.520   19.665  -9.293  1.000 118.870 ? 91  THR B CG2 1 ? 
ATOM 641  N N   . PHE A 1 113 ? 2.142   17.113  -7.958  1.000 96.698  ? 92  PHE B N   1 ? 
ATOM 642  C CA  . PHE A 1 113 ? 0.855   16.459  -7.855  1.000 100.820 ? 92  PHE B CA  1 ? 
ATOM 643  C C   . PHE A 1 113 ? -0.228  17.423  -8.318  1.000 110.140 ? 92  PHE B C   1 ? 
ATOM 644  O O   . PHE A 1 113 ? -0.070  18.649  -8.272  1.000 113.045 ? 92  PHE B O   1 ? 
ATOM 645  C CB  . PHE A 1 113 ? 0.562   16.039  -6.405  1.000 97.235  ? 92  PHE B CB  1 ? 
ATOM 646  C CG  . PHE A 1 113 ? 1.536   15.043  -5.835  1.000 101.331 ? 92  PHE B CG  1 ? 
ATOM 647  C CD1 . PHE A 1 113 ? 1.182   13.701  -5.672  1.000 100.488 ? 92  PHE B CD1 1 ? 
ATOM 648  C CD2 . PHE A 1 113 ? 2.828   15.445  -5.506  1.000 102.883 ? 92  PHE B CD2 1 ? 
ATOM 649  C CE1 . PHE A 1 113 ? 2.112   12.788  -5.154  1.000 106.994 ? 92  PHE B CE1 1 ? 
ATOM 650  C CE2 . PHE A 1 113 ? 3.756   14.548  -4.975  1.000 102.833 ? 92  PHE B CE2 1 ? 
ATOM 651  C CZ  . PHE A 1 113 ? 3.389   13.213  -4.786  1.000 102.383 ? 92  PHE B CZ  1 ? 
ATOM 652  N N   . VAL A 1 114 ? -1.338  16.865  -8.759  1.000 111.613 ? 93  VAL B N   1 ? 
ATOM 653  C CA  . VAL A 1 114 ? -2.460  17.681  -9.183  1.000 119.796 ? 93  VAL B CA  1 ? 
ATOM 654  C C   . VAL A 1 114 ? -3.689  17.215  -8.422  1.000 130.729 ? 93  VAL B C   1 ? 
ATOM 655  O O   . VAL A 1 114 ? -3.774  16.062  -7.987  1.000 131.605 ? 93  VAL B O   1 ? 
ATOM 656  C CB  . VAL A 1 114 ? -2.669  17.624  -10.711 1.000 114.793 ? 93  VAL B CB  1 ? 
ATOM 657  C CG1 . VAL A 1 114 ? -1.326  17.762  -11.422 1.000 106.450 ? 93  VAL B CG1 1 ? 
ATOM 658  C CG2 . VAL A 1 114 ? -3.323  16.318  -11.101 1.000 121.915 ? 93  VAL B CG2 1 ? 
ATOM 659  N N   . ASN A 1 115 ? -4.636  18.136  -8.247  1.000 137.830 ? 94  ASN B N   1 ? 
ATOM 660  C CA  . ASN A 1 115 ? -5.804  17.944  -7.386  1.000 135.808 ? 94  ASN B CA  1 ? 
ATOM 661  C C   . ASN A 1 115 ? -7.079  18.134  -8.203  1.000 142.693 ? 94  ASN B C   1 ? 
ATOM 662  O O   . ASN A 1 115 ? -7.509  19.268  -8.425  1.000 146.960 ? 94  ASN B O   1 ? 
ATOM 663  C CB  . ASN A 1 115 ? -5.762  18.923  -6.212  1.000 132.084 ? 94  ASN B CB  1 ? 
ATOM 664  C CG  . ASN A 1 115 ? -7.000  18.862  -5.344  1.000 132.626 ? 94  ASN B CG  1 ? 
ATOM 665  O OD1 . ASN A 1 115 ? -7.754  17.889  -5.378  1.000 138.959 ? 94  ASN B OD1 1 ? 
ATOM 666  N ND2 . ASN A 1 115 ? -7.215  19.910  -4.554  1.000 130.984 ? 94  ASN B ND2 1 ? 
ATOM 667  N N   . GLN A 1 116 ? -7.687  17.034  -8.645  1.000 150.750 ? 95  GLN B N   1 ? 
ATOM 668  C CA  . GLN A 1 116 ? -9.037  17.054  -9.217  1.000 159.690 ? 95  GLN B CA  1 ? 
ATOM 669  C C   . GLN A 1 116 ? -9.820  15.903  -8.585  1.000 162.562 ? 95  GLN B C   1 ? 
ATOM 670  O O   . GLN A 1 116 ? -9.645  14.738  -8.960  1.000 166.673 ? 95  GLN B O   1 ? 
ATOM 671  C CB  . GLN A 1 116 ? -9.020  16.975  -10.754 1.000 163.656 ? 95  GLN B CB  1 ? 
ATOM 672  C CG  . GLN A 1 116 ? -8.174  15.857  -11.395 1.000 164.209 ? 95  GLN B CG  1 ? 
ATOM 673  C CD  . GLN A 1 116 ? -8.323  15.782  -12.919 1.000 160.338 ? 95  GLN B CD  1 ? 
ATOM 674  O OE1 . GLN A 1 116 ? -8.927  16.656  -13.539 1.000 169.044 ? 95  GLN B OE1 1 ? 
ATOM 675  N NE2 . GLN A 1 116 ? -7.763  14.735  -13.522 1.000 152.218 ? 95  GLN B NE2 1 ? 
ATOM 676  N N   . GLY A 1 117 ? -10.674 16.228  -7.614  1.000 160.877 ? 96  GLY B N   1 ? 
ATOM 677  C CA  . GLY A 1 117 ? -11.388 15.216  -6.858  1.000 162.827 ? 96  GLY B CA  1 ? 
ATOM 678  C C   . GLY A 1 117 ? -10.448 14.294  -6.107  1.000 160.898 ? 96  GLY B C   1 ? 
ATOM 679  O O   . GLY A 1 117 ? -10.463 13.075  -6.302  1.000 166.138 ? 96  GLY B O   1 ? 
ATOM 680  N N   . GLY A 1 118 ? -9.639  14.869  -5.230  1.000 151.234 ? 97  GLY B N   1 ? 
ATOM 681  C CA  . GLY A 1 118 ? -8.510  14.171  -4.662  1.000 137.730 ? 97  GLY B CA  1 ? 
ATOM 682  C C   . GLY A 1 118 ? -7.230  14.489  -5.418  1.000 131.347 ? 97  GLY B C   1 ? 
ATOM 683  O O   . GLY A 1 118 ? -7.240  15.001  -6.539  1.000 123.204 ? 97  GLY B O   1 ? 
ATOM 684  N N   . TRP A 1 119 ? -6.103  14.178  -4.788  1.000 130.679 ? 98  TRP B N   1 ? 
ATOM 685  C CA  . TRP A 1 119 ? -4.802  14.500  -5.354  1.000 122.712 ? 98  TRP B CA  1 ? 
ATOM 686  C C   . TRP A 1 119 ? -4.271  13.338  -6.182  1.000 121.844 ? 98  TRP B C   1 ? 
ATOM 687  O O   . TRP A 1 119 ? -4.518  12.168  -5.882  1.000 132.924 ? 98  TRP B O   1 ? 
ATOM 688  C CB  . TRP A 1 119 ? -3.822  14.856  -4.241  1.000 120.762 ? 98  TRP B CB  1 ? 
ATOM 689  C CG  . TRP A 1 119 ? -4.100  16.207  -3.631  1.000 125.602 ? 98  TRP B CG  1 ? 
ATOM 690  C CD1 . TRP A 1 119 ? -4.927  16.477  -2.578  1.000 131.300 ? 98  TRP B CD1 1 ? 
ATOM 691  C CD2 . TRP A 1 119 ? -3.540  17.465  -4.034  1.000 121.530 ? 98  TRP B CD2 1 ? 
ATOM 692  N NE1 . TRP A 1 119 ? -4.922  17.824  -2.305  1.000 133.079 ? 98  TRP B NE1 1 ? 
ATOM 693  C CE2 . TRP A 1 119 ? -4.077  18.452  -3.181  1.000 126.499 ? 98  TRP B CE2 1 ? 
ATOM 694  C CE3 . TRP A 1 119 ? -2.636  17.850  -5.030  1.000 116.477 ? 98  TRP B CE3 1 ? 
ATOM 695  C CZ2 . TRP A 1 119 ? -3.742  19.798  -3.297  1.000 122.320 ? 98  TRP B CZ2 1 ? 
ATOM 696  C CZ3 . TRP A 1 119 ? -2.304  19.183  -5.142  1.000 115.669 ? 98  TRP B CZ3 1 ? 
ATOM 697  C CH2 . TRP A 1 119 ? -2.855  20.144  -4.281  1.000 119.983 ? 98  TRP B CH2 1 ? 
ATOM 698  N N   . MET A 1 120 ? -3.550  13.674  -7.245  1.000 118.427 ? 99  MET B N   1 ? 
ATOM 699  C CA  . MET A 1 120 ? -2.995  12.677  -8.141  1.000 117.546 ? 99  MET B CA  1 ? 
ATOM 700  C C   . MET A 1 120 ? -1.604  13.096  -8.572  1.000 105.139 ? 99  MET B C   1 ? 
ATOM 701  O O   . MET A 1 120 ? -1.274  14.283  -8.635  1.000 106.452 ? 99  MET B O   1 ? 
ATOM 702  C CB  . MET A 1 120 ? -3.832  12.494  -9.402  1.000 128.063 ? 99  MET B CB  1 ? 
ATOM 703  C CG  . MET A 1 120 ? -5.312  12.335  -9.199  1.000 130.187 ? 99  MET B CG  1 ? 
ATOM 704  S SD  . MET A 1 120 ? -6.132  13.037  -10.634 1.000 133.398 ? 99  MET B SD  1 ? 
ATOM 705  C CE  . MET A 1 120 ? -6.648  11.567  -11.517 1.000 130.092 ? 99  MET B CE  1 ? 
ATOM 706  N N   . LEU A 1 121 ? -0.803  12.091  -8.886  1.000 97.291  ? 100 LEU B N   1 ? 
ATOM 707  C CA  . LEU A 1 121 ? 0.450   12.326  -9.577  1.000 99.857  ? 100 LEU B CA  1 ? 
ATOM 708  C C   . LEU A 1 121 ? 0.196   13.047  -10.901 1.000 112.037 ? 100 LEU B C   1 ? 
ATOM 709  O O   . LEU A 1 121 ? -0.645  12.622  -11.698 1.000 113.116 ? 100 LEU B O   1 ? 
ATOM 710  C CB  . LEU A 1 121 ? 1.151   10.999  -9.817  1.000 88.863  ? 100 LEU B CB  1 ? 
ATOM 711  C CG  . LEU A 1 121 ? 2.661   11.035  -9.683  1.000 99.888  ? 100 LEU B CG  1 ? 
ATOM 712  C CD1 . LEU A 1 121 ? 3.113   11.597  -8.282  1.000 108.860 ? 100 LEU B CD1 1 ? 
ATOM 713  C CD2 . LEU A 1 121 ? 3.182   9.649   -9.964  1.000 93.956  ? 100 LEU B CD2 1 ? 
ATOM 714  N N   . SER A 1 122 ? 0.879   14.176  -11.109 1.000 112.529 ? 101 SER B N   1 ? 
ATOM 715  C CA  . SER A 1 122 ? 0.854   14.799  -12.426 1.000 111.200 ? 101 SER B CA  1 ? 
ATOM 716  C C   . SER A 1 122 ? 1.227   13.766  -13.488 1.000 114.645 ? 101 SER B C   1 ? 
ATOM 717  O O   . SER A 1 122 ? 1.955   12.798  -13.227 1.000 106.079 ? 101 SER B O   1 ? 
ATOM 718  C CB  . SER A 1 122 ? 1.813   15.992  -12.492 1.000 100.865 ? 101 SER B CB  1 ? 
ATOM 719  O OG  . SER A 1 122 ? 3.100   15.575  -12.930 1.000 104.544 ? 101 SER B OG  1 ? 
ATOM 720  N N   . ARG A 1 123 ? 0.701   13.968  -14.697 1.000 115.464 ? 102 ARG B N   1 ? 
ATOM 721  C CA  . ARG A 1 123 ? 1.074   13.091  -15.800 1.000 111.666 ? 102 ARG B CA  1 ? 
ATOM 722  C C   . ARG A 1 123 ? 2.565   13.203  -16.094 1.000 114.630 ? 102 ARG B C   1 ? 
ATOM 723  O O   . ARG A 1 123 ? 3.232   12.198  -16.381 1.000 109.737 ? 102 ARG B O   1 ? 
ATOM 724  C CB  . ARG A 1 123 ? 0.247   13.422  -17.035 1.000 116.385 ? 102 ARG B CB  1 ? 
ATOM 725  C CG  . ARG A 1 123 ? 0.165   12.258  -18.004 1.000 122.649 ? 102 ARG B CG  1 ? 
ATOM 726  C CD  . ARG A 1 123 ? -0.257  12.676  -19.400 1.000 119.101 ? 102 ARG B CD  1 ? 
ATOM 727  N NE  . ARG A 1 123 ? -0.295  11.510  -20.276 1.000 127.481 ? 102 ARG B NE  1 ? 
ATOM 728  C CZ  . ARG A 1 123 ? 0.548   11.292  -21.281 1.000 136.848 ? 102 ARG B CZ  1 ? 
ATOM 729  N NH1 . ARG A 1 123 ? 1.497   12.173  -21.554 1.000 136.229 ? 102 ARG B NH1 1 ? 
ATOM 730  N NH2 . ARG A 1 123 ? 0.433   10.196  -22.022 1.000 144.773 ? 102 ARG B NH2 1 ? 
ATOM 731  N N   . ALA A 1 124 ? 3.113   14.419  -16.002 1.000 112.374 ? 103 ALA B N   1 ? 
ATOM 732  C CA  . ALA A 1 124 ? 4.545   14.596  -16.196 1.000 101.457 ? 103 ALA B CA  1 ? 
ATOM 733  C C   . ALA A 1 124 ? 5.318   13.764  -15.183 1.000 105.473 ? 103 ALA B C   1 ? 
ATOM 734  O O   . ALA A 1 124 ? 6.132   12.911  -15.555 1.000 109.816 ? 103 ALA B O   1 ? 
ATOM 735  C CB  . ALA A 1 124 ? 4.926   16.082  -16.096 1.000 87.684  ? 103 ALA B CB  1 ? 
ATOM 736  N N   . SER A 1 125 ? 5.048   13.982  -13.890 1.000 103.512 ? 104 SER B N   1 ? 
ATOM 737  C CA  . SER A 1 125 ? 5.828   13.307  -12.858 1.000 102.318 ? 104 SER B CA  1 ? 
ATOM 738  C C   . SER A 1 125 ? 5.626   11.800  -12.919 1.000 104.831 ? 104 SER B C   1 ? 
ATOM 739  O O   . SER A 1 125 ? 6.546   11.041  -12.598 1.000 102.670 ? 104 SER B O   1 ? 
ATOM 740  C CB  . SER A 1 125 ? 5.470   13.852  -11.471 1.000 98.533  ? 104 SER B CB  1 ? 
ATOM 741  O OG  . SER A 1 125 ? 5.879   15.204  -11.320 1.000 102.957 ? 104 SER B OG  1 ? 
ATOM 742  N N   . ALA A 1 126 ? 4.451   11.347  -13.373 1.000 105.365 ? 105 ALA B N   1 ? 
ATOM 743  C CA  . ALA A 1 126 ? 4.185   9.912   -13.437 1.000 93.501  ? 105 ALA B CA  1 ? 
ATOM 744  C C   . ALA A 1 126 ? 4.881   9.244   -14.616 1.000 98.064  ? 105 ALA B C   1 ? 
ATOM 745  O O   . ALA A 1 126 ? 5.290   8.086   -14.513 1.000 101.238 ? 105 ALA B O   1 ? 
ATOM 746  C CB  . ALA A 1 126 ? 2.686   9.643   -13.499 1.000 85.397  ? 105 ALA B CB  1 ? 
ATOM 747  N N   . MET A 1 127 ? 5.019   9.919   -15.756 1.000 107.589 ? 106 MET B N   1 ? 
ATOM 748  C CA  . MET A 1 127 ? 5.884   9.331   -16.771 1.000 108.808 ? 106 MET B CA  1 ? 
ATOM 749  C C   . MET A 1 127 ? 7.347   9.467   -16.361 1.000 107.847 ? 106 MET B C   1 ? 
ATOM 750  O O   . MET A 1 127 ? 8.188   8.662   -16.776 1.000 110.519 ? 106 MET B O   1 ? 
ATOM 751  C CB  . MET A 1 127 ? 5.609   9.964   -18.132 1.000 120.578 ? 106 MET B CB  1 ? 
ATOM 752  C CG  . MET A 1 127 ? 6.065   9.110   -19.327 1.000 137.314 ? 106 MET B CG  1 ? 
ATOM 753  S SD  . MET A 1 127 ? 4.987   7.722   -19.797 1.000 148.765 ? 106 MET B SD  1 ? 
ATOM 754  C CE  . MET A 1 127 ? 3.559   8.544   -20.497 1.000 149.134 ? 106 MET B CE  1 ? 
ATOM 755  N N   . GLU A 1 128 ? 7.655   10.455  -15.517 1.000 104.323 ? 107 GLU B N   1 ? 
ATOM 756  C CA  . GLU A 1 128 ? 9.020   10.644  -15.042 1.000 102.570 ? 107 GLU B CA  1 ? 
ATOM 757  C C   . GLU A 1 128 ? 9.445   9.483   -14.146 1.000 99.733  ? 107 GLU B C   1 ? 
ATOM 758  O O   . GLU A 1 128 ? 10.440  8.802   -14.416 1.000 105.070 ? 107 GLU B O   1 ? 
ATOM 759  C CB  . GLU A 1 128 ? 9.128   11.980  -14.298 1.000 106.765 ? 107 GLU B CB  1 ? 
ATOM 760  C CG  . GLU A 1 128 ? 10.548  12.510  -14.129 1.000 110.908 ? 107 GLU B CG  1 ? 
ATOM 761  C CD  . GLU A 1 128 ? 10.618  13.735  -13.230 1.000 114.730 ? 107 GLU B CD  1 ? 
ATOM 762  O OE1 . GLU A 1 128 ? 11.381  13.720  -12.236 1.000 116.059 ? 107 GLU B OE1 1 ? 
ATOM 763  O OE2 . GLU A 1 128 ? 9.913   14.721  -13.523 1.000 119.762 ? 107 GLU B OE2 1 ? 
ATOM 764  N N   . LEU A 1 129 ? 8.685   9.231   -13.076 1.000 89.095  ? 108 LEU B N   1 ? 
ATOM 765  C CA  . LEU A 1 129 ? 9.051   8.169   -12.139 1.000 95.798  ? 108 LEU B CA  1 ? 
ATOM 766  C C   . LEU A 1 129 ? 9.062   6.809   -12.818 1.000 98.370  ? 108 LEU B C   1 ? 
ATOM 767  O O   . LEU A 1 129 ? 9.951   5.981   -12.560 1.000 89.171  ? 108 LEU B O   1 ? 
ATOM 768  C CB  . LEU A 1 129 ? 8.077   8.130   -10.966 1.000 89.234  ? 108 LEU B CB  1 ? 
ATOM 769  C CG  . LEU A 1 129 ? 7.929   9.410   -10.157 1.000 90.724  ? 108 LEU B CG  1 ? 
ATOM 770  C CD1 . LEU A 1 129 ? 6.842   9.181   -9.099  1.000 83.002  ? 108 LEU B CD1 1 ? 
ATOM 771  C CD2 . LEU A 1 129 ? 9.270   9.767   -9.548  1.000 90.192  ? 108 LEU B CD2 1 ? 
ATOM 772  N N   . LEU A 1 130 ? 8.053   6.558   -13.661 1.000 103.699 ? 109 LEU B N   1 ? 
ATOM 773  C CA  . LEU A 1 130 ? 7.994   5.348   -14.472 1.000 99.649  ? 109 LEU B CA  1 ? 
ATOM 774  C C   . LEU A 1 130 ? 9.302   5.129   -15.217 1.000 103.139 ? 109 LEU B C   1 ? 
ATOM 775  O O   . LEU A 1 130 ? 9.955   4.081   -15.072 1.000 92.951  ? 109 LEU B O   1 ? 
ATOM 776  C CB  . LEU A 1 130 ? 6.830   5.450   -15.460 1.000 107.513 ? 109 LEU B CB  1 ? 
ATOM 777  C CG  . LEU A 1 130 ? 6.462   4.200   -16.280 1.000 110.068 ? 109 LEU B CG  1 ? 
ATOM 778  C CD1 . LEU A 1 130 ? 7.195   4.128   -17.626 1.000 105.221 ? 109 LEU B CD1 1 ? 
ATOM 779  C CD2 . LEU A 1 130 ? 6.699   2.936   -15.438 1.000 106.268 ? 109 LEU B CD2 1 ? 
ATOM 780  N N   . GLN A 1 131 ? 9.703   6.128   -16.018 1.000 98.691  ? 110 GLN B N   1 ? 
ATOM 781  C CA  . GLN A 1 131 ? 10.918  5.983   -16.808 1.000 105.105 ? 110 GLN B CA  1 ? 
ATOM 782  C C   . GLN A 1 131 ? 12.123  5.672   -15.929 1.000 112.408 ? 110 GLN B C   1 ? 
ATOM 783  O O   . GLN A 1 131 ? 12.999  4.905   -16.338 1.000 123.654 ? 110 GLN B O   1 ? 
ATOM 784  C CB  . GLN A 1 131 ? 11.174  7.242   -17.639 1.000 105.239 ? 110 GLN B CB  1 ? 
ATOM 785  C CG  . GLN A 1 131 ? 12.347  7.101   -18.604 1.000 116.798 ? 110 GLN B CG  1 ? 
ATOM 786  C CD  . GLN A 1 131 ? 13.664  7.621   -18.034 1.000 128.492 ? 110 GLN B CD  1 ? 
ATOM 787  O OE1 . GLN A 1 131 ? 13.954  8.822   -18.086 1.000 137.243 ? 110 GLN B OE1 1 ? 
ATOM 788  N NE2 . GLN A 1 131 ? 14.470  6.713   -17.491 1.000 124.981 ? 110 GLN B NE2 1 ? 
ATOM 789  N N   . ALA A 1 132 ? 12.174  6.225   -14.717 1.000 104.062 ? 111 ALA B N   1 ? 
ATOM 790  C CA  . ALA A 1 132 ? 13.358  6.141   -13.868 1.000 104.528 ? 111 ALA B CA  1 ? 
ATOM 791  C C   . ALA A 1 132 ? 13.426  4.877   -13.014 1.000 102.107 ? 111 ALA B C   1 ? 
ATOM 792  O O   . ALA A 1 132 ? 14.413  4.695   -12.294 1.000 102.536 ? 111 ALA B O   1 ? 
ATOM 793  C CB  . ALA A 1 132 ? 13.438  7.362   -12.940 1.000 99.167  ? 111 ALA B CB  1 ? 
ATOM 794  N N   . ALA A 1 133 ? 12.427  4.002   -13.067 1.000 94.648  ? 112 ALA B N   1 ? 
ATOM 795  C CA  . ALA A 1 133 ? 12.392  2.881   -12.139 1.000 93.703  ? 112 ALA B CA  1 ? 
ATOM 796  C C   . ALA A 1 133 ? 13.166  1.639   -12.592 1.000 111.363 ? 112 ALA B C   1 ? 
ATOM 797  O O   . ALA A 1 133 ? 13.392  0.752   -11.764 1.000 112.087 ? 112 ALA B O   1 ? 
ATOM 798  C CB  . ALA A 1 133 ? 10.938  2.485   -11.850 1.000 83.421  ? 112 ALA B CB  1 ? 
ATOM 799  N N   . GLY A 1 134 ? 13.569  1.506   -13.850 1.000 136.814 ? 113 GLY B N   1 ? 
ATOM 800  C CA  . GLY A 1 134 ? 14.258  0.274   -14.200 1.000 151.573 ? 113 GLY B CA  1 ? 
ATOM 801  C C   . GLY A 1 134 ? 14.481  0.112   -15.685 1.000 159.577 ? 113 GLY B C   1 ? 
ATOM 802  O O   . GLY A 1 134 ? 14.043  0.923   -16.503 1.000 170.647 ? 113 GLY B O   1 ? 
ATOM 803  N N   . ASN A 1 135 ? 15.180  -0.979  -16.012 1.000 155.648 ? 114 ASN B N   1 ? 
ATOM 804  C CA  . ASN A 1 135 ? 15.644  -1.309  -17.371 1.000 147.668 ? 114 ASN B CA  1 ? 
ATOM 805  C C   . ASN A 1 135 ? 16.560  -0.254  -17.998 1.000 139.175 ? 114 ASN B C   1 ? 
ATOM 806  O O   . ASN A 1 135 ? 16.978  -0.400  -19.153 1.000 131.945 ? 114 ASN B O   1 ? 
ATOM 807  C CB  . ASN A 1 135 ? 14.460  -1.554  -18.299 1.000 138.980 ? 114 ASN B CB  1 ? 
ATOM 808  C CG  . ASN A 1 135 ? 13.974  -2.972  -18.250 1.000 141.480 ? 114 ASN B CG  1 ? 
ATOM 809  O OD1 . ASN A 1 135 ? 14.741  -3.893  -17.969 1.000 148.070 ? 114 ASN B OD1 1 ? 
ATOM 810  N ND2 . ASN A 1 135 ? 12.691  -3.163  -18.516 1.000 138.330 ? 114 ASN B ND2 1 ? 
ATOM 811  N N   . ASP B 1 22  ? 9.672   -23.734 5.474   1.000 123.383 ? 1   ASP A N   1 ? 
ATOM 812  C CA  . ASP B 1 22  ? 9.844   -22.401 4.911   1.000 109.455 ? 1   ASP A CA  1 ? 
ATOM 813  C C   . ASP B 1 22  ? 9.217   -21.355 5.838   1.000 110.329 ? 1   ASP A C   1 ? 
ATOM 814  O O   . ASP B 1 22  ? 8.368   -21.680 6.679   1.000 106.931 ? 1   ASP A O   1 ? 
ATOM 815  C CB  . ASP B 1 22  ? 9.225   -22.329 3.520   1.000 105.184 ? 1   ASP A CB  1 ? 
ATOM 816  C CG  . ASP B 1 22  ? 9.779   -21.192 2.701   1.000 122.059 ? 1   ASP A CG  1 ? 
ATOM 817  O OD1 . ASP B 1 22  ? 10.965  -20.835 2.910   1.000 135.877 ? 1   ASP A OD1 1 ? 
ATOM 818  O OD2 . ASP B 1 22  ? 9.034   -20.650 1.855   1.000 118.727 ? 1   ASP A OD2 1 ? 
ATOM 819  N N   . VAL B 1 23  ? 9.627   -20.101 5.680   1.000 111.900 ? 2   VAL A N   1 ? 
ATOM 820  C CA  . VAL B 1 23  ? 9.148   -19.018 6.529   1.000 104.620 ? 2   VAL A CA  1 ? 
ATOM 821  C C   . VAL B 1 23  ? 9.191   -17.727 5.706   1.000 105.126 ? 2   VAL A C   1 ? 
ATOM 822  O O   . VAL B 1 23  ? 10.138  -17.544 4.927   1.000 109.332 ? 2   VAL A O   1 ? 
ATOM 823  C CB  . VAL B 1 23  ? 9.998   -18.950 7.809   1.000 109.308 ? 2   VAL A CB  1 ? 
ATOM 824  C CG1 . VAL B 1 23  ? 11.502  -18.873 7.469   1.000 116.082 ? 2   VAL A CG1 1 ? 
ATOM 825  C CG2 . VAL B 1 23  ? 9.573   -17.800 8.725   1.000 105.581 ? 2   VAL A CG2 1 ? 
ATOM 826  N N   . PRO B 1 24  ? 8.203   -16.831 5.824   1.000 101.223 ? 3   PRO A N   1 ? 
ATOM 827  C CA  . PRO B 1 24  ? 8.220   -15.595 5.021   1.000 95.935  ? 3   PRO A CA  1 ? 
ATOM 828  C C   . PRO B 1 24  ? 9.139   -14.530 5.608   1.000 94.001  ? 3   PRO A C   1 ? 
ATOM 829  O O   . PRO B 1 24  ? 9.528   -14.571 6.778   1.000 96.398  ? 3   PRO A O   1 ? 
ATOM 830  C CB  . PRO B 1 24  ? 6.761   -15.124 5.080   1.000 87.750  ? 3   PRO A CB  1 ? 
ATOM 831  C CG  . PRO B 1 24  ? 6.374   -15.488 6.504   1.000 97.014  ? 3   PRO A CG  1 ? 
ATOM 832  C CD  . PRO B 1 24  ? 7.020   -16.874 6.707   1.000 99.896  ? 3   PRO A CD  1 ? 
ATOM 833  N N   . THR B 1 25  ? 9.469   -13.545 4.768   1.000 86.174  ? 4   THR A N   1 ? 
ATOM 834  C CA  . THR B 1 25  ? 10.187  -12.372 5.250   1.000 80.652  ? 4   THR A CA  1 ? 
ATOM 835  C C   . THR B 1 25  ? 9.228   -11.368 5.880   1.000 86.400  ? 4   THR A C   1 ? 
ATOM 836  O O   . THR B 1 25  ? 8.005   -11.431 5.717   1.000 100.670 ? 4   THR A O   1 ? 
ATOM 837  C CB  . THR B 1 25  ? 10.921  -11.647 4.125   1.000 77.067  ? 4   THR A CB  1 ? 
ATOM 838  O OG1 . THR B 1 25  ? 9.947   -11.058 3.240   1.000 86.142  ? 4   THR A OG1 1 ? 
ATOM 839  C CG2 . THR B 1 25  ? 11.811  -12.613 3.346   1.000 74.217  ? 4   THR A CG2 1 ? 
ATOM 840  N N   . ALA B 1 26  ? 9.812   -10.397 6.569   1.000 86.629  ? 5   ALA A N   1 ? 
ATOM 841  C CA  . ALA B 1 26  ? 9.038   -9.249  7.007   1.000 87.418  ? 5   ALA A CA  1 ? 
ATOM 842  C C   . ALA B 1 26  ? 8.541   -8.442  5.813   1.000 80.394  ? 5   ALA A C   1 ? 
ATOM 843  O O   . ALA B 1 26  ? 7.438   -7.890  5.855   1.000 79.725  ? 5   ALA A O   1 ? 
ATOM 844  C CB  . ALA B 1 26  ? 9.879   -8.373  7.928   1.000 76.720  ? 5   ALA A CB  1 ? 
ATOM 845  N N   . ALA B 1 27  ? 9.353   -8.332  4.753   1.000 74.048  ? 6   ALA A N   1 ? 
ATOM 846  C CA  . ALA B 1 27  ? 8.921   -7.591  3.561   1.000 80.444  ? 6   ALA A CA  1 ? 
ATOM 847  C C   . ALA B 1 27  ? 7.634   -8.162  2.982   1.000 93.911  ? 6   ALA A C   1 ? 
ATOM 848  O O   . ALA B 1 27  ? 6.678   -7.420  2.715   1.000 93.688  ? 6   ALA A O   1 ? 
ATOM 849  C CB  . ALA B 1 27  ? 10.007  -7.603  2.493   1.000 77.270  ? 6   ALA A CB  1 ? 
ATOM 850  N N   . GLN B 1 28  ? 7.589   -9.479  2.794   1.000 90.942  ? 7   GLN A N   1 ? 
ATOM 851  C CA  . GLN B 1 28  ? 6.409   -10.098 2.209   1.000 85.931  ? 7   GLN A CA  1 ? 
ATOM 852  C C   . GLN B 1 28  ? 5.184   -9.837  3.064   1.000 87.687  ? 7   GLN A C   1 ? 
ATOM 853  O O   . GLN B 1 28  ? 4.106   -9.536  2.542   1.000 97.954  ? 7   GLN A O   1 ? 
ATOM 854  C CB  . GLN B 1 28  ? 6.639   -11.598 2.045   1.000 85.847  ? 7   GLN A CB  1 ? 
ATOM 855  C CG  . GLN B 1 28  ? 7.762   -11.932 1.080   1.000 89.366  ? 7   GLN A CG  1 ? 
ATOM 856  C CD  . GLN B 1 28  ? 7.988   -13.409 0.966   1.000 103.536 ? 7   GLN A CD  1 ? 
ATOM 857  O OE1 . GLN B 1 28  ? 8.333   -14.086 1.947   1.000 112.416 ? 7   GLN A OE1 1 ? 
ATOM 858  N NE2 . GLN B 1 28  ? 7.782   -13.933 -0.232  1.000 103.302 ? 7   GLN A NE2 1 ? 
ATOM 859  N N   . LEU B 1 29  ? 5.333   -9.921  4.382   1.000 83.739  ? 8   LEU A N   1 ? 
ATOM 860  C CA  . LEU B 1 29  ? 4.162   -9.819  5.235   1.000 79.823  ? 8   LEU A CA  1 ? 
ATOM 861  C C   . LEU B 1 29  ? 3.664   -8.394  5.328   1.000 85.950  ? 8   LEU A C   1 ? 
ATOM 862  O O   . LEU B 1 29  ? 2.455   -8.188  5.410   1.000 93.664  ? 8   LEU A O   1 ? 
ATOM 863  C CB  . LEU B 1 29  ? 4.469   -10.374 6.623   1.000 87.995  ? 8   LEU A CB  1 ? 
ATOM 864  C CG  . LEU B 1 29  ? 4.765   -11.872 6.614   1.000 79.652  ? 8   LEU A CG  1 ? 
ATOM 865  C CD1 . LEU B 1 29  ? 4.783   -12.378 8.056   1.000 81.952  ? 8   LEU A CD1 1 ? 
ATOM 866  C CD2 . LEU B 1 29  ? 3.701   -12.586 5.782   1.000 64.960  ? 8   LEU A CD2 1 ? 
ATOM 867  N N   . THR B 1 30  ? 4.559   -7.393  5.319   1.000 91.956  ? 9   THR A N   1 ? 
ATOM 868  C CA  . THR B 1 30  ? 4.036   -6.031  5.334   1.000 80.807  ? 9   THR A CA  1 ? 
ATOM 869  C C   . THR B 1 30  ? 3.583   -5.621  3.945   1.000 75.733  ? 9   THR A C   1 ? 
ATOM 870  O O   . THR B 1 30  ? 2.666   -4.795  3.805   1.000 79.452  ? 9   THR A O   1 ? 
ATOM 871  C CB  . THR B 1 30  ? 5.046   -5.010  5.877   1.000 81.507  ? 9   THR A CB  1 ? 
ATOM 872  O OG1 . THR B 1 30  ? 5.869   -4.518  4.827   1.000 93.398  ? 9   THR A OG1 1 ? 
ATOM 873  C CG2 . THR B 1 30  ? 5.923   -5.616  6.938   1.000 88.937  ? 9   THR A CG2 1 ? 
ATOM 874  N N   . SER B 1 31  ? 4.190   -6.177  2.901   1.000 77.278  ? 10  SER A N   1 ? 
ATOM 875  C CA  . SER B 1 31  ? 3.595   -5.973  1.581   1.000 81.389  ? 10  SER A CA  1 ? 
ATOM 876  C C   . SER B 1 31  ? 2.150   -6.425  1.593   1.000 80.352  ? 10  SER A C   1 ? 
ATOM 877  O O   . SER B 1 31  ? 1.252   -5.707  1.140   1.000 89.553  ? 10  SER A O   1 ? 
ATOM 878  C CB  . SER B 1 31  ? 4.353   -6.744  0.513   1.000 75.778  ? 10  SER A CB  1 ? 
ATOM 879  O OG  . SER B 1 31  ? 3.740   -6.533  -0.742  1.000 86.271  ? 10  SER A OG  1 ? 
ATOM 880  N N   . LEU B 1 32  ? 1.904   -7.605  2.158   1.000 83.302  ? 11  LEU A N   1 ? 
ATOM 881  C CA  . LEU B 1 32  ? 0.542   -8.132  2.214   1.000 85.063  ? 11  LEU A CA  1 ? 
ATOM 882  C C   . LEU B 1 32  ? -0.369  -7.208  3.020   1.000 87.055  ? 11  LEU A C   1 ? 
ATOM 883  O O   . LEU B 1 32  ? -1.461  -6.843  2.562   1.000 84.700  ? 11  LEU A O   1 ? 
ATOM 884  C CB  . LEU B 1 32  ? 0.551   -9.547  2.800   1.000 75.433  ? 11  LEU A CB  1 ? 
ATOM 885  C CG  . LEU B 1 32  ? -0.833  -10.194 2.790   1.000 87.850  ? 11  LEU A CG  1 ? 
ATOM 886  C CD1 . LEU B 1 32  ? -0.780  -11.543 2.100   1.000 99.304  ? 11  LEU A CD1 1 ? 
ATOM 887  C CD2 . LEU B 1 32  ? -1.331  -10.370 4.180   1.000 84.068  ? 11  LEU A CD2 1 ? 
ATOM 888  N N   . LEU B 1 33  ? 0.091   -6.766  4.197   1.000 79.186  ? 12  LEU A N   1 ? 
ATOM 889  C CA  . LEU B 1 33  ? -0.749  -5.908  5.032   1.000 84.447  ? 12  LEU A CA  1 ? 
ATOM 890  C C   . LEU B 1 33  ? -1.029  -4.567  4.356   1.000 87.595  ? 12  LEU A C   1 ? 
ATOM 891  O O   . LEU B 1 33  ? -2.170  -4.087  4.374   1.000 85.034  ? 12  LEU A O   1 ? 
ATOM 892  C CB  . LEU B 1 33  ? -0.111  -5.721  6.414   1.000 83.697  ? 12  LEU A CB  1 ? 
ATOM 893  C CG  . LEU B 1 33  ? 0.173   -7.069  7.121   1.000 86.079  ? 12  LEU A CG  1 ? 
ATOM 894  C CD1 . LEU B 1 33  ? 1.420   -7.054  7.994   1.000 74.259  ? 12  LEU A CD1 1 ? 
ATOM 895  C CD2 . LEU B 1 33  ? -1.040  -7.556  7.907   1.000 82.581  ? 12  LEU A CD2 1 ? 
ATOM 896  N N   . ASN B 1 34  ? -0.013  -3.956  3.741   1.000 85.352  ? 13  ASN A N   1 ? 
ATOM 897  C CA  . ASN B 1 34  ? -0.217  -2.747  2.944   1.000 74.780  ? 13  ASN A CA  1 ? 
ATOM 898  C C   . ASN B 1 34  ? -1.397  -2.890  1.994   1.000 86.339  ? 13  ASN A C   1 ? 
ATOM 899  O O   . ASN B 1 34  ? -2.403  -2.193  2.150   1.000 98.220  ? 13  ASN A O   1 ? 
ATOM 900  C CB  . ASN B 1 34  ? 1.014   -2.427  2.112   1.000 68.840  ? 13  ASN A CB  1 ? 
ATOM 901  C CG  . ASN B 1 34  ? 2.064   -1.699  2.890   1.000 74.069  ? 13  ASN A CG  1 ? 
ATOM 902  O OD1 . ASN B 1 34  ? 1.816   -1.249  4.017   1.000 80.478  ? 13  ASN A OD1 1 ? 
ATOM 903  N ND2 . ASN B 1 34  ? 3.259   -1.550  2.289   1.000 65.495  ? 13  ASN A ND2 1 ? 
ATOM 904  N N   . SER B 1 35  ? -1.289  -3.789  1.003   1.000 81.428  ? 14  SER A N   1 ? 
ATOM 905  C CA  . SER B 1 35  ? -2.380  -3.937  0.043   1.000 81.104  ? 14  SER A CA  1 ? 
ATOM 906  C C   . SER B 1 35  ? -3.689  -4.302  0.724   1.000 80.970  ? 14  SER A C   1 ? 
ATOM 907  O O   . SER B 1 35  ? -4.759  -3.937  0.233   1.000 103.831 ? 14  SER A O   1 ? 
ATOM 908  C CB  . SER B 1 35  ? -2.035  -4.967  -1.040  1.000 83.618  ? 14  SER A CB  1 ? 
ATOM 909  O OG  . SER B 1 35  ? -1.245  -6.014  -0.536  1.000 101.488 ? 14  SER A OG  1 ? 
ATOM 910  N N   . LEU B 1 36  ? -3.641  -5.011  1.847   1.000 89.448  ? 15  LEU A N   1 ? 
ATOM 911  C CA  . LEU B 1 36  ? -4.879  -5.221  2.592   1.000 87.316  ? 15  LEU A CA  1 ? 
ATOM 912  C C   . LEU B 1 36  ? -5.436  -3.887  3.066   1.000 83.768  ? 15  LEU A C   1 ? 
ATOM 913  O O   . LEU B 1 36  ? -6.647  -3.651  2.997   1.000 87.442  ? 15  LEU A O   1 ? 
ATOM 914  C CB  . LEU B 1 36  ? -4.650  -6.163  3.776   1.000 80.012  ? 15  LEU A CB  1 ? 
ATOM 915  C CG  . LEU B 1 36  ? -4.649  -7.686  3.564   1.000 88.832  ? 15  LEU A CG  1 ? 
ATOM 916  C CD1 . LEU B 1 36  ? -4.302  -8.416  4.864   1.000 82.826  ? 15  LEU A CD1 1 ? 
ATOM 917  C CD2 . LEU B 1 36  ? -5.987  -8.229  3.011   1.000 83.600  ? 15  LEU A CD2 1 ? 
ATOM 918  N N   . ALA B 1 37  ? -4.560  -2.987  3.508   1.000 84.318  ? 16  ALA A N   1 ? 
ATOM 919  C CA  . ALA B 1 37  ? -4.954  -1.679  4.018   1.000 88.519  ? 16  ALA A CA  1 ? 
ATOM 920  C C   . ALA B 1 37  ? -5.141  -0.652  2.918   1.000 87.708  ? 16  ALA A C   1 ? 
ATOM 921  O O   . ALA B 1 37  ? -5.288  0.531   3.224   1.000 81.457  ? 16  ALA A O   1 ? 
ATOM 922  C CB  . ALA B 1 37  ? -3.911  -1.145  5.016   1.000 77.401  ? 16  ALA A CB  1 ? 
ATOM 923  N N   . ASP B 1 38  ? -5.112  -1.060  1.654   1.000 95.356  ? 17  ASP A N   1 ? 
ATOM 924  C CA  . ASP B 1 38  ? -5.102  -0.083  0.570   1.000 97.014  ? 17  ASP A CA  1 ? 
ATOM 925  C C   . ASP B 1 38  ? -6.515  0.463   0.367   1.000 107.368 ? 17  ASP A C   1 ? 
ATOM 926  O O   . ASP B 1 38  ? -7.420  -0.305  0.027   1.000 107.400 ? 17  ASP A O   1 ? 
ATOM 927  C CB  . ASP B 1 38  ? -4.559  -0.707  -0.711  1.000 84.126  ? 17  ASP A CB  1 ? 
ATOM 928  C CG  . ASP B 1 38  ? -4.429  0.299   -1.851  1.000 88.429  ? 17  ASP A CG  1 ? 
ATOM 929  O OD1 . ASP B 1 38  ? -5.159  1.330   -1.842  1.000 86.913  ? 17  ASP A OD1 1 ? 
ATOM 930  O OD2 . ASP B 1 38  ? -3.582  0.060   -2.764  1.000 82.523  ? 17  ASP A OD2 1 ? 
ATOM 931  N N   . PRO B 1 39  ? -6.731  1.771   0.541   1.000 102.789 ? 18  PRO A N   1 ? 
ATOM 932  C CA  . PRO B 1 39  ? -8.097  2.328   0.487   1.000 100.999 ? 18  PRO A CA  1 ? 
ATOM 933  C C   . PRO B 1 39  ? -8.672  2.488   -0.920  1.000 106.484 ? 18  PRO A C   1 ? 
ATOM 934  O O   . PRO B 1 39  ? -9.896  2.483   -1.122  1.000 102.449 ? 18  PRO A O   1 ? 
ATOM 935  C CB  . PRO B 1 39  ? -7.936  3.692   1.161   1.000 88.276  ? 18  PRO A CB  1 ? 
ATOM 936  C CG  . PRO B 1 39  ? -6.489  4.026   0.989   1.000 91.314  ? 18  PRO A CG  1 ? 
ATOM 937  C CD  . PRO B 1 39  ? -5.738  2.741   1.023   1.000 91.343  ? 18  PRO A CD  1 ? 
ATOM 938  N N   . ASN B 1 40  ? -7.808  2.636   -1.917  1.000 102.725 ? 19  ASN A N   1 ? 
ATOM 939  C CA  . ASN B 1 40  ? -8.331  2.870   -3.257  1.000 100.209 ? 19  ASN A CA  1 ? 
ATOM 940  C C   . ASN B 1 40  ? -8.918  1.609   -3.885  1.000 100.715 ? 19  ASN A C   1 ? 
ATOM 941  O O   . ASN B 1 40  ? -9.749  1.718   -4.791  1.000 101.831 ? 19  ASN A O   1 ? 
ATOM 942  C CB  . ASN B 1 40  ? -7.240  3.484   -4.153  1.000 106.386 ? 19  ASN A CB  1 ? 
ATOM 943  C CG  . ASN B 1 40  ? -7.639  3.537   -5.625  1.000 123.404 ? 19  ASN A CG  1 ? 
ATOM 944  O OD1 . ASN B 1 40  ? -8.566  4.262   -6.006  1.000 131.666 ? 19  ASN A OD1 1 ? 
ATOM 945  N ND2 . ASN B 1 40  ? -6.928  2.784   -6.463  1.000 122.004 ? 19  ASN A ND2 1 ? 
ATOM 946  N N   . VAL B 1 41  ? -8.537  0.426   -3.404  1.000 105.128 ? 20  VAL A N   1 ? 
ATOM 947  C CA  . VAL B 1 41  ? -9.061  -0.847  -3.889  1.000 97.596  ? 20  VAL A CA  1 ? 
ATOM 948  C C   . VAL B 1 41  ? -10.023 -1.388  -2.841  1.000 100.838 ? 20  VAL A C   1 ? 
ATOM 949  O O   . VAL B 1 41  ? -9.721  -1.369  -1.640  1.000 108.439 ? 20  VAL A O   1 ? 
ATOM 950  C CB  . VAL B 1 41  ? -7.920  -1.841  -4.181  1.000 94.243  ? 20  VAL A CB  1 ? 
ATOM 951  C CG1 . VAL B 1 41  ? -6.935  -1.874  -3.021  1.000 108.845 ? 20  VAL A CG1 1 ? 
ATOM 952  C CG2 . VAL B 1 41  ? -8.462  -3.249  -4.431  1.000 82.431  ? 20  VAL A CG2 1 ? 
ATOM 953  N N   . SER B 1 42  ? -11.188 -1.847  -3.288  1.000 108.881 ? 21  SER A N   1 ? 
ATOM 954  C CA  . SER B 1 42  ? -12.173 -2.437  -2.399  1.000 103.910 ? 21  SER A CA  1 ? 
ATOM 955  C C   . SER B 1 42  ? -11.749 -3.836  -1.963  1.000 100.259 ? 21  SER A C   1 ? 
ATOM 956  O O   . SER B 1 42  ? -10.865 -4.462  -2.557  1.000 111.182 ? 21  SER A O   1 ? 
ATOM 957  C CB  . SER B 1 42  ? -13.525 -2.527  -3.082  1.000 112.542 ? 21  SER A CB  1 ? 
ATOM 958  O OG  . SER B 1 42  ? -14.209 -3.667  -2.609  1.000 121.607 ? 21  SER A OG  1 ? 
ATOM 959  N N   . PHE B 1 43  ? -12.409 -4.337  -0.918  1.000 78.891  ? 22  PHE A N   1 ? 
ATOM 960  C CA  . PHE B 1 43  ? -12.023 -5.643  -0.401  1.000 93.219  ? 22  PHE A CA  1 ? 
ATOM 961  C C   . PHE B 1 43  ? -12.541 -6.792  -1.258  1.000 100.909 ? 22  PHE A C   1 ? 
ATOM 962  O O   . PHE B 1 43  ? -12.029 -7.918  -1.143  1.000 97.393  ? 22  PHE A O   1 ? 
ATOM 963  C CB  . PHE B 1 43  ? -12.492 -5.800  1.045   1.000 92.590  ? 22  PHE A CB  1 ? 
ATOM 964  C CG  . PHE B 1 43  ? -11.523 -5.242  2.046   1.000 98.643  ? 22  PHE A CG  1 ? 
ATOM 965  C CD1 . PHE B 1 43  ? -11.496 -3.882  2.313   1.000 105.289 ? 22  PHE A CD1 1 ? 
ATOM 966  C CD2 . PHE B 1 43  ? -10.628 -6.067  2.703   1.000 94.788  ? 22  PHE A CD2 1 ? 
ATOM 967  C CE1 . PHE B 1 43  ? -10.607 -3.347  3.221   1.000 104.434 ? 22  PHE A CE1 1 ? 
ATOM 968  C CE2 . PHE B 1 43  ? -9.736  -5.542  3.621   1.000 98.530  ? 22  PHE A CE2 1 ? 
ATOM 969  C CZ  . PHE B 1 43  ? -9.721  -4.173  3.874   1.000 103.447 ? 22  PHE A CZ  1 ? 
ATOM 970  N N   . ALA B 1 44  ? -13.537 -6.540  -2.107  1.000 99.996  ? 23  ALA A N   1 ? 
ATOM 971  C CA  . ALA B 1 44  ? -13.937 -7.539  -3.084  1.000 98.325  ? 23  ALA A CA  1 ? 
ATOM 972  C C   . ALA B 1 44  ? -12.754 -8.003  -3.932  1.000 108.768 ? 23  ALA A C   1 ? 
ATOM 973  O O   . ALA B 1 44  ? -12.731 -9.147  -4.402  1.000 110.066 ? 23  ALA A O   1 ? 
ATOM 974  C CB  . ALA B 1 44  ? -15.043 -6.965  -3.968  1.000 85.123  ? 23  ALA A CB  1 ? 
ATOM 975  N N   . ASN B 1 45  ? -11.749 -7.147  -4.118  1.000 109.247 ? 24  ASN A N   1 ? 
ATOM 976  C CA  . ASN B 1 45  ? -10.598 -7.477  -4.948  1.000 112.724 ? 24  ASN A CA  1 ? 
ATOM 977  C C   . ASN B 1 45  ? -9.335  -7.691  -4.136  1.000 111.513 ? 24  ASN A C   1 ? 
ATOM 978  O O   . ASN B 1 45  ? -8.234  -7.710  -4.706  1.000 114.332 ? 24  ASN A O   1 ? 
ATOM 979  C CB  . ASN B 1 45  ? -10.379 -6.382  -5.982  1.000 115.722 ? 24  ASN A CB  1 ? 
ATOM 980  C CG  . ASN B 1 45  ? -11.645 -6.055  -6.725  1.000 115.785 ? 24  ASN A CG  1 ? 
ATOM 981  O OD1 . ASN B 1 45  ? -12.383 -5.148  -6.341  1.000 116.967 ? 24  ASN A OD1 1 ? 
ATOM 982  N ND2 . ASN B 1 45  ? -11.935 -6.828  -7.769  1.000 116.327 ? 24  ASN A ND2 1 ? 
ATOM 983  N N   . LYS B 1 46  ? -9.466  -7.818  -2.818  1.000 103.133 ? 25  LYS A N   1 ? 
ATOM 984  C CA  . LYS B 1 46  ? -8.381  -8.266  -1.964  1.000 101.199 ? 25  LYS A CA  1 ? 
ATOM 985  C C   . LYS B 1 46  ? -8.593  -9.700  -1.510  1.000 98.496  ? 25  LYS A C   1 ? 
ATOM 986  O O   . LYS B 1 46  ? -7.965  -10.146 -0.543  1.000 96.277  ? 25  LYS A O   1 ? 
ATOM 987  C CB  . LYS B 1 46  ? -8.228  -7.336  -0.759  1.000 89.895  ? 25  LYS A CB  1 ? 
ATOM 988  C CG  . LYS B 1 46  ? -7.939  -5.879  -1.129  1.000 85.737  ? 25  LYS A CG  1 ? 
ATOM 989  C CD  . LYS B 1 46  ? -8.321  -4.994  0.049   1.000 93.219  ? 25  LYS A CD  1 ? 
ATOM 990  C CE  . LYS B 1 46  ? -7.945  -3.539  -0.155  1.000 91.037  ? 25  LYS A CE  1 ? 
ATOM 991  N NZ  . LYS B 1 46  ? -8.562  -2.683  0.910   1.000 87.232  ? 25  LYS A NZ  1 ? 
ATOM 992  N N   . GLY B 1 47  ? -9.478  -10.430 -2.186  1.000 97.033  ? 26  GLY A N   1 ? 
ATOM 993  C CA  . GLY B 1 47  ? -9.707  -11.814 -1.812  1.000 93.319  ? 26  GLY A CA  1 ? 
ATOM 994  C C   . GLY B 1 47  ? -8.503  -12.700 -2.047  1.000 89.500  ? 26  GLY A C   1 ? 
ATOM 995  O O   . GLY B 1 47  ? -8.397  -13.770 -1.457  1.000 95.772  ? 26  GLY A O   1 ? 
ATOM 996  N N   . SER B 1 48  ? -7.581  -12.274 -2.904  1.000 94.817  ? 27  SER A N   1 ? 
ATOM 997  C CA  . SER B 1 48  ? -6.365  -13.040 -3.145  1.000 102.799 ? 27  SER A CA  1 ? 
ATOM 998  C C   . SER B 1 48  ? -5.393  -12.996 -1.961  1.000 108.205 ? 27  SER A C   1 ? 
ATOM 999  O O   . SER B 1 48  ? -4.355  -13.674 -1.986  1.000 106.715 ? 27  SER A O   1 ? 
ATOM 1000 C CB  . SER B 1 48  ? -5.695  -12.505 -4.407  1.000 105.247 ? 27  SER A CB  1 ? 
ATOM 1001 O OG  . SER B 1 48  ? -4.471  -13.155 -4.653  1.000 112.253 ? 27  SER A OG  1 ? 
ATOM 1002 N N   . LEU B 1 49  ? -5.693  -12.211 -0.933  1.000 95.217  ? 28  LEU A N   1 ? 
ATOM 1003 C CA  . LEU B 1 49  ? -4.801  -12.044 0.202   1.000 97.283  ? 28  LEU A CA  1 ? 
ATOM 1004 C C   . LEU B 1 49  ? -5.297  -12.739 1.459   1.000 100.083 ? 28  LEU A C   1 ? 
ATOM 1005 O O   . LEU B 1 49  ? -4.665  -12.607 2.505   1.000 94.646  ? 28  LEU A O   1 ? 
ATOM 1006 C CB  . LEU B 1 49  ? -4.588  -10.558 0.485   1.000 96.817  ? 28  LEU A CB  1 ? 
ATOM 1007 C CG  . LEU B 1 49  ? -4.170  -9.788  -0.766  1.000 91.690  ? 28  LEU A CG  1 ? 
ATOM 1008 C CD1 . LEU B 1 49  ? -4.553  -8.342  -0.631  1.000 85.616  ? 28  LEU A CD1 1 ? 
ATOM 1009 C CD2 . LEU B 1 49  ? -2.676  -9.957  -1.051  1.000 86.218  ? 28  LEU A CD2 1 ? 
ATOM 1010 N N   . VAL B 1 50  ? -6.415  -13.466 1.402   1.000 99.093  ? 29  VAL A N   1 ? 
ATOM 1011 C CA  . VAL B 1 50  ? -6.932  -14.114 2.604   1.000 85.058  ? 29  VAL A CA  1 ? 
ATOM 1012 C C   . VAL B 1 50  ? -7.307  -15.544 2.280   1.000 97.062  ? 29  VAL A C   1 ? 
ATOM 1013 O O   . VAL B 1 50  ? -8.033  -15.791 1.311   1.000 110.290 ? 29  VAL A O   1 ? 
ATOM 1014 C CB  . VAL B 1 50  ? -8.140  -13.366 3.201   1.000 78.125  ? 29  VAL A CB  1 ? 
ATOM 1015 C CG1 . VAL B 1 50  ? -8.528  -13.981 4.566   1.000 75.114  ? 29  VAL A CG1 1 ? 
ATOM 1016 C CG2 . VAL B 1 50  ? -7.828  -11.871 3.374   1.000 85.608  ? 29  VAL A CG2 1 ? 
ATOM 1017 N N   . GLU B 1 51  ? -6.814  -16.481 3.093   1.000 104.578 ? 30  GLU A N   1 ? 
ATOM 1018 C CA  . GLU B 1 51  ? -7.159  -17.890 2.948   1.000 97.651  ? 30  GLU A CA  1 ? 
ATOM 1019 C C   . GLU B 1 51  ? -8.671  -18.064 2.984   1.000 92.229  ? 30  GLU A C   1 ? 
ATOM 1020 O O   . GLU B 1 51  ? -9.361  -17.526 3.860   1.000 88.482  ? 30  GLU A O   1 ? 
ATOM 1021 C CB  . GLU B 1 51  ? -6.492  -18.730 4.044   1.000 103.607 ? 30  GLU A CB  1 ? 
ATOM 1022 C CG  . GLU B 1 51  ? -7.278  -19.990 4.440   1.000 114.193 ? 30  GLU A CG  1 ? 
ATOM 1023 C CD  . GLU B 1 51  ? -6.856  -20.564 5.802   1.000 114.187 ? 30  GLU A CD  1 ? 
ATOM 1024 O OE1 . GLU B 1 51  ? -7.219  -19.978 6.856   1.000 109.142 ? 30  GLU A OE1 1 ? 
ATOM 1025 O OE2 . GLU B 1 51  ? -6.188  -21.629 5.817   1.000 109.455 ? 30  GLU A OE2 1 ? 
ATOM 1026 N N   . GLY B 1 52  ? -9.183  -18.806 2.005   1.000 94.069  ? 31  GLY A N   1 ? 
ATOM 1027 C CA  . GLY B 1 52  ? -10.608 -18.954 1.815   1.000 92.935  ? 31  GLY A CA  1 ? 
ATOM 1028 C C   . GLY B 1 52  ? -11.294 -17.740 1.252   1.000 104.189 ? 31  GLY A C   1 ? 
ATOM 1029 O O   . GLY B 1 52  ? -12.526 -17.682 1.273   1.000 110.082 ? 31  GLY A O   1 ? 
ATOM 1030 N N   . GLY B 1 53  ? -10.537 -16.755 0.776   1.000 104.860 ? 32  GLY A N   1 ? 
ATOM 1031 C CA  . GLY B 1 53  ? -11.123 -15.602 0.133   1.000 93.482  ? 32  GLY A CA  1 ? 
ATOM 1032 C C   . GLY B 1 53  ? -11.974 -14.777 1.074   1.000 91.211  ? 32  GLY A C   1 ? 
ATOM 1033 O O   . GLY B 1 53  ? -12.067 -15.081 2.269   1.000 87.289  ? 32  GLY A O   1 ? 
ATOM 1034 N N   . ILE B 1 54  ? -12.598 -13.724 0.555   1.000 91.274  ? 33  ILE A N   1 ? 
ATOM 1035 C CA  . ILE B 1 54  ? -13.354 -12.780 1.369   1.000 90.956  ? 33  ILE A CA  1 ? 
ATOM 1036 C C   . ILE B 1 54  ? -14.800 -12.807 0.899   1.000 111.213 ? 33  ILE A C   1 ? 
ATOM 1037 O O   . ILE B 1 54  ? -15.071 -12.615 -0.291  1.000 117.580 ? 33  ILE A O   1 ? 
ATOM 1038 C CB  . ILE B 1 54  ? -12.755 -11.363 1.282   1.000 91.893  ? 33  ILE A CB  1 ? 
ATOM 1039 C CG1 . ILE B 1 54  ? -11.245 -11.422 1.581   1.000 89.353  ? 33  ILE A CG1 1 ? 
ATOM 1040 C CG2 . ILE B 1 54  ? -13.448 -10.427 2.265   1.000 84.415  ? 33  ILE A CG2 1 ? 
ATOM 1041 C CD1 . ILE B 1 54  ? -10.486 -10.109 1.409   1.000 80.625  ? 33  ILE A CD1 1 ? 
ATOM 1042 N N   . GLY B 1 55  ? -15.722 -13.088 1.823   1.000 119.943 ? 34  GLY A N   1 ? 
ATOM 1043 C CA  . GLY B 1 55  ? -17.123 -13.144 1.465   1.000 112.921 ? 34  GLY A CA  1 ? 
ATOM 1044 C C   . GLY B 1 55  ? -17.712 -11.772 1.243   1.000 110.958 ? 34  GLY A C   1 ? 
ATOM 1045 O O   . GLY B 1 55  ? -17.180 -10.753 1.686   1.000 117.269 ? 34  GLY A O   1 ? 
ATOM 1046 N N   . GLY B 1 56  ? -18.826 -11.751 0.517   1.000 113.898 ? 35  GLY A N   1 ? 
ATOM 1047 C CA  . GLY B 1 56  ? -19.457 -10.481 0.198   1.000 112.653 ? 35  GLY A CA  1 ? 
ATOM 1048 C C   . GLY B 1 56  ? -19.902 -9.738  1.440   1.000 117.730 ? 35  GLY A C   1 ? 
ATOM 1049 O O   . GLY B 1 56  ? -19.842 -8.508  1.499   1.000 124.157 ? 35  GLY A O   1 ? 
ATOM 1050 N N   . THR B 1 57  ? -20.353 -10.475 2.452   1.000 112.235 ? 36  THR A N   1 ? 
ATOM 1051 C CA  . THR B 1 57  ? -20.729 -9.828  3.698   1.000 119.662 ? 36  THR A CA  1 ? 
ATOM 1052 C C   . THR B 1 57  ? -19.495 -9.295  4.424   1.000 130.642 ? 36  THR A C   1 ? 
ATOM 1053 O O   . THR B 1 57  ? -19.522 -8.205  5.008   1.000 124.947 ? 36  THR A O   1 ? 
ATOM 1054 C CB  . THR B 1 57  ? -21.517 -10.814 4.559   1.000 119.464 ? 36  THR A CB  1 ? 
ATOM 1055 O OG1 . THR B 1 57  ? -21.739 -10.242 5.850   1.000 121.312 ? 36  THR A OG1 1 ? 
ATOM 1056 C CG2 . THR B 1 57  ? -20.759 -12.145 4.693   1.000 118.522 ? 36  THR A CG2 1 ? 
ATOM 1057 N N   . GLU B 1 58  ? -18.392 -10.039 4.364   1.000 134.169 ? 37  GLU A N   1 ? 
ATOM 1058 C CA  . GLU B 1 58  ? -17.135 -9.577  4.932   1.000 120.346 ? 37  GLU A CA  1 ? 
ATOM 1059 C C   . GLU B 1 58  ? -16.639 -8.331  4.217   1.000 120.822 ? 37  GLU A C   1 ? 
ATOM 1060 O O   . GLU B 1 58  ? -16.393 -7.291  4.840   1.000 129.100 ? 37  GLU A O   1 ? 
ATOM 1061 C CB  . GLU B 1 58  ? -16.099 -10.689 4.833   1.000 122.407 ? 37  GLU A CB  1 ? 
ATOM 1062 C CG  . GLU B 1 58  ? -16.361 -11.826 5.759   1.000 133.340 ? 37  GLU A CG  1 ? 
ATOM 1063 C CD  . GLU B 1 58  ? -15.098 -12.583 6.052   1.000 146.378 ? 37  GLU A CD  1 ? 
ATOM 1064 O OE1 . GLU B 1 58  ? -14.840 -12.870 7.238   1.000 153.408 ? 37  GLU A OE1 1 ? 
ATOM 1065 O OE2 . GLU B 1 58  ? -14.356 -12.880 5.090   1.000 153.260 ? 37  GLU A OE2 1 ? 
ATOM 1066 N N   . ALA B 1 59  ? -16.445 -8.432  2.902   1.000 113.993 ? 38  ALA A N   1 ? 
ATOM 1067 C CA  . ALA B 1 59  ? -15.906 -7.299  2.166   1.000 102.570 ? 38  ALA A CA  1 ? 
ATOM 1068 C C   . ALA B 1 59  ? -16.660 -6.020  2.493   1.000 100.844 ? 38  ALA A C   1 ? 
ATOM 1069 O O   . ALA B 1 59  ? -16.062 -4.939  2.600   1.000 101.512 ? 38  ALA A O   1 ? 
ATOM 1070 C CB  . ALA B 1 59  ? -15.959 -7.590  0.673   1.000 99.957  ? 38  ALA A CB  1 ? 
ATOM 1071 N N   . ARG B 1 60  ? -17.971 -6.137  2.700   1.000 103.383 ? 39  ARG A N   1 ? 
ATOM 1072 C CA  . ARG B 1 60  ? -18.799 -4.961  2.914   1.000 113.748 ? 39  ARG A CA  1 ? 
ATOM 1073 C C   . ARG B 1 60  ? -18.438 -4.258  4.214   1.000 110.647 ? 39  ARG A C   1 ? 
ATOM 1074 O O   . ARG B 1 60  ? -18.317 -3.027  4.239   1.000 111.682 ? 39  ARG A O   1 ? 
ATOM 1075 C CB  . ARG B 1 60  ? -20.273 -5.371  2.865   1.000 117.893 ? 39  ARG A CB  1 ? 
ATOM 1076 C CG  . ARG B 1 60  ? -21.286 -4.257  2.956   1.000 126.534 ? 39  ARG A CG  1 ? 
ATOM 1077 C CD  . ARG B 1 60  ? -22.564 -4.792  3.601   1.000 139.801 ? 39  ARG A CD  1 ? 
ATOM 1078 N NE  . ARG B 1 60  ? -23.603 -3.778  3.769   1.000 150.855 ? 39  ARG A NE  1 ? 
ATOM 1079 C CZ  . ARG B 1 60  ? -23.925 -3.224  4.934   1.000 153.774 ? 39  ARG A CZ  1 ? 
ATOM 1080 N NH1 . ARG B 1 60  ? -24.888 -2.315  4.994   1.000 159.127 ? 39  ARG A NH1 1 ? 
ATOM 1081 N NH2 . ARG B 1 60  ? -23.276 -3.565  6.039   1.000 148.857 ? 39  ARG A NH2 1 ? 
ATOM 1082 N N   . ILE B 1 61  ? -18.220 -5.003  5.290   1.000 107.639 ? 40  ILE A N   1 ? 
ATOM 1083 C CA  . ILE B 1 61  ? -17.963 -4.326  6.549   1.000 111.634 ? 40  ILE A CA  1 ? 
ATOM 1084 C C   . ILE B 1 61  ? -16.487 -3.960  6.711   1.000 117.035 ? 40  ILE A C   1 ? 
ATOM 1085 O O   . ILE B 1 61  ? -16.173 -2.981  7.395   1.000 120.959 ? 40  ILE A O   1 ? 
ATOM 1086 C CB  . ILE B 1 61  ? -18.492 -5.159  7.723   1.000 114.624 ? 40  ILE A CB  1 ? 
ATOM 1087 C CG1 . ILE B 1 61  ? -18.217 -6.633  7.507   1.000 124.678 ? 40  ILE A CG1 1 ? 
ATOM 1088 C CG2 . ILE B 1 61  ? -19.995 -5.015  7.835   1.000 121.125 ? 40  ILE A CG2 1 ? 
ATOM 1089 C CD1 . ILE B 1 61  ? -16.790 -6.926  7.391   1.000 126.702 ? 40  ILE A CD1 1 ? 
ATOM 1090 N N   . ALA B 1 62  ? -15.564 -4.687  6.070   1.000 113.300 ? 41  ALA A N   1 ? 
ATOM 1091 C CA  . ALA B 1 62  ? -14.185 -4.210  6.032   1.000 109.963 ? 41  ALA A CA  1 ? 
ATOM 1092 C C   . ALA B 1 62  ? -14.086 -2.880  5.286   1.000 112.292 ? 41  ALA A C   1 ? 
ATOM 1093 O O   . ALA B 1 62  ? -13.302 -1.997  5.668   1.000 108.816 ? 41  ALA A O   1 ? 
ATOM 1094 C CB  . ALA B 1 62  ? -13.288 -5.263  5.387   1.000 108.271 ? 41  ALA A CB  1 ? 
ATOM 1095 N N   . ASP B 1 63  ? -14.869 -2.719  4.213   1.000 108.316 ? 42  ASP A N   1 ? 
ATOM 1096 C CA  . ASP B 1 63  ? -14.788 -1.490  3.429   1.000 101.199 ? 42  ASP A CA  1 ? 
ATOM 1097 C C   . ASP B 1 63  ? -15.277 -0.295  4.234   1.000 107.200 ? 42  ASP A C   1 ? 
ATOM 1098 O O   . ASP B 1 63  ? -14.606 0.738   4.281   1.000 116.809 ? 42  ASP A O   1 ? 
ATOM 1099 C CB  . ASP B 1 63  ? -15.562 -1.637  2.126   1.000 97.535  ? 42  ASP A CB  1 ? 
ATOM 1100 C CG  . ASP B 1 63  ? -14.736 -2.302  1.029   1.000 109.321 ? 42  ASP A CG  1 ? 
ATOM 1101 O OD1 . ASP B 1 63  ? -13.517 -2.031  0.940   1.000 116.285 ? 42  ASP A OD1 1 ? 
ATOM 1102 O OD2 . ASP B 1 63  ? -15.308 -3.079  0.235   1.000 118.309 ? 42  ASP A OD2 1 ? 
ATOM 1103 N N   . HIS B 1 64  ? -16.410 -0.437  4.928   1.000 106.631 ? 43  HIS A N   1 ? 
ATOM 1104 C CA  . HIS B 1 64  ? -16.876 0.632   5.812   1.000 113.695 ? 43  HIS A CA  1 ? 
ATOM 1105 C C   . HIS B 1 64  ? -15.810 1.008   6.840   1.000 120.636 ? 43  HIS A C   1 ? 
ATOM 1106 O O   . HIS B 1 64  ? -15.476 2.190   7.003   1.000 122.578 ? 43  HIS A O   1 ? 
ATOM 1107 C CB  . HIS B 1 64  ? -18.166 0.215   6.520   1.000 114.245 ? 43  HIS A CB  1 ? 
ATOM 1108 C CG  . HIS B 1 64  ? -18.701 1.253   7.460   1.000 125.020 ? 43  HIS A CG  1 ? 
ATOM 1109 N ND1 . HIS B 1 64  ? -19.323 2.403   7.021   1.000 129.850 ? 43  HIS A ND1 1 ? 
ATOM 1110 C CD2 . HIS B 1 64  ? -18.703 1.318   8.813   1.000 127.094 ? 43  HIS A CD2 1 ? 
ATOM 1111 C CE1 . HIS B 1 64  ? -19.689 3.129   8.063   1.000 131.121 ? 43  HIS A CE1 1 ? 
ATOM 1112 N NE2 . HIS B 1 64  ? -19.324 2.494   9.162   1.000 128.955 ? 43  HIS A NE2 1 ? 
ATOM 1113 N N   . LYS B 1 65  ? -15.265 0.010   7.548   1.000 113.308 ? 44  LYS A N   1 ? 
ATOM 1114 C CA  . LYS B 1 65  ? -14.239 0.297   8.543   1.000 105.910 ? 44  LYS A CA  1 ? 
ATOM 1115 C C   . LYS B 1 65  ? -13.055 1.020   7.909   1.000 108.352 ? 44  LYS A C   1 ? 
ATOM 1116 O O   . LYS B 1 65  ? -12.641 2.086   8.381   1.000 106.318 ? 44  LYS A O   1 ? 
ATOM 1117 C CB  . LYS B 1 65  ? -13.788 -0.991  9.230   1.000 95.375  ? 44  LYS A CB  1 ? 
ATOM 1118 C CG  . LYS B 1 65  ? -14.714 -1.429  10.370  1.000 99.278  ? 44  LYS A CG  1 ? 
ATOM 1119 C CD  . LYS B 1 65  ? -14.115 -2.550  11.222  1.000 101.310 ? 44  LYS A CD  1 ? 
ATOM 1120 C CE  . LYS B 1 65  ? -14.924 -2.772  12.502  1.000 103.170 ? 44  LYS A CE  1 ? 
ATOM 1121 N NZ  . LYS B 1 65  ? -14.317 -3.789  13.436  1.000 105.523 ? 44  LYS A NZ  1 ? 
ATOM 1122 N N   . LEU B 1 66  ? -12.517 0.472   6.813   1.000 105.560 ? 45  LEU A N   1 ? 
ATOM 1123 C CA  . LEU B 1 66  ? -11.371 1.115   6.183   1.000 99.391  ? 45  LEU A CA  1 ? 
ATOM 1124 C C   . LEU B 1 66  ? -11.719 2.539   5.771   1.000 116.472 ? 45  LEU A C   1 ? 
ATOM 1125 O O   . LEU B 1 66  ? -10.922 3.463   5.965   1.000 123.215 ? 45  LEU A O   1 ? 
ATOM 1126 C CB  . LEU B 1 66  ? -10.887 0.300   4.974   1.000 90.256  ? 45  LEU A CB  1 ? 
ATOM 1127 C CG  . LEU B 1 66  ? -9.558  0.772   4.355   1.000 83.560  ? 45  LEU A CG  1 ? 
ATOM 1128 C CD1 . LEU B 1 66  ? -8.428  0.828   5.397   1.000 83.528  ? 45  LEU A CD1 1 ? 
ATOM 1129 C CD2 . LEU B 1 66  ? -9.130  -0.029  3.130   1.000 81.139  ? 45  LEU A CD2 1 ? 
ATOM 1130 N N   . LYS B 1 67  ? -12.924 2.746   5.236   1.000 124.149 ? 46  LYS A N   1 ? 
ATOM 1131 C CA  . LYS B 1 67  ? -13.275 4.074   4.738   1.000 126.173 ? 46  LYS A CA  1 ? 
ATOM 1132 C C   . LYS B 1 67  ? -13.517 5.046   5.891   1.000 120.046 ? 46  LYS A C   1 ? 
ATOM 1133 O O   . LYS B 1 67  ? -13.042 6.187   5.860   1.000 118.562 ? 46  LYS A O   1 ? 
ATOM 1134 C CB  . LYS B 1 67  ? -14.503 3.996   3.824   1.000 130.174 ? 46  LYS A CB  1 ? 
ATOM 1135 C CG  . LYS B 1 67  ? -14.413 3.056   2.579   1.000 136.448 ? 46  LYS A CG  1 ? 
ATOM 1136 C CD  . LYS B 1 67  ? -12.990 2.635   2.150   1.000 134.890 ? 46  LYS A CD  1 ? 
ATOM 1137 C CE  . LYS B 1 67  ? -13.013 1.465   1.148   1.000 130.192 ? 46  LYS A CE  1 ? 
ATOM 1138 N NZ  . LYS B 1 67  ? -13.546 1.833   -0.217  1.000 129.995 ? 46  LYS A NZ  1 ? 
ATOM 1139 N N   . LYS B 1 68  ? -14.246 4.599   6.921   1.000 116.048 ? 47  LYS A N   1 ? 
ATOM 1140 C CA  . LYS B 1 68  ? -14.487 5.425   8.101   1.000 119.122 ? 47  LYS A CA  1 ? 
ATOM 1141 C C   . LYS B 1 68  ? -13.187 5.734   8.829   1.000 125.262 ? 47  LYS A C   1 ? 
ATOM 1142 O O   . LYS B 1 68  ? -13.082 6.768   9.495   1.000 130.674 ? 47  LYS A O   1 ? 
ATOM 1143 C CB  . LYS B 1 68  ? -15.491 4.720   9.036   1.000 120.504 ? 47  LYS A CB  1 ? 
ATOM 1144 C CG  . LYS B 1 68  ? -15.821 5.412   10.366  1.000 127.197 ? 47  LYS A CG  1 ? 
ATOM 1145 C CD  . LYS B 1 68  ? -14.990 4.800   11.493  1.000 137.551 ? 47  LYS A CD  1 ? 
ATOM 1146 C CE  . LYS B 1 68  ? -14.889 5.721   12.724  1.000 136.182 ? 47  LYS A CE  1 ? 
ATOM 1147 N NZ  . LYS B 1 68  ? -14.804 4.984   14.023  1.000 129.618 ? 47  LYS A NZ  1 ? 
ATOM 1148 N N   . ALA B 1 69  ? -12.194 4.842   8.733   1.000 124.865 ? 48  ALA A N   1 ? 
ATOM 1149 C CA  . ALA B 1 69  ? -10.867 5.142   9.257   1.000 118.641 ? 48  ALA A CA  1 ? 
ATOM 1150 C C   . ALA B 1 69  ? -10.154 6.177   8.402   1.000 118.591 ? 48  ALA A C   1 ? 
ATOM 1151 O O   . ALA B 1 69  ? -9.401  7.001   8.932   1.000 117.154 ? 48  ALA A O   1 ? 
ATOM 1152 C CB  . ALA B 1 69  ? -10.038 3.860   9.341   1.000 113.822 ? 48  ALA A CB  1 ? 
ATOM 1153 N N   . ALA B 1 70  ? -10.370 6.140   7.083   1.000 120.388 ? 49  ALA A N   1 ? 
ATOM 1154 C CA  . ALA B 1 70  ? -9.794  7.141   6.191   1.000 117.380 ? 49  ALA A CA  1 ? 
ATOM 1155 C C   . ALA B 1 70  ? -10.422 8.502   6.428   1.000 122.007 ? 49  ALA A C   1 ? 
ATOM 1156 O O   . ALA B 1 70  ? -9.717  9.515   6.521   1.000 123.767 ? 49  ALA A O   1 ? 
ATOM 1157 C CB  . ALA B 1 70  ? -9.990  6.723   4.736   1.000 115.303 ? 49  ALA A CB  1 ? 
ATOM 1158 N N   . GLU B 1 71  ? -11.752 8.547   6.500   1.000 125.239 ? 50  GLU A N   1 ? 
ATOM 1159 C CA  . GLU B 1 71  ? -12.432 9.784   6.857   1.000 129.873 ? 50  GLU A CA  1 ? 
ATOM 1160 C C   . GLU B 1 71  ? -11.874 10.345  8.153   1.000 130.503 ? 50  GLU A C   1 ? 
ATOM 1161 O O   . GLU B 1 71  ? -11.587 11.543  8.253   1.000 135.045 ? 50  GLU A O   1 ? 
ATOM 1162 C CB  . GLU B 1 71  ? -13.934 9.536   6.972   1.000 138.848 ? 50  GLU A CB  1 ? 
ATOM 1163 C CG  . GLU B 1 71  ? -14.531 8.916   5.726   1.000 146.615 ? 50  GLU A CG  1 ? 
ATOM 1164 C CD  . GLU B 1 71  ? -16.011 8.662   5.859   1.000 152.603 ? 50  GLU A CD  1 ? 
ATOM 1165 O OE1 . GLU B 1 71  ? -16.454 8.277   6.962   1.000 156.306 ? 50  GLU A OE1 1 ? 
ATOM 1166 O OE2 . GLU B 1 71  ? -16.730 8.841   4.858   1.000 154.729 ? 50  GLU A OE2 1 ? 
ATOM 1167 N N   . HIS B 1 72  ? -11.684 9.484   9.157   1.000 127.781 ? 51  HIS A N   1 ? 
ATOM 1168 C CA  . HIS B 1 72  ? -11.038 9.921   10.388  1.000 128.800 ? 51  HIS A CA  1 ? 
ATOM 1169 C C   . HIS B 1 72  ? -9.576  10.310  10.183  1.000 130.671 ? 51  HIS A C   1 ? 
ATOM 1170 O O   . HIS B 1 72  ? -8.951  10.823  11.120  1.000 134.835 ? 51  HIS A O   1 ? 
ATOM 1171 C CB  . HIS B 1 72  ? -11.144 8.830   11.454  1.000 132.779 ? 51  HIS A CB  1 ? 
ATOM 1172 C CG  . HIS B 1 72  ? -12.461 8.804   12.167  1.000 136.208 ? 51  HIS A CG  1 ? 
ATOM 1173 N ND1 . HIS B 1 72  ? -13.644 9.172   11.563  1.000 135.100 ? 51  HIS A ND1 1 ? 
ATOM 1174 C CD2 . HIS B 1 72  ? -12.779 8.463   13.439  1.000 135.758 ? 51  HIS A CD2 1 ? 
ATOM 1175 C CE1 . HIS B 1 72  ? -14.636 9.053   12.428  1.000 134.379 ? 51  HIS A CE1 1 ? 
ATOM 1176 N NE2 . HIS B 1 72  ? -14.137 8.624   13.574  1.000 137.090 ? 51  HIS A NE2 1 ? 
ATOM 1177 N N   . GLY B 1 73  ? -9.018  10.096  8.991   1.000 126.599 ? 52  GLY A N   1 ? 
ATOM 1178 C CA  . GLY B 1 73  ? -7.633  10.441  8.752   1.000 123.146 ? 52  GLY A CA  1 ? 
ATOM 1179 C C   . GLY B 1 73  ? -6.638  9.513   9.402   1.000 127.863 ? 52  GLY A C   1 ? 
ATOM 1180 O O   . GLY B 1 73  ? -5.448  9.850   9.465   1.000 129.550 ? 52  GLY A O   1 ? 
ATOM 1181 N N   . ASP B 1 74  ? -7.091  8.349   9.881   1.000 126.476 ? 53  ASP A N   1 ? 
ATOM 1182 C CA  . ASP B 1 74  ? -6.220  7.337   10.462  1.000 111.163 ? 53  ASP A CA  1 ? 
ATOM 1183 C C   . ASP B 1 74  ? -5.195  6.803   9.470   1.000 101.991 ? 53  ASP A C   1 ? 
ATOM 1184 O O   . ASP B 1 74  ? -4.294  6.061   9.877   1.000 112.708 ? 53  ASP A O   1 ? 
ATOM 1185 C CB  . ASP B 1 74  ? -7.070  6.184   11.010  1.000 114.719 ? 53  ASP A CB  1 ? 
ATOM 1186 C CG  . ASP B 1 74  ? -8.174  6.662   11.941  1.000 120.859 ? 53  ASP A CG  1 ? 
ATOM 1187 O OD1 . ASP B 1 74  ? -8.105  7.826   12.399  1.000 121.183 ? 53  ASP A OD1 1 ? 
ATOM 1188 O OD2 . ASP B 1 74  ? -9.109  5.877   12.214  1.000 119.380 ? 53  ASP A OD2 1 ? 
ATOM 1189 N N   . LEU B 1 75  ? -5.307  7.156   8.199   1.000 92.977  ? 54  LEU A N   1 ? 
ATOM 1190 C CA  . LEU B 1 75  ? -4.560  6.654   7.060   1.000 91.440  ? 54  LEU A CA  1 ? 
ATOM 1191 C C   . LEU B 1 75  ? -3.490  7.644   6.618   1.000 101.683 ? 54  LEU A C   1 ? 
ATOM 1192 O O   . LEU B 1 75  ? -3.613  8.853   6.844   1.000 104.668 ? 54  LEU A O   1 ? 
ATOM 1193 C CB  . LEU B 1 75  ? -5.501  6.363   5.889   1.000 89.082  ? 54  LEU A CB  1 ? 
ATOM 1194 C CG  . LEU B 1 75  ? -6.254  5.022   5.940   1.000 97.041  ? 54  LEU A CG  1 ? 
ATOM 1195 C CD1 . LEU B 1 75  ? -7.093  4.809   7.208   1.000 100.117 ? 54  LEU A CD1 1 ? 
ATOM 1196 C CD2 . LEU B 1 75  ? -7.094  4.807   4.676   1.000 93.027  ? 54  LEU A CD2 1 ? 
ATOM 1197 N N   . PRO B 1 76  ? -2.402  7.171   5.996   1.000 94.198  ? 55  PRO A N   1 ? 
ATOM 1198 C CA  . PRO B 1 76  ? -2.102  5.767   5.714   1.000 90.574  ? 55  PRO A CA  1 ? 
ATOM 1199 C C   . PRO B 1 76  ? -1.604  5.030   6.940   1.000 97.846  ? 55  PRO A C   1 ? 
ATOM 1200 O O   . PRO B 1 76  ? -0.941  5.631   7.799   1.000 105.989 ? 55  PRO A O   1 ? 
ATOM 1201 C CB  . PRO B 1 76  ? -0.991  5.849   4.677   1.000 83.010  ? 55  PRO A CB  1 ? 
ATOM 1202 C CG  . PRO B 1 76  ? -0.278  7.108   5.039   1.000 81.391  ? 55  PRO A CG  1 ? 
ATOM 1203 C CD  . PRO B 1 76  ? -1.312  8.064   5.565   1.000 79.528  ? 55  PRO A CD  1 ? 
ATOM 1204 N N   . LEU B 1 77  ? -1.925  3.742   7.011   1.000 86.724  ? 56  LEU A N   1 ? 
ATOM 1205 C CA  . LEU B 1 77  ? -1.354  2.876   8.014   1.000 74.033  ? 56  LEU A CA  1 ? 
ATOM 1206 C C   . LEU B 1 77  ? 0.037   2.418   7.600   1.000 79.991  ? 56  LEU A C   1 ? 
ATOM 1207 O O   . LEU B 1 77  ? 0.342   2.251   6.418   1.000 92.503  ? 56  LEU A O   1 ? 
ATOM 1208 C CB  . LEU B 1 77  ? -2.247  1.658   8.254   1.000 72.590  ? 56  LEU A CB  1 ? 
ATOM 1209 C CG  . LEU B 1 77  ? -3.723  1.930   8.517   1.000 77.125  ? 56  LEU A CG  1 ? 
ATOM 1210 C CD1 . LEU B 1 77  ? -4.549  0.617   8.420   1.000 68.756  ? 56  LEU A CD1 1 ? 
ATOM 1211 C CD2 . LEU B 1 77  ? -3.877  2.581   9.903   1.000 73.198  ? 56  LEU A CD2 1 ? 
ATOM 1212 N N   . SER B 1 78  ? 0.858   2.152   8.604   1.000 70.019  ? 57  SER A N   1 ? 
ATOM 1213 C CA  . SER B 1 78  ? 2.217   1.677   8.445   1.000 72.332  ? 57  SER A CA  1 ? 
ATOM 1214 C C   . SER B 1 78  ? 2.361   0.441   9.328   1.000 85.108  ? 57  SER A C   1 ? 
ATOM 1215 O O   . SER B 1 78  ? 1.780   0.382   10.415  1.000 78.794  ? 57  SER A O   1 ? 
ATOM 1216 C CB  . SER B 1 78  ? 3.203   2.771   8.858   1.000 72.901  ? 57  SER A CB  1 ? 
ATOM 1217 O OG  . SER B 1 78  ? 4.549   2.357   8.749   1.000 93.103  ? 57  SER A OG  1 ? 
ATOM 1218 N N   . PHE B 1 79  ? 3.095   -0.564  8.856   1.000 80.507  ? 58  PHE A N   1 ? 
ATOM 1219 C CA  . PHE B 1 79  ? 3.167   -1.842  9.550   1.000 73.146  ? 58  PHE A CA  1 ? 
ATOM 1220 C C   . PHE B 1 79  ? 4.619   -2.183  9.780   1.000 80.462  ? 58  PHE A C   1 ? 
ATOM 1221 O O   . PHE B 1 79  ? 5.448   -1.986  8.888   1.000 89.803  ? 58  PHE A O   1 ? 
ATOM 1222 C CB  . PHE B 1 79  ? 2.528   -2.996  8.751   1.000 77.320  ? 58  PHE A CB  1 ? 
ATOM 1223 C CG  . PHE B 1 79  ? 1.081   -2.795  8.438   1.000 77.925  ? 58  PHE A CG  1 ? 
ATOM 1224 C CD1 . PHE B 1 79  ? 0.105   -3.117  9.371   1.000 78.259  ? 58  PHE A CD1 1 ? 
ATOM 1225 C CD2 . PHE B 1 79  ? 0.695   -2.305  7.204   1.000 70.661  ? 58  PHE A CD2 1 ? 
ATOM 1226 C CE1 . PHE B 1 79  ? -1.249  -2.923  9.078   1.000 78.652  ? 58  PHE A CE1 1 ? 
ATOM 1227 C CE2 . PHE B 1 79  ? -0.648  -2.129  6.899   1.000 80.683  ? 58  PHE A CE2 1 ? 
ATOM 1228 C CZ  . PHE B 1 79  ? -1.623  -2.429  7.843   1.000 75.622  ? 58  PHE A CZ  1 ? 
ATOM 1229 N N   . SER B 1 80  ? 4.917   -2.708  10.962  1.000 88.076  ? 59  SER A N   1 ? 
ATOM 1230 C CA  . SER B 1 80  ? 6.196   -3.322  11.253  1.000 82.023  ? 59  SER A CA  1 ? 
ATOM 1231 C C   . SER B 1 80  ? 5.927   -4.725  11.751  1.000 80.657  ? 59  SER A C   1 ? 
ATOM 1232 O O   . SER B 1 80  ? 4.983   -4.951  12.516  1.000 86.360  ? 59  SER A O   1 ? 
ATOM 1233 C CB  . SER B 1 80  ? 6.969   -2.540  12.289  1.000 77.507  ? 59  SER A CB  1 ? 
ATOM 1234 O OG  . SER B 1 80  ? 8.153   -3.251  12.614  1.000 83.810  ? 59  SER A OG  1 ? 
ATOM 1235 N N   . VAL B 1 81  ? 6.741   -5.671  11.313  1.000 79.694  ? 60  VAL A N   1 ? 
ATOM 1236 C CA  . VAL B 1 81  ? 6.407   -7.084  11.459  1.000 87.121  ? 60  VAL A CA  1 ? 
ATOM 1237 C C   . VAL B 1 81  ? 7.664   -7.791  11.901  1.000 85.089  ? 60  VAL A C   1 ? 
ATOM 1238 O O   . VAL B 1 81  ? 8.724   -7.587  11.308  1.000 83.299  ? 60  VAL A O   1 ? 
ATOM 1239 C CB  . VAL B 1 81  ? 5.887   -7.714  10.149  1.000 88.990  ? 60  VAL A CB  1 ? 
ATOM 1240 C CG1 . VAL B 1 81  ? 5.767   -9.215  10.309  1.000 81.931  ? 60  VAL A CG1 1 ? 
ATOM 1241 C CG2 . VAL B 1 81  ? 4.557   -7.123  9.731   1.000 84.781  ? 60  VAL A CG2 1 ? 
ATOM 1242 N N   . THR B 1 82  ? 7.554   -8.585  12.964  1.000 96.875  ? 61  THR A N   1 ? 
ATOM 1243 C CA  . THR B 1 82  ? 8.701   -9.224  13.585  1.000 97.293  ? 61  THR A CA  1 ? 
ATOM 1244 C C   . THR B 1 82  ? 8.266   -10.441 14.381  1.000 98.864  ? 61  THR A C   1 ? 
ATOM 1245 O O   . THR B 1 82  ? 7.069   -10.767 14.456  1.000 100.762 ? 61  THR A O   1 ? 
ATOM 1246 C CB  . THR B 1 82  ? 9.437   -8.265  14.504  1.000 100.167 ? 61  THR A CB  1 ? 
ATOM 1247 O OG1 . THR B 1 82  ? 10.465  -9.023  15.185  1.000 122.183 ? 61  THR A OG1 1 ? 
ATOM 1248 C CG2 . THR B 1 82  ? 8.436   -7.683  15.504  1.000 77.986  ? 61  THR A CG2 1 ? 
ATOM 1249 N N   . ASN B 1 83  ? 9.267   -11.124 14.970  1.000 96.425  ? 62  ASN A N   1 ? 
ATOM 1250 C CA  . ASN B 1 83  ? 9.052   -12.397 15.662  1.000 87.897  ? 62  ASN A CA  1 ? 
ATOM 1251 C C   . ASN B 1 83  ? 8.359   -13.395 14.739  1.000 89.737  ? 62  ASN A C   1 ? 
ATOM 1252 O O   . ASN B 1 83  ? 7.472   -14.144 15.157  1.000 92.966  ? 62  ASN A O   1 ? 
ATOM 1253 C CB  . ASN B 1 83  ? 8.266   -12.200 16.969  1.000 90.848  ? 62  ASN A CB  1 ? 
ATOM 1254 C CG  . ASN B 1 83  ? 8.225   -13.465 17.850  1.000 104.597 ? 62  ASN A CG  1 ? 
ATOM 1255 O OD1 . ASN B 1 83  ? 9.043   -14.381 17.690  1.000 111.434 ? 62  ASN A OD1 1 ? 
ATOM 1256 N ND2 . ASN B 1 83  ? 7.265   -13.515 18.788  1.000 95.522  ? 62  ASN A ND2 1 ? 
ATOM 1257 N N   . ILE B 1 84  ? 8.768   -13.412 13.470  1.000 94.035  ? 63  ILE A N   1 ? 
ATOM 1258 C CA  . ILE B 1 84  ? 8.228   -14.370 12.508  1.000 93.074  ? 63  ILE A CA  1 ? 
ATOM 1259 C C   . ILE B 1 84  ? 8.755   -15.761 12.852  1.000 88.550  ? 63  ILE A C   1 ? 
ATOM 1260 O O   . ILE B 1 84  ? 9.966   -15.994 12.855  1.000 85.642  ? 63  ILE A O   1 ? 
ATOM 1261 C CB  . ILE B 1 84  ? 8.621   -13.993 11.073  1.000 87.076  ? 63  ILE A CB  1 ? 
ATOM 1262 C CG1 . ILE B 1 84  ? 8.280   -12.534 10.763  1.000 84.579  ? 63  ILE A CG1 1 ? 
ATOM 1263 C CG2 . ILE B 1 84  ? 7.951   -14.923 10.082  1.000 88.616  ? 63  ILE A CG2 1 ? 
ATOM 1264 C CD1 . ILE B 1 84  ? 8.712   -12.145 9.361   1.000 83.018  ? 63  ILE A CD1 1 ? 
ATOM 1265 N N   . GLN B 1 85  ? 7.847   -16.698 13.114  1.000 94.722  ? 64  GLN A N   1 ? 
ATOM 1266 C CA  . GLN B 1 85  ? 8.276   -18.078 13.338  1.000 102.689 ? 64  GLN A CA  1 ? 
ATOM 1267 C C   . GLN B 1 85  ? 7.281   -19.061 12.754  1.000 97.870  ? 64  GLN A C   1 ? 
ATOM 1268 O O   . GLN B 1 85  ? 6.075   -18.780 12.709  1.000 96.996  ? 64  GLN A O   1 ? 
ATOM 1269 C CB  . GLN B 1 85  ? 8.470   -18.403 14.825  1.000 108.916 ? 64  GLN A CB  1 ? 
ATOM 1270 C CG  . GLN B 1 85  ? 7.459   -17.818 15.764  1.000 116.735 ? 64  GLN A CG  1 ? 
ATOM 1271 C CD  . GLN B 1 85  ? 8.125   -17.426 17.065  1.000 123.531 ? 64  GLN A CD  1 ? 
ATOM 1272 O OE1 . GLN B 1 85  ? 9.346   -17.525 17.188  1.000 117.230 ? 64  GLN A OE1 1 ? 
ATOM 1273 N NE2 . GLN B 1 85  ? 7.336   -16.981 18.039  1.000 129.810 ? 64  GLN A NE2 1 ? 
ATOM 1274 N N   . PRO B 1 86  ? 7.753   -20.232 12.317  1.000 106.500 ? 65  PRO A N   1 ? 
ATOM 1275 C CA  . PRO B 1 86  ? 6.861   -21.219 11.684  1.000 105.484 ? 65  PRO A CA  1 ? 
ATOM 1276 C C   . PRO B 1 86  ? 5.921   -21.881 12.677  1.000 94.506  ? 65  PRO A C   1 ? 
ATOM 1277 O O   . PRO B 1 86  ? 6.167   -21.903 13.888  1.000 93.256  ? 65  PRO A O   1 ? 
ATOM 1278 C CB  . PRO B 1 86  ? 7.829   -22.247 11.090  1.000 91.719  ? 65  PRO A CB  1 ? 
ATOM 1279 C CG  . PRO B 1 86  ? 9.046   -22.142 11.967  1.000 100.086 ? 65  PRO A CG  1 ? 
ATOM 1280 C CD  . PRO B 1 86  ? 9.153   -20.693 12.363  1.000 99.465  ? 65  PRO A CD  1 ? 
ATOM 1281 N N   . ALA B 1 87  ? 4.826   -22.425 12.137  1.000 98.986  ? 66  ALA A N   1 ? 
ATOM 1282 C CA  . ALA B 1 87  ? 3.868   -23.208 12.915  1.000 115.290 ? 66  ALA A CA  1 ? 
ATOM 1283 C C   . ALA B 1 87  ? 3.074   -24.110 11.971  1.000 127.723 ? 66  ALA A C   1 ? 
ATOM 1284 O O   . ALA B 1 87  ? 3.203   -24.022 10.746  1.000 143.301 ? 66  ALA A O   1 ? 
ATOM 1285 C CB  . ALA B 1 87  ? 2.936   -22.300 13.727  1.000 113.629 ? 66  ALA A CB  1 ? 
ATOM 1286 N N   . ALA B 1 88  ? 2.246   -24.984 12.560  1.000 116.038 ? 67  ALA A N   1 ? 
ATOM 1287 C CA  . ALA B 1 88  ? 1.293   -25.805 11.811  1.000 114.443 ? 67  ALA A CA  1 ? 
ATOM 1288 C C   . ALA B 1 88  ? 1.891   -26.394 10.534  1.000 126.768 ? 67  ALA A C   1 ? 
ATOM 1289 O O   . ALA B 1 88  ? 3.093   -26.671 10.480  1.000 140.098 ? 67  ALA A O   1 ? 
ATOM 1290 C CB  . ALA B 1 88  ? 0.050   -24.980 11.476  1.000 118.409 ? 67  ALA A CB  1 ? 
ATOM 1291 N N   . ALA B 1 89  ? 1.080   -26.571 9.493   1.000 130.721 ? 68  ALA A N   1 ? 
ATOM 1292 C CA  . ALA B 1 89  ? 1.544   -27.161 8.236   1.000 135.629 ? 68  ALA A CA  1 ? 
ATOM 1293 C C   . ALA B 1 89  ? 1.802   -26.031 7.248   1.000 130.916 ? 68  ALA A C   1 ? 
ATOM 1294 O O   . ALA B 1 89  ? 0.877   -25.539 6.598   1.000 134.408 ? 68  ALA A O   1 ? 
ATOM 1295 C CB  . ALA B 1 89  ? 0.535   -28.166 7.685   1.000 136.651 ? 68  ALA A CB  1 ? 
ATOM 1296 N N   . GLY B 1 90  ? 3.061   -25.629 7.124   1.000 126.194 ? 69  GLY A N   1 ? 
ATOM 1297 C CA  . GLY B 1 90  ? 3.409   -24.569 6.194   1.000 127.781 ? 69  GLY A CA  1 ? 
ATOM 1298 C C   . GLY B 1 90  ? 2.807   -23.227 6.555   1.000 128.673 ? 69  GLY A C   1 ? 
ATOM 1299 O O   . GLY B 1 90  ? 2.473   -22.436 5.659   1.000 131.884 ? 69  GLY A O   1 ? 
ATOM 1300 N N   . SER B 1 91  ? 2.646   -22.954 7.845   1.000 118.859 ? 70  SER A N   1 ? 
ATOM 1301 C CA  . SER B 1 91  ? 2.098   -21.697 8.321   1.000 111.034 ? 70  SER A CA  1 ? 
ATOM 1302 C C   . SER B 1 91  ? 3.102   -21.017 9.243   1.000 109.495 ? 70  SER A C   1 ? 
ATOM 1303 O O   . SER B 1 91  ? 4.005   -21.650 9.799   1.000 110.034 ? 70  SER A O   1 ? 
ATOM 1304 C CB  . SER B 1 91  ? 0.765   -21.909 9.053   1.000 111.537 ? 70  SER A CB  1 ? 
ATOM 1305 O OG  . SER B 1 91  ? 0.964   -22.092 10.450  1.000 115.456 ? 70  SER A OG  1 ? 
ATOM 1306 N N   . ALA B 1 92  ? 2.934   -19.706 9.398   1.000 103.573 ? 71  ALA A N   1 ? 
ATOM 1307 C CA  . ALA B 1 92  ? 3.843   -18.895 10.188  1.000 94.488  ? 71  ALA A CA  1 ? 
ATOM 1308 C C   . ALA B 1 92  ? 3.037   -17.903 11.005  1.000 101.928 ? 71  ALA A C   1 ? 
ATOM 1309 O O   . ALA B 1 92  ? 1.896   -17.570 10.661  1.000 105.581 ? 71  ALA A O   1 ? 
ATOM 1310 C CB  . ALA B 1 92  ? 4.842   -18.144 9.308   1.000 85.289  ? 71  ALA A CB  1 ? 
ATOM 1311 N N   . THR B 1 93  ? 3.644   -17.436 12.094  1.000 100.315 ? 72  THR A N   1 ? 
ATOM 1312 C CA  . THR B 1 93  ? 3.071   -16.384 12.915  1.000 92.319  ? 72  THR A CA  1 ? 
ATOM 1313 C C   . THR B 1 93  ? 4.028   -15.205 12.974  1.000 86.803  ? 72  THR A C   1 ? 
ATOM 1314 O O   . THR B 1 93  ? 5.246   -15.352 12.817  1.000 92.698  ? 72  THR A O   1 ? 
ATOM 1315 C CB  . THR B 1 93  ? 2.806   -16.872 14.323  1.000 86.513  ? 72  THR A CB  1 ? 
ATOM 1316 O OG1 . THR B 1 93  ? 4.053   -17.298 14.883  1.000 97.235  ? 72  THR A OG1 1 ? 
ATOM 1317 C CG2 . THR B 1 93  ? 1.824   -18.037 14.305  1.000 68.919  ? 72  THR A CG2 1 ? 
ATOM 1318 N N   . ALA B 1 94  ? 3.475   -14.026 13.224  1.000 80.704  ? 73  ALA A N   1 ? 
ATOM 1319 C CA  . ALA B 1 94  ? 4.300   -12.830 13.256  1.000 77.312  ? 73  ALA A CA  1 ? 
ATOM 1320 C C   . ALA B 1 94  ? 3.633   -11.830 14.166  1.000 75.030  ? 73  ALA A C   1 ? 
ATOM 1321 O O   . ALA B 1 94  ? 2.404   -11.801 14.249  1.000 82.318  ? 73  ALA A O   1 ? 
ATOM 1322 C CB  . ALA B 1 94  ? 4.440   -12.219 11.870  1.000 89.634  ? 73  ALA A CB  1 ? 
ATOM 1323 N N   . ASP B 1 95  ? 4.431   -11.024 14.860  1.000 81.620  ? 74  ASP A N   1 ? 
ATOM 1324 C CA  . ASP B 1 95  ? 3.841   -9.894  15.546  1.000 84.100  ? 74  ASP A CA  1 ? 
ATOM 1325 C C   . ASP B 1 95  ? 3.743   -8.779  14.532  1.000 82.452  ? 74  ASP A C   1 ? 
ATOM 1326 O O   . ASP B 1 95  ? 4.746   -8.389  13.929  1.000 97.241  ? 74  ASP A O   1 ? 
ATOM 1327 C CB  . ASP B 1 95  ? 4.627   -9.478  16.788  1.000 79.288  ? 74  ASP A CB  1 ? 
ATOM 1328 C CG  . ASP B 1 95  ? 4.819   -10.621 17.751  1.000 95.812  ? 74  ASP A CG  1 ? 
ATOM 1329 O OD1 . ASP B 1 95  ? 5.956   -10.727 18.289  1.000 100.562 ? 74  ASP A OD1 1 ? 
ATOM 1330 O OD2 . ASP B 1 95  ? 3.864   -11.447 17.903  1.000 99.204  ? 74  ASP A OD2 1 ? 
ATOM 1331 N N   . VAL B 1 96  ? 2.529   -8.336  14.267  1.000 78.533  ? 75  VAL A N   1 ? 
ATOM 1332 C CA  . VAL B 1 96  ? 2.292   -7.191  13.413  1.000 92.203  ? 75  VAL A CA  1 ? 
ATOM 1333 C C   . VAL B 1 96  ? 1.993   -6.002  14.311  1.000 93.561  ? 75  VAL A C   1 ? 
ATOM 1334 O O   . VAL B 1 96  ? 1.145   -6.094  15.208  1.000 96.785  ? 75  VAL A O   1 ? 
ATOM 1335 C CB  . VAL B 1 96  ? 1.139   -7.479  12.444  1.000 85.394  ? 75  VAL A CB  1 ? 
ATOM 1336 C CG1 . VAL B 1 96  ? 0.894   -6.306  11.510  1.000 70.022  ? 75  VAL A CG1 1 ? 
ATOM 1337 C CG2 . VAL B 1 96  ? 1.476   -8.705  11.627  1.000 83.531  ? 75  VAL A CG2 1 ? 
ATOM 1338 N N   . SER B 1 97  ? 2.718   -4.908  14.098  1.000 88.376  ? 76  SER A N   1 ? 
ATOM 1339 C CA  . SER B 1 97  ? 2.487   -3.644  14.781  1.000 85.800  ? 76  SER A CA  1 ? 
ATOM 1340 C C   . SER B 1 97  ? 2.036   -2.639  13.741  1.000 88.247  ? 76  SER A C   1 ? 
ATOM 1341 O O   . SER B 1 97  ? 2.646   -2.550  12.667  1.000 82.870  ? 76  SER A O   1 ? 
ATOM 1342 C CB  . SER B 1 97  ? 3.755   -3.146  15.471  1.000 81.978  ? 76  SER A CB  1 ? 
ATOM 1343 O OG  . SER B 1 97  ? 4.355   -4.207  16.215  1.000 96.948  ? 76  SER A OG  1 ? 
ATOM 1344 N N   . VAL B 1 98  ? 0.960   -1.911  14.036  1.000 86.889  ? 77  VAL A N   1 ? 
ATOM 1345 C CA  . VAL B 1 98  ? 0.416   -0.935  13.094  1.000 91.014  ? 77  VAL A CA  1 ? 
ATOM 1346 C C   . VAL B 1 98  ? 0.368   0.426   13.772  1.000 95.559  ? 77  VAL A C   1 ? 
ATOM 1347 O O   . VAL B 1 98  ? -0.196  0.572   14.864  1.000 105.186 ? 77  VAL A O   1 ? 
ATOM 1348 C CB  . VAL B 1 98  ? -0.972  -1.338  12.582  1.000 86.505  ? 77  VAL A CB  1 ? 
ATOM 1349 C CG1 . VAL B 1 98  ? -1.853  -1.770  13.742  1.000 78.704  ? 77  VAL A CG1 1 ? 
ATOM 1350 C CG2 . VAL B 1 98  ? -1.591  -0.183  11.849  1.000 88.471  ? 77  VAL A CG2 1 ? 
ATOM 1351 N N   . SER B 1 99  ? 0.968   1.414   13.137  1.000 96.704  ? 78  SER A N   1 ? 
ATOM 1352 C CA  . SER B 1 99  ? 0.856   2.793   13.555  1.000 96.033  ? 78  SER A CA  1 ? 
ATOM 1353 C C   . SER B 1 99  ? 0.204   3.597   12.441  1.000 97.014  ? 78  SER A C   1 ? 
ATOM 1354 O O   . SER B 1 99  ? -0.121  3.077   11.369  1.000 100.604 ? 78  SER A O   1 ? 
ATOM 1355 C CB  . SER B 1 99  ? 2.229   3.363   13.917  1.000 92.290  ? 78  SER A CB  1 ? 
ATOM 1356 O OG  . SER B 1 99  ? 3.226   2.822   13.067  1.000 98.251  ? 78  SER A OG  1 ? 
ATOM 1357 N N   . GLY B 1 100 ? 0.009   4.878   12.707  1.000 103.686 ? 79  GLY A N   1 ? 
ATOM 1358 C CA  . GLY B 1 100 ? -0.644  5.754   11.767  1.000 110.408 ? 79  GLY A CA  1 ? 
ATOM 1359 C C   . GLY B 1 100 ? -0.746  7.158   12.313  1.000 111.921 ? 79  GLY A C   1 ? 
ATOM 1360 O O   . GLY B 1 100 ? -0.356  7.425   13.452  1.000 117.464 ? 79  GLY A O   1 ? 
ATOM 1361 N N   . PRO B 1 101 ? -1.292  8.082   11.515  1.000 114.793 ? 80  PRO A N   1 ? 
ATOM 1362 C CA  . PRO B 1 101 ? -1.362  9.490   11.951  1.000 105.802 ? 80  PRO A CA  1 ? 
ATOM 1363 C C   . PRO B 1 101 ? -2.124  9.710   13.248  1.000 103.712 ? 80  PRO A C   1 ? 
ATOM 1364 O O   . PRO B 1 101 ? -1.897  10.731  13.913  1.000 107.200 ? 80  PRO A O   1 ? 
ATOM 1365 C CB  . PRO B 1 101 ? -2.059  10.194  10.776  1.000 103.289 ? 80  PRO A CB  1 ? 
ATOM 1366 C CG  . PRO B 1 101 ? -1.844  9.308   9.603   1.000 111.600 ? 80  PRO A CG  1 ? 
ATOM 1367 C CD  . PRO B 1 101 ? -1.777  7.897   10.134  1.000 116.803 ? 80  PRO A CD  1 ? 
ATOM 1368 N N   . LYS B 1 102 ? -3.019  8.808   13.639  1.000 100.075 ? 81  LYS A N   1 ? 
ATOM 1369 C CA  . LYS B 1 102 ? -3.758  8.975   14.886  1.000 97.764  ? 81  LYS A CA  1 ? 
ATOM 1370 C C   . LYS B 1 102 ? -3.559  7.805   15.845  1.000 101.115 ? 81  LYS A C   1 ? 
ATOM 1371 O O   . LYS B 1 102 ? -4.448  7.503   16.640  1.000 107.413 ? 81  LYS A O   1 ? 
ATOM 1372 C CB  . LYS B 1 102 ? -5.245  9.185   14.615  1.000 100.375 ? 81  LYS A CB  1 ? 
ATOM 1373 C CG  . LYS B 1 102 ? -5.525  10.223  13.533  1.000 113.761 ? 81  LYS A CG  1 ? 
ATOM 1374 C CD  . LYS B 1 102 ? -6.646  11.174  13.942  1.000 116.322 ? 81  LYS A CD  1 ? 
ATOM 1375 C CE  . LYS B 1 102 ? -6.776  12.284  12.925  1.000 123.952 ? 81  LYS A CE  1 ? 
ATOM 1376 N NZ  . LYS B 1 102 ? -6.723  11.680  11.560  1.000 131.026 ? 81  LYS A NZ  1 ? 
ATOM 1377 N N   . LEU B 1 103 ? -2.405  7.134   15.800  1.000 92.227  ? 82  LEU A N   1 ? 
ATOM 1378 C CA  . LEU B 1 103 ? -2.076  6.114   16.796  1.000 102.528 ? 82  LEU A CA  1 ? 
ATOM 1379 C C   . LEU B 1 103 ? -0.848  6.576   17.575  1.000 104.076 ? 82  LEU A C   1 ? 
ATOM 1380 O O   . LEU B 1 103 ? 0.243   6.695   17.005  1.000 103.968 ? 82  LEU A O   1 ? 
ATOM 1381 C CB  . LEU B 1 103 ? -1.858  4.739   16.162  1.000 101.273 ? 82  LEU A CB  1 ? 
ATOM 1382 C CG  . LEU B 1 103 ? -3.138  4.057   15.662  1.000 97.043  ? 82  LEU A CG  1 ? 
ATOM 1383 C CD1 . LEU B 1 103 ? -2.808  2.805   14.866  1.000 89.477  ? 82  LEU A CD1 1 ? 
ATOM 1384 C CD2 . LEU B 1 103 ? -4.064  3.718   16.821  1.000 96.069  ? 82  LEU A CD2 1 ? 
ATOM 1385 N N   . SER B 1 104 ? -1.046  6.831   18.876  1.000 103.054 ? 83  SER A N   1 ? 
ATOM 1386 C CA  . SER B 1 104 ? 0.025   7.301   19.754  1.000 114.732 ? 83  SER A CA  1 ? 
ATOM 1387 C C   . SER B 1 104 ? 1.209   6.346   19.754  1.000 121.136 ? 83  SER A C   1 ? 
ATOM 1388 O O   . SER B 1 104 ? 2.366   6.773   19.673  1.000 127.244 ? 83  SER A O   1 ? 
ATOM 1389 C CB  . SER B 1 104 ? -0.500  7.466   21.183  1.000 117.140 ? 83  SER A CB  1 ? 
ATOM 1390 O OG  . SER B 1 104 ? -1.641  8.307   21.251  1.000 124.781 ? 83  SER A OG  1 ? 
ATOM 1391 N N   . SER B 1 105 ? 0.939   5.051   19.883  1.000 113.956 ? 84  SER A N   1 ? 
ATOM 1392 C CA  . SER B 1 105 ? 1.937   3.998   19.916  1.000 107.481 ? 84  SER A CA  1 ? 
ATOM 1393 C C   . SER B 1 105 ? 1.447   2.837   19.071  1.000 102.733 ? 84  SER A C   1 ? 
ATOM 1394 O O   . SER B 1 105 ? 0.235   2.629   18.952  1.000 108.260 ? 84  SER A O   1 ? 
ATOM 1395 C CB  . SER B 1 105 ? 2.191   3.507   21.351  1.000 115.006 ? 84  SER A CB  1 ? 
ATOM 1396 O OG  . SER B 1 105 ? 1.115   2.706   21.824  1.000 114.987 ? 84  SER A OG  1 ? 
ATOM 1397 N N   . PRO B 1 106 ? 2.359   2.070   18.469  1.000 95.575  ? 85  PRO A N   1 ? 
ATOM 1398 C CA  . PRO B 1 106 ? 1.928   0.917   17.667  1.000 96.522  ? 85  PRO A CA  1 ? 
ATOM 1399 C C   . PRO B 1 106 ? 1.045   -0.007  18.484  1.000 98.528  ? 85  PRO A C   1 ? 
ATOM 1400 O O   . PRO B 1 106 ? 1.289   -0.234  19.671  1.000 108.389 ? 85  PRO A O   1 ? 
ATOM 1401 C CB  . PRO B 1 106 ? 3.247   0.234   17.283  1.000 90.824  ? 85  PRO A CB  1 ? 
ATOM 1402 C CG  . PRO B 1 106 ? 4.247   1.339   17.294  1.000 93.416  ? 85  PRO A CG  1 ? 
ATOM 1403 C CD  . PRO B 1 106 ? 3.819   2.281   18.400  1.000 86.071  ? 85  PRO A CD  1 ? 
ATOM 1404 N N   . VAL B 1 107 ? -0.013  -0.512  17.850  1.000 80.807  ? 86  VAL A N   1 ? 
ATOM 1405 C CA  . VAL B 1 107 ? -0.800  -1.604  18.411  1.000 85.668  ? 86  VAL A CA  1 ? 
ATOM 1406 C C   . VAL B 1 107 ? -0.298  -2.905  17.804  1.000 93.135  ? 86  VAL A C   1 ? 
ATOM 1407 O O   . VAL B 1 107 ? -0.221  -3.033  16.573  1.000 107.497 ? 86  VAL A O   1 ? 
ATOM 1408 C CB  . VAL B 1 107 ? -2.300  -1.423  18.136  1.000 86.116  ? 86  VAL A CB  1 ? 
ATOM 1409 C CG1 . VAL B 1 107 ? -3.099  -2.580  18.725  1.000 87.895  ? 86  VAL A CG1 1 ? 
ATOM 1410 C CG2 . VAL B 1 107 ? -2.775  -0.089  18.691  1.000 74.317  ? 86  VAL A CG2 1 ? 
ATOM 1411 N N   . THR B 1 108 ? 0.063   -3.862  18.653  1.000 79.970  ? 87  THR A N   1 ? 
ATOM 1412 C CA  . THR B 1 108 ? 0.686   -5.103  18.211  1.000 84.329  ? 87  THR A CA  1 ? 
ATOM 1413 C C   . THR B 1 108 ? -0.206  -6.295  18.532  1.000 90.950  ? 87  THR A C   1 ? 
ATOM 1414 O O   . THR B 1 108 ? -0.737  -6.404  19.638  1.000 101.283 ? 87  THR A O   1 ? 
ATOM 1415 C CB  . THR B 1 108 ? 2.052   -5.285  18.881  1.000 85.408  ? 87  THR A CB  1 ? 
ATOM 1416 O OG1 . THR B 1 108 ? 2.892   -4.181  18.519  1.000 83.294  ? 87  THR A OG1 1 ? 
ATOM 1417 C CG2 . THR B 1 108 ? 2.689   -6.572  18.472  1.000 87.426  ? 87  THR A CG2 1 ? 
ATOM 1418 N N   . ARG B 1 109 ? -0.402  -7.177  17.559  1.000 82.610  ? 88  ARG A N   1 ? 
ATOM 1419 C CA  . ARG B 1 109 ? -1.011  -8.469  17.832  1.000 86.037  ? 88  ARG A CA  1 ? 
ATOM 1420 C C   . ARG B 1 109 ? -0.220  -9.521  17.063  1.000 87.468  ? 88  ARG A C   1 ? 
ATOM 1421 O O   . ARG B 1 109 ? 0.471   -9.210  16.084  1.000 83.439  ? 88  ARG A O   1 ? 
ATOM 1422 C CB  . ARG B 1 109 ? -2.515  -8.530  17.473  1.000 87.655  ? 88  ARG A CB  1 ? 
ATOM 1423 C CG  . ARG B 1 109 ? -3.061  -9.935  17.667  1.000 105.752 ? 88  ARG A CG  1 ? 
ATOM 1424 C CD  . ARG B 1 109 ? -4.503  -10.188 17.311  1.000 109.929 ? 88  ARG A CD  1 ? 
ATOM 1425 N NE  . ARG B 1 109 ? -5.466  -9.566  18.215  1.000 101.815 ? 88  ARG A NE  1 ? 
ATOM 1426 C CZ  . ARG B 1 109 ? -6.206  -10.251 19.077  1.000 104.689 ? 88  ARG A CZ  1 ? 
ATOM 1427 N NH1 . ARG B 1 109 ? -6.031  -11.557 19.194  1.000 112.495 ? 88  ARG A NH1 1 ? 
ATOM 1428 N NH2 . ARG B 1 109 ? -7.077  -9.622  19.846  1.000 107.842 ? 88  ARG A NH2 1 ? 
ATOM 1429 N N   . ASN B 1 110 ? -0.245  -10.750 17.565  1.000 94.490  ? 89  ASN A N   1 ? 
ATOM 1430 C CA  . ASN B 1 110 ? 0.416   -11.861 16.901  1.000 91.937  ? 89  ASN A CA  1 ? 
ATOM 1431 C C   . ASN B 1 110 ? -0.618  -12.555 16.043  1.000 84.331  ? 89  ASN A C   1 ? 
ATOM 1432 O O   . ASN B 1 110 ? -1.615  -13.072 16.570  1.000 88.800  ? 89  ASN A O   1 ? 
ATOM 1433 C CB  . ASN B 1 110 ? 1.029   -12.826 17.912  1.000 80.660  ? 89  ASN A CB  1 ? 
ATOM 1434 C CG  . ASN B 1 110 ? 1.713   -14.006 17.241  1.000 84.155  ? 89  ASN A CG  1 ? 
ATOM 1435 O OD1 . ASN B 1 110 ? 1.055   -14.842 16.633  1.000 101.846 ? 89  ASN A OD1 1 ? 
ATOM 1436 N ND2 . ASN B 1 110 ? 3.051   -14.066 17.334  1.000 80.760  ? 89  ASN A ND2 1 ? 
ATOM 1437 N N   . VAL B 1 111 ? -0.389  -12.543 14.729  1.000 91.416  ? 90  VAL A N   1 ? 
ATOM 1438 C CA  . VAL B 1 111 ? -1.349  -13.009 13.736  1.000 97.438  ? 90  VAL A CA  1 ? 
ATOM 1439 C C   . VAL B 1 111 ? -0.697  -14.118 12.920  1.000 94.053  ? 90  VAL A C   1 ? 
ATOM 1440 O O   . VAL B 1 111 ? 0.533   -14.225 12.849  1.000 97.156  ? 90  VAL A O   1 ? 
ATOM 1441 C CB  . VAL B 1 111 ? -1.820  -11.877 12.807  1.000 96.075  ? 90  VAL A CB  1 ? 
ATOM 1442 C CG1 . VAL B 1 111 ? -2.118  -10.616 13.619  1.000 93.298  ? 90  VAL A CG1 1 ? 
ATOM 1443 C CG2 . VAL B 1 111 ? -0.755  -11.575 11.836  1.000 95.898  ? 90  VAL A CG2 1 ? 
ATOM 1444 N N   . THR B 1 112 ? -1.545  -14.926 12.273  1.000 77.162  ? 91  THR A N   1 ? 
ATOM 1445 C CA  . THR B 1 112 ? -1.138  -16.152 11.594  1.000 79.202  ? 91  THR A CA  1 ? 
ATOM 1446 C C   . THR B 1 112 ? -1.291  -16.012 10.084  1.000 80.499  ? 91  THR A C   1 ? 
ATOM 1447 O O   . THR B 1 112 ? -2.351  -15.600 9.599   1.000 81.934  ? 91  THR A O   1 ? 
ATOM 1448 C CB  . THR B 1 112 ? -1.986  -17.345 12.062  1.000 89.253  ? 91  THR A CB  1 ? 
ATOM 1449 O OG1 . THR B 1 112 ? -1.955  -17.429 13.492  1.000 88.274  ? 91  THR A OG1 1 ? 
ATOM 1450 C CG2 . THR B 1 112 ? -1.490  -18.650 11.444  1.000 83.605  ? 91  THR A CG2 1 ? 
ATOM 1451 N N   . PHE B 1 113 ? -0.249  -16.415 9.348   1.000 77.630  ? 92  PHE A N   1 ? 
ATOM 1452 C CA  . PHE B 1 113 ? -0.253  -16.431 7.892   1.000 84.160  ? 92  PHE A CA  1 ? 
ATOM 1453 C C   . PHE B 1 113 ? -0.110  -17.869 7.377   1.000 90.911  ? 92  PHE A C   1 ? 
ATOM 1454 O O   . PHE B 1 113 ? 0.539   -18.701 8.007   1.000 87.729  ? 92  PHE A O   1 ? 
ATOM 1455 C CB  . PHE B 1 113 ? 0.876   -15.562 7.345   1.000 80.041  ? 92  PHE A CB  1 ? 
ATOM 1456 C CG  . PHE B 1 113 ? 0.794   -14.120 7.768   1.000 90.374  ? 92  PHE A CG  1 ? 
ATOM 1457 C CD1 . PHE B 1 113 ? 1.321   -13.711 8.984   1.000 91.850  ? 92  PHE A CD1 1 ? 
ATOM 1458 C CD2 . PHE B 1 113 ? 0.190   -13.167 6.940   1.000 91.369  ? 92  PHE A CD2 1 ? 
ATOM 1459 C CE1 . PHE B 1 113 ? 1.277   -12.384 9.370   1.000 88.942  ? 92  PHE A CE1 1 ? 
ATOM 1460 C CE2 . PHE B 1 113 ? 0.110   -11.839 7.326   1.000 92.511  ? 92  PHE A CE2 1 ? 
ATOM 1461 C CZ  . PHE B 1 113 ? 0.658   -11.447 8.565   1.000 94.246  ? 92  PHE A CZ  1 ? 
ATOM 1462 N N   . VAL B 1 114 ? -0.731  -18.173 6.231   1.000 88.505  ? 93  VAL A N   1 ? 
ATOM 1463 C CA  . VAL B 1 114 ? -0.644  -19.503 5.631   1.000 100.480 ? 93  VAL A CA  1 ? 
ATOM 1464 C C   . VAL B 1 114 ? -0.082  -19.378 4.224   1.000 105.631 ? 93  VAL A C   1 ? 
ATOM 1465 O O   . VAL B 1 114 ? -0.494  -18.503 3.456   1.000 107.529 ? 93  VAL A O   1 ? 
ATOM 1466 C CB  . VAL B 1 114 ? -1.998  -20.256 5.589   1.000 87.339  ? 93  VAL A CB  1 ? 
ATOM 1467 C CG1 . VAL B 1 114 ? -2.450  -20.668 6.989   1.000 71.422  ? 93  VAL A CG1 1 ? 
ATOM 1468 C CG2 . VAL B 1 114 ? -3.066  -19.454 4.866   1.000 83.665  ? 93  VAL A CG2 1 ? 
ATOM 1469 N N   . ASN B 1 115 ? 0.847   -20.265 3.888   1.000 119.635 ? 94  ASN A N   1 ? 
ATOM 1470 C CA  . ASN B 1 115 ? 1.461   -20.299 2.567   1.000 123.857 ? 94  ASN A CA  1 ? 
ATOM 1471 C C   . ASN B 1 115 ? 0.743   -21.372 1.759   1.000 135.290 ? 94  ASN A C   1 ? 
ATOM 1472 O O   . ASN B 1 115 ? 0.921   -22.571 1.989   1.000 140.822 ? 94  ASN A O   1 ? 
ATOM 1473 C CB  . ASN B 1 115 ? 2.956   -20.571 2.667   1.000 128.055 ? 94  ASN A CB  1 ? 
ATOM 1474 C CG  . ASN B 1 115 ? 3.632   -20.606 1.317   1.000 132.095 ? 94  ASN A CG  1 ? 
ATOM 1475 O OD1 . ASN B 1 115 ? 4.757   -21.093 1.197   1.000 143.193 ? 94  ASN A OD1 1 ? 
ATOM 1476 N ND2 . ASN B 1 115 ? 2.963   -20.067 0.293   1.000 128.750 ? 94  ASN A ND2 1 ? 
ATOM 1477 N N   . GLN B 1 116 ? -0.085  -20.929 0.821   1.000 131.039 ? 95  GLN A N   1 ? 
ATOM 1478 C CA  . GLN B 1 116 ? -0.664  -21.794 -0.202  1.000 122.062 ? 95  GLN A CA  1 ? 
ATOM 1479 C C   . GLN B 1 116 ? -0.717  -20.923 -1.452  1.000 125.512 ? 95  GLN A C   1 ? 
ATOM 1480 O O   . GLN B 1 116 ? -1.572  -20.041 -1.565  1.000 130.492 ? 95  GLN A O   1 ? 
ATOM 1481 C CB  . GLN B 1 116 ? -2.035  -22.321 0.205   1.000 120.312 ? 95  GLN A CB  1 ? 
ATOM 1482 C CG  . GLN B 1 116 ? -2.873  -21.378 1.060   1.000 115.717 ? 95  GLN A CG  1 ? 
ATOM 1483 C CD  . GLN B 1 116 ? -4.014  -22.086 1.809   1.000 113.314 ? 95  GLN A CD  1 ? 
ATOM 1484 O OE1 . GLN B 1 116 ? -3.786  -22.847 2.760   1.000 103.723 ? 95  GLN A OE1 1 ? 
ATOM 1485 N NE2 . GLN B 1 116 ? -5.253  -21.821 1.381   1.000 117.080 ? 95  GLN A NE2 1 ? 
ATOM 1486 N N   . GLY B 1 117 ? 0.221   -21.147 -2.368  1.000 125.060 ? 96  GLY A N   1 ? 
ATOM 1487 C CA  . GLY B 1 117 ? 0.362   -20.307 -3.540  1.000 124.091 ? 96  GLY A CA  1 ? 
ATOM 1488 C C   . GLY B 1 117 ? 0.633   -18.857 -3.193  1.000 136.743 ? 96  GLY A C   1 ? 
ATOM 1489 O O   . GLY B 1 117 ? -0.111  -17.956 -3.594  1.000 136.187 ? 96  GLY A O   1 ? 
ATOM 1490 N N   . GLY B 1 118 ? 1.708   -18.619 -2.452  1.000 151.752 ? 97  GLY A N   1 ? 
ATOM 1491 C CA  . GLY B 1 118 ? 1.959   -17.317 -1.876  1.000 145.407 ? 97  GLY A CA  1 ? 
ATOM 1492 C C   . GLY B 1 118 ? 1.457   -17.247 -0.449  1.000 135.087 ? 97  GLY A C   1 ? 
ATOM 1493 O O   . GLY B 1 118 ? 0.697   -18.097 0.030   1.000 132.524 ? 97  GLY A O   1 ? 
ATOM 1494 N N   . TRP B 1 119 ? 1.916   -16.215 0.250   1.000 127.394 ? 98  TRP A N   1 ? 
ATOM 1495 C CA  . TRP B 1 119 ? 1.554   -16.013 1.644   1.000 110.174 ? 98  TRP A CA  1 ? 
ATOM 1496 C C   . TRP B 1 119 ? 0.271   -15.193 1.715   1.000 101.138 ? 98  TRP A C   1 ? 
ATOM 1497 O O   . TRP B 1 119 ? 0.079   -14.238 0.952   1.000 93.314  ? 98  TRP A O   1 ? 
ATOM 1498 C CB  . TRP B 1 119 ? 2.700   -15.328 2.411   1.000 102.125 ? 98  TRP A CB  1 ? 
ATOM 1499 C CG  . TRP B 1 119 ? 3.858   -16.289 2.658   1.000 97.630  ? 98  TRP A CG  1 ? 
ATOM 1500 C CD1 . TRP B 1 119 ? 4.991   -16.437 1.899   1.000 98.638  ? 98  TRP A CD1 1 ? 
ATOM 1501 C CD2 . TRP B 1 119 ? 3.959   -17.257 3.714   1.000 84.165  ? 98  TRP A CD2 1 ? 
ATOM 1502 N NE1 . TRP B 1 119 ? 5.788   -17.434 2.425   1.000 101.883 ? 98  TRP A NE1 1 ? 
ATOM 1503 C CE2 . TRP B 1 119 ? 5.173   -17.956 3.533   1.000 89.700  ? 98  TRP A CE2 1 ? 
ATOM 1504 C CE3 . TRP B 1 119 ? 3.140   -17.598 4.792   1.000 76.470  ? 98  TRP A CE3 1 ? 
ATOM 1505 C CZ2 . TRP B 1 119 ? 5.580   -18.978 4.381   1.000 98.962  ? 98  TRP A CZ2 1 ? 
ATOM 1506 C CZ3 . TRP B 1 119 ? 3.540   -18.620 5.628   1.000 99.588  ? 98  TRP A CZ3 1 ? 
ATOM 1507 C CH2 . TRP B 1 119 ? 4.755   -19.297 5.421   1.000 104.797 ? 98  TRP A CH2 1 ? 
ATOM 1508 N N   . MET B 1 120 ? -0.629  -15.601 2.606   1.000 95.156  ? 99  MET A N   1 ? 
ATOM 1509 C CA  . MET B 1 120 ? -1.861  -14.862 2.826   1.000 96.140  ? 99  MET A CA  1 ? 
ATOM 1510 C C   . MET B 1 120 ? -2.172  -14.830 4.317   1.000 92.245  ? 99  MET A C   1 ? 
ATOM 1511 O O   . MET B 1 120 ? -1.730  -15.688 5.091   1.000 94.643  ? 99  MET A O   1 ? 
ATOM 1512 C CB  . MET B 1 120 ? -3.077  -15.470 2.095   1.000 96.206  ? 99  MET A CB  1 ? 
ATOM 1513 C CG  . MET B 1 120 ? -2.751  -16.377 0.916   1.000 106.929 ? 99  MET A CG  1 ? 
ATOM 1514 S SD  . MET B 1 120 ? -4.198  -17.215 0.206   1.000 101.494 ? 99  MET A SD  1 ? 
ATOM 1515 C CE  . MET B 1 120 ? -5.270  -15.873 -0.247  1.000 119.338 ? 99  MET A CE  1 ? 
ATOM 1516 N N   . LEU B 1 121 ? -2.948  -13.826 4.703   1.000 75.104  ? 100 LEU A N   1 ? 
ATOM 1517 C CA  . LEU B 1 121 ? -3.605  -13.827 5.997   1.000 79.699  ? 100 LEU A CA  1 ? 
ATOM 1518 C C   . LEU B 1 121 ? -4.430  -15.098 6.160   1.000 88.003  ? 100 LEU A C   1 ? 
ATOM 1519 O O   . LEU B 1 121 ? -5.135  -15.506 5.237   1.000 90.213  ? 100 LEU A O   1 ? 
ATOM 1520 C CB  . LEU B 1 121 ? -4.497  -12.585 6.092   1.000 80.831  ? 100 LEU A CB  1 ? 
ATOM 1521 C CG  . LEU B 1 121 ? -4.778  -12.058 7.492   1.000 80.941  ? 100 LEU A CG  1 ? 
ATOM 1522 C CD1 . LEU B 1 121 ? -3.501  -12.058 8.304   1.000 72.388  ? 100 LEU A CD1 1 ? 
ATOM 1523 C CD2 . LEU B 1 121 ? -5.368  -10.680 7.399   1.000 79.483  ? 100 LEU A CD2 1 ? 
ATOM 1524 N N   . SER B 1 122 ? -4.316  -15.737 7.322   1.000 85.737  ? 101 SER A N   1 ? 
ATOM 1525 C CA  . SER B 1 122 ? -5.168  -16.871 7.670   1.000 82.847  ? 101 SER A CA  1 ? 
ATOM 1526 C C   . SER B 1 122 ? -6.631  -16.447 7.849   1.000 84.165  ? 101 SER A C   1 ? 
ATOM 1527 O O   . SER B 1 122 ? -6.945  -15.279 8.084   1.000 95.764  ? 101 SER A O   1 ? 
ATOM 1528 C CB  . SER B 1 122 ? -4.698  -17.504 8.972   1.000 85.600  ? 101 SER A CB  1 ? 
ATOM 1529 O OG  . SER B 1 122 ? -5.372  -16.865 10.051  1.000 83.778  ? 101 SER A OG  1 ? 
ATOM 1530 N N   . ARG B 1 123 ? -7.538  -17.430 7.795   1.000 81.239  ? 102 ARG A N   1 ? 
ATOM 1531 C CA  . ARG B 1 123 ? -8.960  -17.105 7.877   1.000 79.291  ? 102 ARG A CA  1 ? 
ATOM 1532 C C   . ARG B 1 123 ? -9.324  -16.611 9.267   1.000 88.555  ? 102 ARG A C   1 ? 
ATOM 1533 O O   . ARG B 1 123 ? -9.873  -15.514 9.419   1.000 99.499  ? 102 ARG A O   1 ? 
ATOM 1534 C CB  . ARG B 1 123 ? -9.817  -18.306 7.477   1.000 79.649  ? 102 ARG A CB  1 ? 
ATOM 1535 C CG  . ARG B 1 123 ? -11.238 -17.907 7.116   1.000 93.343  ? 102 ARG A CG  1 ? 
ATOM 1536 C CD  . ARG B 1 123 ? -12.229 -19.046 7.272   1.000 103.736 ? 102 ARG A CD  1 ? 
ATOM 1537 N NE  . ARG B 1 123 ? -12.005 -20.070 6.262   1.000 117.082 ? 102 ARG A NE  1 ? 
ATOM 1538 C CZ  . ARG B 1 123 ? -12.857 -20.353 5.279   1.000 122.233 ? 102 ARG A CZ  1 ? 
ATOM 1539 N NH1 . ARG B 1 123 ? -14.003 -19.690 5.180   1.000 123.807 ? 102 ARG A NH1 1 ? 
ATOM 1540 N NH2 . ARG B 1 123 ? -12.561 -21.304 4.397   1.000 119.678 ? 102 ARG A NH2 1 ? 
ATOM 1541 N N   . ALA B 1 124 ? -8.974  -17.378 10.300  1.000 93.656  ? 103 ALA A N   1 ? 
ATOM 1542 C CA  . ALA B 1 124 ? -9.288  -16.970 11.664  1.000 83.607  ? 103 ALA A CA  1 ? 
ATOM 1543 C C   . ALA B 1 124 ? -8.650  -15.629 12.008  1.000 89.382  ? 103 ALA A C   1 ? 
ATOM 1544 O O   . ALA B 1 124 ? -9.285  -14.776 12.645  1.000 93.461  ? 103 ALA A O   1 ? 
ATOM 1545 C CB  . ALA B 1 124 ? -8.831  -18.051 12.636  1.000 90.516  ? 103 ALA A CB  1 ? 
ATOM 1546 N N   . SER B 1 125 ? -7.385  -15.420 11.618  1.000 88.953  ? 104 SER A N   1 ? 
ATOM 1547 C CA  . SER B 1 125 ? -6.758  -14.120 11.880  1.000 90.716  ? 104 SER A CA  1 ? 
ATOM 1548 C C   . SER B 1 125 ? -7.525  -12.994 11.203  1.000 97.238  ? 104 SER A C   1 ? 
ATOM 1549 O O   . SER B 1 125 ? -7.633  -11.900 11.759  1.000 98.080  ? 104 SER A O   1 ? 
ATOM 1550 C CB  . SER B 1 125 ? -5.302  -14.095 11.398  1.000 86.550  ? 104 SER A CB  1 ? 
ATOM 1551 O OG  . SER B 1 125 ? -4.499  -15.066 12.052  1.000 96.554  ? 104 SER A OG  1 ? 
ATOM 1552 N N   . ALA B 1 126 ? -8.060  -13.235 9.996   1.000 93.074  ? 105 ALA A N   1 ? 
ATOM 1553 C CA  . ALA B 1 126 ? -8.729  -12.149 9.293   1.000 84.668  ? 105 ALA A CA  1 ? 
ATOM 1554 C C   . ALA B 1 126 ? -10.043 -11.776 9.965   1.000 90.814  ? 105 ALA A C   1 ? 
ATOM 1555 O O   . ALA B 1 126 ? -10.313 -10.586 10.166  1.000 89.845  ? 105 ALA A O   1 ? 
ATOM 1556 C CB  . ALA B 1 126 ? -8.950  -12.508 7.832   1.000 85.526  ? 105 ALA A CB  1 ? 
ATOM 1557 N N   . MET B 1 127 ? -10.863 -12.762 10.346  1.000 94.311  ? 106 MET A N   1 ? 
ATOM 1558 C CA  . MET B 1 127 ? -12.085 -12.420 11.067  1.000 106.097 ? 106 MET A CA  1 ? 
ATOM 1559 C C   . MET B 1 127 ? -11.753 -11.805 12.423  1.000 107.955 ? 106 MET A C   1 ? 
ATOM 1560 O O   . MET B 1 127 ? -12.393 -10.836 12.850  1.000 91.616  ? 106 MET A O   1 ? 
ATOM 1561 C CB  . MET B 1 127 ? -12.981 -13.651 11.227  1.000 114.695 ? 106 MET A CB  1 ? 
ATOM 1562 C CG  . MET B 1 127 ? -12.875 -14.685 10.120  1.000 134.453 ? 106 MET A CG  1 ? 
ATOM 1563 S SD  . MET B 1 127 ? -14.143 -15.989 10.225  1.000 149.715 ? 106 MET A SD  1 ? 
ATOM 1564 C CE  . MET B 1 127 ? -14.220 -16.282 11.997  1.000 139.846 ? 106 MET A CE  1 ? 
ATOM 1565 N N   . GLU B 1 128 ? -10.760 -12.361 13.121  1.000 115.917 ? 107 GLU A N   1 ? 
ATOM 1566 C CA  . GLU B 1 128 ? -10.371 -11.806 14.410  1.000 113.171 ? 107 GLU A CA  1 ? 
ATOM 1567 C C   . GLU B 1 128 ? -10.030 -10.331 14.267  1.000 111.924 ? 107 GLU A C   1 ? 
ATOM 1568 O O   . GLU B 1 128 ? -10.608 -9.479  14.955  1.000 118.030 ? 107 GLU A O   1 ? 
ATOM 1569 C CB  . GLU B 1 128 ? -9.192  -12.588 14.994  1.000 112.292 ? 107 GLU A CB  1 ? 
ATOM 1570 C CG  . GLU B 1 128 ? -9.225  -12.659 16.506  1.000 123.725 ? 107 GLU A CG  1 ? 
ATOM 1571 C CD  . GLU B 1 128 ? -8.072  -13.446 17.089  1.000 127.368 ? 107 GLU A CD  1 ? 
ATOM 1572 O OE1 . GLU B 1 128 ? -8.232  -13.982 18.216  1.000 124.675 ? 107 GLU A OE1 1 ? 
ATOM 1573 O OE2 . GLU B 1 128 ? -7.017  -13.525 16.412  1.000 125.839 ? 107 GLU A OE2 1 ? 
ATOM 1574 N N   . LEU B 1 129 ? -9.140  -10.013 13.322  1.000 103.752 ? 108 LEU A N   1 ? 
ATOM 1575 C CA  . LEU B 1 129 ? -8.658  -8.647  13.148  1.000 99.772  ? 108 LEU A CA  1 ? 
ATOM 1576 C C   . LEU B 1 129 ? -9.765  -7.727  12.667  1.000 103.489 ? 108 LEU A C   1 ? 
ATOM 1577 O O   . LEU B 1 129 ? -9.841  -6.556  13.061  1.000 107.210 ? 108 LEU A O   1 ? 
ATOM 1578 C CB  . LEU B 1 129 ? -7.503  -8.621  12.143  1.000 92.506  ? 108 LEU A CB  1 ? 
ATOM 1579 C CG  . LEU B 1 129 ? -6.132  -9.158  12.555  1.000 89.521  ? 108 LEU A CG  1 ? 
ATOM 1580 C CD1 . LEU B 1 129 ? -5.241  -9.180  11.334  1.000 85.050  ? 108 LEU A CD1 1 ? 
ATOM 1581 C CD2 . LEU B 1 129 ? -5.545  -8.256  13.596  1.000 91.511  ? 108 LEU A CD2 1 ? 
ATOM 1582 N N   . LEU B 1 130 ? -10.601 -8.227  11.773  1.000 109.718 ? 109 LEU A N   1 ? 
ATOM 1583 C CA  . LEU B 1 130 ? -11.657 -7.395  11.233  1.000 102.991 ? 109 LEU A CA  1 ? 
ATOM 1584 C C   . LEU B 1 130 ? -12.610 -6.953  12.336  1.000 104.863 ? 109 LEU A C   1 ? 
ATOM 1585 O O   . LEU B 1 130 ? -12.976 -5.773  12.412  1.000 106.410 ? 109 LEU A O   1 ? 
ATOM 1586 C CB  . LEU B 1 130 ? -12.364 -8.169  10.133  1.000 97.375  ? 109 LEU A CB  1 ? 
ATOM 1587 C CG  . LEU B 1 130 ? -13.740 -7.733  9.701   1.000 96.675  ? 109 LEU A CG  1 ? 
ATOM 1588 C CD1 . LEU B 1 130 ? -13.620 -6.315  9.168   1.000 87.150  ? 109 LEU A CD1 1 ? 
ATOM 1589 C CD2 . LEU B 1 130 ? -14.157 -8.713  8.626   1.000 90.698  ? 109 LEU A CD2 1 ? 
ATOM 1590 N N   . GLN B 1 131 ? -12.997 -7.880  13.222  1.000 99.607  ? 110 GLN A N   1 ? 
ATOM 1591 C CA  . GLN B 1 131 ? -13.771 -7.486  14.390  1.000 105.239 ? 110 GLN A CA  1 ? 
ATOM 1592 C C   . GLN B 1 131 ? -12.950 -6.606  15.327  1.000 111.577 ? 110 GLN A C   1 ? 
ATOM 1593 O O   . GLN B 1 131 ? -13.493 -5.672  15.926  1.000 114.916 ? 110 GLN A O   1 ? 
ATOM 1594 C CB  . GLN B 1 131 ? -14.269 -8.729  15.121  1.000 111.953 ? 110 GLN A CB  1 ? 
ATOM 1595 C CG  . GLN B 1 131 ? -15.585 -9.279  14.610  1.000 117.583 ? 110 GLN A CG  1 ? 
ATOM 1596 C CD  . GLN B 1 131 ? -15.936 -10.588 15.271  1.000 122.641 ? 110 GLN A CD  1 ? 
ATOM 1597 O OE1 . GLN B 1 131 ? -15.063 -11.428 15.508  1.000 120.096 ? 110 GLN A OE1 1 ? 
ATOM 1598 N NE2 . GLN B 1 131 ? -17.215 -10.769 15.587  1.000 128.837 ? 110 GLN A NE2 1 ? 
ATOM 1599 N N   . ALA B 1 132 ? -11.641 -6.870  15.431  1.000 109.139 ? 111 ALA A N   1 ? 
ATOM 1600 C CA  . ALA B 1 132 ? -10.798 -6.220  16.428  1.000 109.742 ? 111 ALA A CA  1 ? 
ATOM 1601 C C   . ALA B 1 132 ? -10.637 -4.725  16.181  1.000 117.090 ? 111 ALA A C   1 ? 
ATOM 1602 O O   . ALA B 1 132 ? -10.388 -3.966  17.124  1.000 117.075 ? 111 ALA A O   1 ? 
ATOM 1603 C CB  . ALA B 1 132 ? -9.426  -6.883  16.439  1.000 105.144 ? 111 ALA A CB  1 ? 
ATOM 1604 N N   . ALA B 1 133 ? -10.783 -4.281  14.941  1.000 118.040 ? 112 ALA A N   1 ? 
ATOM 1605 C CA  . ALA B 1 133 ? -10.296 -2.973  14.529  1.000 115.501 ? 112 ALA A CA  1 ? 
ATOM 1606 C C   . ALA B 1 133 ? -11.326 -1.866  14.748  1.000 114.577 ? 112 ALA A C   1 ? 
ATOM 1607 O O   . ALA B 1 133 ? -12.511 -2.105  14.998  1.000 109.468 ? 112 ALA A O   1 ? 
ATOM 1608 C CB  . ALA B 1 133 ? -9.884  -3.004  13.057  1.000 112.727 ? 112 ALA A CB  1 ? 
ATOM 1609 N N   . GLY B 1 134 ? -10.842 -0.628  14.631  1.000 116.067 ? 113 GLY A N   1 ? 
ATOM 1610 C CA  . GLY B 1 134 ? -11.659 0.568   14.717  1.000 124.715 ? 113 GLY A CA  1 ? 
ATOM 1611 C C   . GLY B 1 134 ? -10.902 1.771   15.249  1.000 135.285 ? 113 GLY A C   1 ? 
ATOM 1612 O O   . GLY B 1 134 ? -10.177 1.660   16.245  1.000 152.410 ? 113 GLY A O   1 ? 
ATOM 1613 N N   . ASN B 1 135 ? -11.041 2.921   14.592  1.000 125.307 ? 114 ASN A N   1 ? 
ATOM 1614 C CA  . ASN B 1 135 ? -10.506 4.176   15.132  1.000 131.029 ? 114 ASN A CA  1 ? 
ATOM 1615 C C   . ASN B 1 135 ? -11.309 5.365   14.604  1.000 132.484 ? 114 ASN A C   1 ? 
ATOM 1616 O O   . ASN B 1 135 ? -12.072 5.233   13.653  1.000 137.819 ? 114 ASN A O   1 ? 
ATOM 1617 C CB  . ASN B 1 135 ? -9.009  4.367   14.795  1.000 129.044 ? 114 ASN A CB  1 ? 
ATOM 1618 C CG  . ASN B 1 135 ? -8.073  3.614   15.741  1.000 128.710 ? 114 ASN A CG  1 ? 
ATOM 1619 O OD1 . ASN B 1 135 ? -6.871  3.562   15.498  1.000 121.459 ? 114 ASN A OD1 1 ? 
ATOM 1620 N ND2 . ASN B 1 135 ? -8.620  3.008   16.798  1.000 138.227 ? 114 ASN A ND2 1 ? 
# 
